data_9KCV
#
_entry.id   9KCV
#
_cell.length_a   1.00
_cell.length_b   1.00
_cell.length_c   1.00
_cell.angle_alpha   90.00
_cell.angle_beta   90.00
_cell.angle_gamma   90.00
#
_symmetry.space_group_name_H-M   'P 1'
#
_entity_poly.entity_id   1
_entity_poly.type   'polypeptide(L)'
_entity_poly.pdbx_seq_one_letter_code
;MDYKDDDDKGSMVTPKFMSDLFEGDHLELAKLTSPNGDNGIKFNEKHVAPRVLSRVFSEDYKRVKRRRRIFDPRGQTIHQ
WNKIFLVACLISLFVDPLFFYLPIVQDEVCIDIGIAVEVFLIIIRSIADVFYVIHIFMRFHTAYVAPSSRVFGRGELVID
SSKIASRYLHKGFFLDFIAALPLPQVLIWIVIPNLGGSTIANTKNVLRFIIIIQYLPRLFLIFPLSSQIVKATGVVTETA
WAGAAYNLILYMLASHVLGACWYLLSIERQEACWKSVCKLEESSCQFDFFDCNMVKDSLRVSWFVTSNVTNLCSPNSLFY
QFGIYGDAVTSKVTTSAFFNKYFFCLWWGLRNLSSLGQGLLTSTFVGEIMFAIVIATLGLVLFALLIGNMQTYLQSTTVR
LEEWRVKRTDTEQWMHHRQLPQELRQSVRKYDQYKWIATRGVDEESLLRGLPLDLRRDIKRHLCLELVRRVPLFDAMDER
MLDAICERLKPALCTENTYLVREGDPVNEMLFIIRGNLDSYTTDGGRTGFFNSCRIGPGDFCGEELLTWALDPRPTMVIP
SSTRTVKAISEVEAFALIAEDLKFVASQFRRLHSKQLRNKLRFHSHQWRTWAACFIQVAWRRTIQEKKGSCGGSGGSGGS
GGSGGSGGSMADQLTDEQISEFKEAFSLFDKDGDGCITTKELGTVMRSLGQNPTEAELQDMINEVDADGNGTIDFPEFLN
LMARKMKDTDSEEELKEAFRVFDKDQNGEISAAELRHVMTNLGEKLTDEEVDEMIREADVDGDGQINYEEFVKVMMAK
;
_entity_poly.pdbx_strand_id   A,B,C,D
#
# COMPACT_ATOMS: atom_id res chain seq x y z
N ARG A 69 45.07 -17.45 -13.39
CA ARG A 69 44.52 -17.45 -12.04
C ARG A 69 43.37 -16.46 -11.91
N ILE A 70 43.16 -15.66 -12.96
CA ILE A 70 42.08 -14.68 -12.96
C ILE A 70 40.75 -15.41 -13.06
N PHE A 71 39.82 -15.07 -12.17
CA PHE A 71 38.52 -15.72 -12.11
C PHE A 71 37.50 -14.97 -12.95
N ASP A 72 36.65 -15.73 -13.65
CA ASP A 72 35.59 -15.12 -14.44
C ASP A 72 34.58 -14.44 -13.54
N PRO A 73 34.03 -13.30 -13.96
CA PRO A 73 33.02 -12.61 -13.12
C PRO A 73 31.82 -13.47 -12.76
N ARG A 74 31.36 -14.30 -13.69
CA ARG A 74 30.19 -15.14 -13.46
C ARG A 74 30.54 -16.57 -13.07
N GLY A 75 31.81 -16.84 -12.78
CA GLY A 75 32.18 -18.17 -12.33
C GLY A 75 31.57 -18.51 -10.98
N GLN A 76 31.37 -19.81 -10.75
CA GLN A 76 30.77 -20.26 -9.50
C GLN A 76 31.66 -19.96 -8.30
N THR A 77 32.98 -19.96 -8.51
CA THR A 77 33.90 -19.63 -7.43
C THR A 77 33.67 -18.21 -6.92
N ILE A 78 33.51 -17.26 -7.83
CA ILE A 78 33.23 -15.87 -7.43
C ILE A 78 31.88 -15.79 -6.74
N HIS A 79 30.90 -16.55 -7.20
CA HIS A 79 29.58 -16.54 -6.56
C HIS A 79 29.65 -17.02 -5.12
N GLN A 80 30.29 -18.17 -4.89
CA GLN A 80 30.38 -18.69 -3.52
C GLN A 80 31.26 -17.79 -2.66
N TRP A 81 32.31 -17.20 -3.24
CA TRP A 81 33.15 -16.29 -2.47
C TRP A 81 32.36 -15.06 -2.05
N ASN A 82 31.55 -14.50 -2.94
CA ASN A 82 30.74 -13.35 -2.59
C ASN A 82 29.69 -13.71 -1.54
N LYS A 83 29.14 -14.91 -1.61
CA LYS A 83 28.19 -15.35 -0.59
C LYS A 83 28.84 -15.42 0.78
N ILE A 84 29.98 -16.12 0.87
CA ILE A 84 30.63 -16.27 2.17
C ILE A 84 31.18 -14.94 2.66
N PHE A 85 31.56 -14.05 1.75
CA PHE A 85 32.02 -12.72 2.14
C PHE A 85 30.86 -11.83 2.60
N LEU A 86 29.67 -12.00 2.04
CA LEU A 86 28.49 -11.34 2.60
C LEU A 86 28.23 -11.83 4.00
N VAL A 87 28.36 -13.14 4.23
CA VAL A 87 28.21 -13.67 5.59
C VAL A 87 29.25 -13.06 6.52
N ALA A 88 30.50 -12.98 6.07
CA ALA A 88 31.56 -12.40 6.88
C ALA A 88 31.31 -10.93 7.17
N CYS A 89 30.79 -10.19 6.20
CA CYS A 89 30.49 -8.77 6.43
C CYS A 89 29.33 -8.60 7.41
N LEU A 90 28.33 -9.47 7.35
CA LEU A 90 27.27 -9.43 8.36
C LEU A 90 27.84 -9.71 9.75
N ILE A 91 28.75 -10.67 9.85
CA ILE A 91 29.41 -10.93 11.13
C ILE A 91 30.17 -9.70 11.59
N SER A 92 30.88 -9.04 10.67
CA SER A 92 31.64 -7.85 11.03
C SER A 92 30.73 -6.73 11.52
N LEU A 93 29.61 -6.52 10.83
CA LEU A 93 28.68 -5.47 11.23
C LEU A 93 28.00 -5.80 12.55
N PHE A 94 27.84 -7.07 12.87
CA PHE A 94 27.30 -7.45 14.16
C PHE A 94 28.32 -7.34 15.28
N VAL A 95 29.62 -7.50 14.98
CA VAL A 95 30.65 -7.58 16.01
C VAL A 95 31.27 -6.22 16.31
N ASP A 96 31.38 -5.36 15.29
CA ASP A 96 32.04 -4.07 15.50
C ASP A 96 31.38 -3.22 16.58
N PRO A 97 30.05 -3.06 16.62
CA PRO A 97 29.46 -2.28 17.72
C PRO A 97 29.67 -2.89 19.09
N LEU A 98 29.95 -4.20 19.18
CA LEU A 98 30.18 -4.82 20.48
C LEU A 98 31.38 -4.23 21.19
N PHE A 99 32.29 -3.56 20.46
CA PHE A 99 33.42 -2.91 21.10
C PHE A 99 33.00 -1.76 21.99
N PHE A 100 31.78 -1.24 21.82
CA PHE A 100 31.30 -0.16 22.67
C PHE A 100 30.95 -0.64 24.07
N TYR A 101 30.73 -1.93 24.26
CA TYR A 101 30.39 -2.50 25.56
C TYR A 101 31.61 -2.86 26.39
N LEU A 102 32.81 -2.56 25.89
CA LEU A 102 34.02 -2.88 26.65
C LEU A 102 34.09 -2.17 28.01
N PRO A 103 33.81 -0.86 28.13
CA PRO A 103 33.87 -0.23 29.45
C PRO A 103 32.86 -0.82 30.41
N ILE A 104 33.27 -0.98 31.67
CA ILE A 104 32.44 -1.50 32.73
C ILE A 104 32.60 -0.58 33.95
N VAL A 105 31.48 -0.17 34.54
CA VAL A 105 31.49 0.67 35.73
C VAL A 105 31.21 -0.23 36.93
N GLN A 106 32.17 -0.31 37.84
CA GLN A 106 32.03 -1.14 39.03
C GLN A 106 31.40 -0.33 40.17
N ASP A 107 31.20 -0.99 41.30
CA ASP A 107 30.52 -0.36 42.43
C ASP A 107 31.38 0.69 43.11
N GLU A 108 32.70 0.65 42.94
CA GLU A 108 33.61 1.61 43.57
C GLU A 108 33.70 2.91 42.80
N VAL A 109 32.74 3.19 41.91
CA VAL A 109 32.75 4.36 41.05
C VAL A 109 34.06 4.39 40.28
N CYS A 110 34.21 3.45 39.35
CA CYS A 110 35.41 3.35 38.53
C CYS A 110 35.02 2.78 37.17
N ILE A 111 35.83 3.09 36.16
CA ILE A 111 35.61 2.61 34.81
C ILE A 111 36.72 1.64 34.45
N ASP A 112 36.37 0.37 34.31
CA ASP A 112 37.32 -0.66 33.93
C ASP A 112 36.82 -1.35 32.66
N ILE A 113 37.76 -1.94 31.92
CA ILE A 113 37.46 -2.59 30.66
C ILE A 113 37.76 -4.08 30.80
N GLY A 114 36.77 -4.92 30.49
CA GLY A 114 36.94 -6.36 30.57
C GLY A 114 38.01 -6.87 29.62
N ILE A 115 39.02 -7.53 30.17
CA ILE A 115 40.12 -8.01 29.34
C ILE A 115 39.67 -9.18 28.47
N ALA A 116 38.89 -10.10 29.03
CA ALA A 116 38.49 -11.29 28.28
C ALA A 116 37.59 -10.93 27.09
N VAL A 117 36.60 -10.08 27.33
CA VAL A 117 35.69 -9.69 26.25
C VAL A 117 36.45 -8.88 25.20
N GLU A 118 37.39 -8.04 25.63
CA GLU A 118 38.21 -7.29 24.69
C GLU A 118 39.02 -8.24 23.81
N VAL A 119 39.64 -9.25 24.41
CA VAL A 119 40.44 -10.19 23.64
C VAL A 119 39.57 -10.96 22.65
N PHE A 120 38.39 -11.40 23.10
CA PHE A 120 37.50 -12.14 22.22
C PHE A 120 37.05 -11.29 21.03
N LEU A 121 36.66 -10.04 21.30
CA LEU A 121 36.23 -9.15 20.23
C LEU A 121 37.37 -8.81 19.29
N ILE A 122 38.58 -8.63 19.84
CA ILE A 122 39.75 -8.36 18.99
C ILE A 122 40.02 -9.53 18.07
N ILE A 123 39.93 -10.76 18.59
CA ILE A 123 40.16 -11.94 17.76
C ILE A 123 39.10 -12.03 16.66
N ILE A 124 37.83 -11.81 17.02
CA ILE A 124 36.76 -11.93 16.02
C ILE A 124 36.93 -10.86 14.94
N ARG A 125 37.25 -9.62 15.34
CA ARG A 125 37.44 -8.58 14.35
C ARG A 125 38.69 -8.82 13.51
N SER A 126 39.72 -9.44 14.09
CA SER A 126 40.88 -9.80 13.29
C SER A 126 40.52 -10.83 12.23
N ILE A 127 39.69 -11.81 12.58
CA ILE A 127 39.22 -12.77 11.59
C ILE A 127 38.43 -12.06 10.49
N ALA A 128 37.52 -11.15 10.89
CA ALA A 128 36.74 -10.42 9.91
C ALA A 128 37.63 -9.59 8.99
N ASP A 129 38.66 -8.96 9.56
CA ASP A 129 39.53 -8.10 8.77
C ASP A 129 40.43 -8.89 7.85
N VAL A 130 40.90 -10.07 8.28
CA VAL A 130 41.67 -10.89 7.35
C VAL A 130 40.78 -11.42 6.24
N PHE A 131 39.49 -11.67 6.53
CA PHE A 131 38.56 -12.00 5.46
C PHE A 131 38.41 -10.84 4.49
N TYR A 132 38.35 -9.61 5.01
CA TYR A 132 38.30 -8.44 4.14
C TYR A 132 39.56 -8.33 3.28
N VAL A 133 40.72 -8.62 3.86
CA VAL A 133 41.97 -8.57 3.10
C VAL A 133 41.96 -9.62 2.00
N ILE A 134 41.45 -10.83 2.30
CA ILE A 134 41.33 -11.85 1.27
C ILE A 134 40.37 -11.42 0.18
N HIS A 135 39.30 -10.70 0.55
CA HIS A 135 38.39 -10.15 -0.45
C HIS A 135 39.10 -9.14 -1.34
N ILE A 136 39.93 -8.29 -0.75
CA ILE A 136 40.72 -7.34 -1.54
C ILE A 136 41.62 -8.09 -2.50
N PHE A 137 42.28 -9.16 -2.02
CA PHE A 137 43.16 -9.95 -2.86
C PHE A 137 42.39 -10.59 -4.03
N MET A 138 41.20 -11.12 -3.75
CA MET A 138 40.42 -11.77 -4.80
C MET A 138 39.92 -10.76 -5.82
N ARG A 139 39.39 -9.62 -5.35
CA ARG A 139 38.92 -8.57 -6.25
C ARG A 139 40.06 -7.94 -7.04
N PHE A 140 41.29 -8.01 -6.53
CA PHE A 140 42.42 -7.50 -7.28
C PHE A 140 42.89 -8.49 -8.35
N HIS A 141 42.35 -9.71 -8.36
CA HIS A 141 42.62 -10.72 -9.38
C HIS A 141 41.32 -11.21 -10.01
N THR A 142 40.45 -10.28 -10.38
CA THR A 142 39.22 -10.61 -11.09
C THR A 142 39.11 -9.78 -12.35
N ALA A 143 38.39 -10.30 -13.32
CA ALA A 143 38.19 -9.62 -14.59
C ALA A 143 36.87 -8.84 -14.57
N TYR A 144 36.81 -7.79 -15.37
CA TYR A 144 35.60 -7.00 -15.55
C TYR A 144 35.19 -7.01 -17.01
N VAL A 145 33.89 -7.04 -17.26
CA VAL A 145 33.37 -7.05 -18.62
C VAL A 145 33.58 -5.65 -19.21
N ALA A 146 34.40 -5.58 -20.27
CA ALA A 146 34.66 -4.30 -20.90
C ALA A 146 33.40 -3.78 -21.59
N PRO A 147 33.17 -2.45 -21.56
CA PRO A 147 31.98 -1.87 -22.21
C PRO A 147 32.10 -1.79 -23.73
N SER A 148 32.48 -2.90 -24.36
CA SER A 148 32.57 -2.97 -25.80
C SER A 148 31.22 -3.36 -26.38
N SER A 149 30.64 -2.49 -27.19
CA SER A 149 29.33 -2.74 -27.76
C SER A 149 29.35 -3.98 -28.66
N ARG A 150 30.19 -3.95 -29.69
CA ARG A 150 30.31 -5.03 -30.67
C ARG A 150 28.97 -5.39 -31.28
N VAL A 151 28.89 -6.55 -31.92
CA VAL A 151 27.64 -7.00 -32.52
C VAL A 151 27.26 -8.39 -31.98
N PHE A 152 28.23 -9.30 -31.91
CA PHE A 152 27.98 -10.65 -31.44
C PHE A 152 28.99 -11.02 -30.37
N GLY A 153 28.56 -11.88 -29.45
CA GLY A 153 29.42 -12.39 -28.40
C GLY A 153 29.35 -11.55 -27.14
N ARG A 154 29.83 -12.16 -26.04
CA ARG A 154 29.87 -11.48 -24.76
C ARG A 154 31.20 -11.63 -24.03
N GLY A 155 32.23 -12.17 -24.68
CA GLY A 155 33.51 -12.39 -24.03
C GLY A 155 34.41 -11.17 -24.03
N GLU A 156 33.94 -10.05 -23.48
CA GLU A 156 34.74 -8.84 -23.35
C GLU A 156 35.54 -8.81 -22.05
N LEU A 157 35.75 -9.95 -21.42
CA LEU A 157 36.53 -10.00 -20.19
C LEU A 157 37.99 -9.65 -20.48
N VAL A 158 38.62 -8.95 -19.55
CA VAL A 158 40.01 -8.52 -19.68
C VAL A 158 40.87 -9.42 -18.81
N ILE A 159 41.83 -10.11 -19.43
CA ILE A 159 42.74 -10.98 -18.69
C ILE A 159 44.03 -10.28 -18.29
N ASP A 160 44.28 -9.07 -18.80
CA ASP A 160 45.49 -8.35 -18.45
C ASP A 160 45.42 -7.87 -17.01
N SER A 161 46.48 -8.14 -16.25
CA SER A 161 46.51 -7.74 -14.85
C SER A 161 46.56 -6.22 -14.69
N SER A 162 47.33 -5.54 -15.55
CA SER A 162 47.47 -4.09 -15.42
C SER A 162 46.14 -3.38 -15.65
N LYS A 163 45.39 -3.82 -16.66
CA LYS A 163 44.12 -3.15 -16.98
C LYS A 163 43.11 -3.30 -15.85
N ILE A 164 42.95 -4.52 -15.33
CA ILE A 164 42.00 -4.74 -14.25
C ILE A 164 42.46 -4.02 -12.98
N ALA A 165 43.77 -3.99 -12.74
CA ALA A 165 44.29 -3.26 -11.59
C ALA A 165 43.99 -1.77 -11.70
N SER A 166 44.21 -1.18 -12.88
CA SER A 166 43.91 0.23 -13.06
C SER A 166 42.42 0.50 -12.89
N ARG A 167 41.58 -0.39 -13.42
CA ARG A 167 40.14 -0.21 -13.29
C ARG A 167 39.72 -0.27 -11.83
N TYR A 168 40.29 -1.19 -11.05
CA TYR A 168 39.90 -1.32 -9.65
C TYR A 168 40.42 -0.15 -8.82
N LEU A 169 41.66 0.30 -9.08
CA LEU A 169 42.20 1.45 -8.35
C LEU A 169 41.48 2.74 -8.70
N HIS A 170 41.00 2.88 -9.94
CA HIS A 170 40.27 4.10 -10.29
C HIS A 170 38.99 4.24 -9.49
N LYS A 171 38.26 3.14 -9.29
CA LYS A 171 37.06 3.16 -8.47
C LYS A 171 36.91 1.81 -7.80
N GLY A 172 36.70 1.82 -6.48
CA GLY A 172 36.44 0.63 -5.70
C GLY A 172 37.48 0.33 -4.63
N PHE A 173 38.76 0.59 -4.92
CA PHE A 173 39.82 0.23 -3.98
C PHE A 173 39.84 1.14 -2.76
N PHE A 174 39.56 2.44 -2.93
CA PHE A 174 39.65 3.37 -1.81
C PHE A 174 38.65 2.99 -0.71
N LEU A 175 37.39 2.83 -1.08
CA LEU A 175 36.36 2.52 -0.09
C LEU A 175 36.51 1.10 0.46
N ASP A 176 36.95 0.16 -0.38
CA ASP A 176 37.14 -1.21 0.09
C ASP A 176 38.38 -1.36 0.97
N PHE A 177 39.32 -0.42 0.90
CA PHE A 177 40.51 -0.47 1.71
C PHE A 177 40.38 0.33 3.00
N ILE A 178 39.68 1.46 2.96
CA ILE A 178 39.46 2.25 4.17
C ILE A 178 38.60 1.48 5.17
N ALA A 179 37.85 0.49 4.71
CA ALA A 179 36.99 -0.31 5.57
C ALA A 179 37.58 -1.69 5.87
N ALA A 180 38.84 -1.93 5.48
CA ALA A 180 39.44 -3.24 5.66
C ALA A 180 40.66 -3.25 6.57
N LEU A 181 41.37 -2.13 6.69
CA LEU A 181 42.55 -2.11 7.54
C LEU A 181 42.15 -2.29 9.00
N PRO A 182 42.89 -3.08 9.77
CA PRO A 182 42.51 -3.33 11.18
C PRO A 182 43.06 -2.26 12.13
N LEU A 183 42.70 -1.00 11.85
CA LEU A 183 43.10 0.10 12.71
C LEU A 183 42.49 -0.03 14.10
N PRO A 184 41.18 -0.34 14.24
CA PRO A 184 40.65 -0.61 15.58
C PRO A 184 41.35 -1.74 16.29
N GLN A 185 41.82 -2.76 15.55
CA GLN A 185 42.50 -3.87 16.17
C GLN A 185 43.84 -3.45 16.76
N VAL A 186 44.53 -2.51 16.11
CA VAL A 186 45.85 -2.11 16.56
C VAL A 186 45.77 -1.00 17.61
N LEU A 187 44.87 -0.02 17.47
CA LEU A 187 44.87 1.11 18.38
C LEU A 187 44.28 0.79 19.75
N ILE A 188 44.04 -0.48 20.04
CA ILE A 188 43.54 -0.90 21.35
C ILE A 188 44.56 -1.84 21.98
N TRP A 189 45.34 -2.51 21.13
CA TRP A 189 46.23 -3.58 21.60
C TRP A 189 47.71 -3.26 21.49
N ILE A 190 48.12 -2.33 20.63
CA ILE A 190 49.53 -2.03 20.46
C ILE A 190 49.79 -0.54 20.69
N VAL A 191 48.78 0.28 20.45
CA VAL A 191 48.95 1.73 20.52
C VAL A 191 48.71 2.26 21.93
N ILE A 192 47.72 1.70 22.64
CA ILE A 192 47.42 2.20 23.99
C ILE A 192 48.61 2.09 24.92
N PRO A 193 49.33 0.96 25.00
CA PRO A 193 50.58 0.97 25.78
C PRO A 193 51.60 1.97 25.26
N ASN A 194 51.67 2.17 23.95
CA ASN A 194 52.57 3.15 23.34
C ASN A 194 52.03 4.57 23.41
N LEU A 195 50.74 4.74 23.70
CA LEU A 195 50.14 6.07 23.76
C LEU A 195 50.77 6.89 24.88
N GLY A 196 50.71 8.21 24.73
CA GLY A 196 51.33 9.11 25.67
C GLY A 196 50.61 9.16 27.01
N GLY A 197 50.64 8.06 27.73
CA GLY A 197 50.01 7.98 29.04
C GLY A 197 50.12 6.57 29.58
N SER A 198 49.94 6.48 30.90
CA SER A 198 50.02 5.21 31.60
C SER A 198 48.66 4.66 32.00
N THR A 199 47.56 5.27 31.55
CA THR A 199 46.22 4.84 31.90
C THR A 199 45.55 4.25 30.67
N ILE A 200 45.37 2.93 30.66
CA ILE A 200 44.70 2.27 29.54
C ILE A 200 43.21 2.59 29.55
N ALA A 201 42.58 2.56 30.72
CA ALA A 201 41.12 2.61 30.79
C ALA A 201 40.57 3.96 30.33
N ASN A 202 41.17 5.05 30.80
CA ASN A 202 40.59 6.37 30.53
C ASN A 202 40.60 6.72 29.05
N THR A 203 41.72 6.43 28.37
CA THR A 203 41.82 6.78 26.95
C THR A 203 41.32 5.65 26.06
N LYS A 204 40.12 5.15 26.38
CA LYS A 204 39.42 4.18 25.53
C LYS A 204 37.91 4.40 25.55
N ASN A 205 37.45 5.57 25.98
CA ASN A 205 36.03 5.82 26.18
C ASN A 205 35.47 6.83 25.18
N VAL A 206 36.16 7.95 24.98
CA VAL A 206 35.67 9.01 24.10
C VAL A 206 36.32 8.86 22.72
N LEU A 207 37.51 8.28 22.69
CA LEU A 207 38.26 8.13 21.45
C LEU A 207 37.90 6.87 20.66
N ARG A 208 36.75 6.27 20.94
CA ARG A 208 36.28 5.16 20.11
C ARG A 208 35.54 5.71 18.90
N PHE A 209 36.17 6.64 18.18
CA PHE A 209 35.64 7.16 16.92
C PHE A 209 36.06 6.33 15.74
N ILE A 210 37.10 5.49 15.89
CA ILE A 210 37.57 4.68 14.77
C ILE A 210 36.51 3.67 14.36
N ILE A 211 35.80 3.09 15.34
CA ILE A 211 34.75 2.14 15.04
C ILE A 211 33.66 2.79 14.19
N ILE A 212 33.22 3.99 14.60
CA ILE A 212 32.12 4.63 13.91
C ILE A 212 32.56 5.28 12.59
N ILE A 213 33.85 5.51 12.40
CA ILE A 213 34.31 6.06 11.12
C ILE A 213 34.63 4.94 10.13
N GLN A 214 34.94 3.74 10.60
CA GLN A 214 35.11 2.61 9.68
C GLN A 214 33.82 1.83 9.47
N TYR A 215 32.82 2.04 10.32
CA TYR A 215 31.55 1.34 10.15
C TYR A 215 30.79 1.86 8.92
N LEU A 216 30.83 3.18 8.70
CA LEU A 216 30.06 3.76 7.60
C LEU A 216 30.46 3.20 6.24
N PRO A 217 31.75 3.09 5.88
CA PRO A 217 32.07 2.45 4.59
C PRO A 217 31.58 1.01 4.49
N ARG A 218 31.66 0.24 5.59
CA ARG A 218 31.20 -1.13 5.55
C ARG A 218 29.69 -1.21 5.37
N LEU A 219 28.95 -0.40 6.14
CA LEU A 219 27.50 -0.37 6.01
C LEU A 219 27.06 0.18 4.67
N PHE A 220 27.91 0.99 4.01
CA PHE A 220 27.58 1.46 2.67
C PHE A 220 27.83 0.37 1.62
N LEU A 221 28.96 -0.33 1.72
CA LEU A 221 29.27 -1.35 0.73
C LEU A 221 28.48 -2.63 0.91
N ILE A 222 27.85 -2.83 2.08
CA ILE A 222 27.05 -4.04 2.27
C ILE A 222 25.84 -4.08 1.35
N PHE A 223 25.35 -2.92 0.89
CA PHE A 223 24.15 -2.89 0.08
C PHE A 223 24.41 -3.34 -1.37
N PRO A 224 25.39 -2.78 -2.08
CA PRO A 224 25.64 -3.26 -3.44
C PRO A 224 26.01 -4.74 -3.49
N LEU A 225 26.76 -5.24 -2.50
CA LEU A 225 27.10 -6.65 -2.47
C LEU A 225 25.85 -7.51 -2.38
N SER A 226 24.93 -7.15 -1.48
CA SER A 226 23.66 -7.86 -1.40
C SER A 226 22.88 -7.75 -2.71
N SER A 227 23.02 -6.61 -3.39
CA SER A 227 22.36 -6.45 -4.68
C SER A 227 22.88 -7.46 -5.69
N GLN A 228 24.20 -7.61 -5.78
CA GLN A 228 24.73 -8.63 -6.70
C GLN A 228 24.35 -10.04 -6.25
N ILE A 229 24.34 -10.30 -4.95
CA ILE A 229 23.97 -11.64 -4.47
C ILE A 229 22.53 -11.97 -4.87
N VAL A 230 21.60 -11.04 -4.68
CA VAL A 230 20.21 -11.32 -5.02
C VAL A 230 20.00 -11.28 -6.53
N LYS A 231 20.85 -10.58 -7.29
CA LYS A 231 20.71 -10.56 -8.73
C LYS A 231 21.23 -11.85 -9.37
N ALA A 232 22.29 -12.44 -8.82
CA ALA A 232 22.94 -13.61 -9.40
C ALA A 232 22.43 -14.92 -8.80
N THR A 233 21.17 -14.95 -8.35
CA THR A 233 20.61 -16.18 -7.80
C THR A 233 19.19 -16.45 -8.29
N GLY A 234 18.76 -15.79 -9.37
CA GLY A 234 17.38 -15.96 -9.81
C GLY A 234 16.43 -15.23 -8.89
N VAL A 235 15.30 -15.88 -8.59
CA VAL A 235 14.34 -15.28 -7.67
C VAL A 235 14.86 -15.39 -6.24
N VAL A 236 14.62 -14.32 -5.46
CA VAL A 236 15.15 -14.26 -4.11
C VAL A 236 14.46 -15.27 -3.19
N THR A 237 13.16 -15.47 -3.37
CA THR A 237 12.38 -16.31 -2.48
C THR A 237 11.17 -16.84 -3.24
N GLU A 238 10.23 -17.45 -2.52
CA GLU A 238 9.03 -17.97 -3.18
C GLU A 238 8.04 -16.85 -3.50
N THR A 239 7.49 -16.19 -2.48
CA THR A 239 6.64 -15.03 -2.71
C THR A 239 7.30 -13.74 -2.22
N ALA A 240 7.53 -13.59 -0.91
CA ALA A 240 8.27 -12.42 -0.44
C ALA A 240 9.07 -12.67 0.84
N TRP A 241 9.41 -13.92 1.16
CA TRP A 241 10.06 -14.19 2.44
C TRP A 241 11.40 -13.49 2.55
N ALA A 242 12.20 -13.52 1.48
CA ALA A 242 13.47 -12.81 1.49
C ALA A 242 13.26 -11.30 1.58
N GLY A 243 12.29 -10.78 0.82
CA GLY A 243 12.01 -9.36 0.83
C GLY A 243 11.50 -8.84 2.16
N ALA A 244 10.92 -9.72 2.98
CA ALA A 244 10.48 -9.32 4.31
C ALA A 244 11.54 -9.55 5.37
N ALA A 245 12.34 -10.60 5.24
CA ALA A 245 13.39 -10.88 6.20
C ALA A 245 14.60 -9.98 6.05
N TYR A 246 14.89 -9.49 4.85
CA TYR A 246 16.01 -8.58 4.67
C TYR A 246 15.83 -7.30 5.48
N ASN A 247 14.62 -6.74 5.46
CA ASN A 247 14.38 -5.51 6.19
C ASN A 247 14.41 -5.75 7.70
N LEU A 248 13.92 -6.90 8.16
CA LEU A 248 14.02 -7.21 9.58
C LEU A 248 15.47 -7.42 10.00
N ILE A 249 16.31 -7.98 9.12
CA ILE A 249 17.72 -8.15 9.45
C ILE A 249 18.40 -6.79 9.56
N LEU A 250 18.16 -5.92 8.57
CA LEU A 250 18.70 -4.56 8.65
C LEU A 250 18.17 -3.84 9.89
N TYR A 251 16.93 -4.14 10.28
CA TYR A 251 16.30 -3.47 11.39
C TYR A 251 16.92 -3.90 12.72
N MET A 252 17.17 -5.21 12.87
CA MET A 252 17.90 -5.70 14.04
C MET A 252 19.31 -5.15 14.07
N LEU A 253 19.97 -5.04 12.91
CA LEU A 253 21.31 -4.47 12.88
C LEU A 253 21.30 -3.01 13.34
N ALA A 254 20.32 -2.23 12.87
CA ALA A 254 20.21 -0.85 13.32
C ALA A 254 19.93 -0.77 14.81
N SER A 255 19.08 -1.67 15.33
CA SER A 255 18.83 -1.70 16.76
C SER A 255 20.10 -2.00 17.55
N HIS A 256 20.90 -2.95 17.06
CA HIS A 256 22.15 -3.29 17.74
C HIS A 256 23.10 -2.10 17.75
N VAL A 257 23.24 -1.43 16.59
CA VAL A 257 24.14 -0.29 16.51
C VAL A 257 23.68 0.83 17.44
N LEU A 258 22.37 1.11 17.45
CA LEU A 258 21.85 2.15 18.33
C LEU A 258 22.00 1.80 19.79
N GLY A 259 21.83 0.52 20.15
CA GLY A 259 22.05 0.13 21.53
C GLY A 259 23.49 0.29 21.96
N ALA A 260 24.44 -0.10 21.11
CA ALA A 260 25.84 0.10 21.44
C ALA A 260 26.17 1.58 21.58
N CYS A 261 25.66 2.41 20.67
CA CYS A 261 25.90 3.85 20.77
C CYS A 261 25.28 4.42 22.04
N TRP A 262 24.09 3.94 22.40
CA TRP A 262 23.43 4.41 23.62
C TRP A 262 24.24 4.05 24.86
N TYR A 263 24.77 2.83 24.90
CA TYR A 263 25.58 2.45 26.05
C TYR A 263 26.84 3.30 26.14
N LEU A 264 27.51 3.50 25.01
CA LEU A 264 28.74 4.31 25.03
C LEU A 264 28.44 5.74 25.45
N LEU A 265 27.34 6.32 24.94
CA LEU A 265 26.99 7.68 25.31
C LEU A 265 26.57 7.79 26.76
N SER A 266 25.89 6.76 27.30
CA SER A 266 25.56 6.78 28.72
C SER A 266 26.81 6.73 29.58
N ILE A 267 27.80 5.92 29.18
CA ILE A 267 29.07 5.91 29.90
C ILE A 267 29.74 7.27 29.82
N GLU A 268 29.69 7.90 28.64
CA GLU A 268 30.28 9.22 28.47
C GLU A 268 29.62 10.25 29.38
N ARG A 269 28.28 10.24 29.45
CA ARG A 269 27.60 11.21 30.29
C ARG A 269 27.81 10.94 31.77
N GLN A 270 27.90 9.67 32.16
CA GLN A 270 28.20 9.36 33.55
C GLN A 270 29.61 9.83 33.92
N GLU A 271 30.55 9.66 33.00
CA GLU A 271 31.90 10.19 33.23
C GLU A 271 31.87 11.71 33.31
N ALA A 272 31.04 12.36 32.50
CA ALA A 272 30.91 13.81 32.59
C ALA A 272 30.34 14.23 33.94
N CYS A 273 29.37 13.47 34.45
CA CYS A 273 28.84 13.75 35.79
C CYS A 273 29.91 13.59 36.85
N TRP A 274 30.73 12.55 36.73
CA TRP A 274 31.82 12.35 37.69
C TRP A 274 32.82 13.50 37.62
N LYS A 275 33.12 13.96 36.40
CA LYS A 275 34.01 15.11 36.24
C LYS A 275 33.42 16.36 36.89
N SER A 276 32.10 16.55 36.72
CA SER A 276 31.45 17.70 37.35
C SER A 276 31.51 17.62 38.87
N VAL A 277 31.31 16.43 39.42
CA VAL A 277 31.40 16.26 40.87
C VAL A 277 32.81 16.53 41.35
N CYS A 278 33.82 16.05 40.62
CA CYS A 278 35.21 16.34 40.97
C CYS A 278 35.48 17.83 40.92
N LYS A 279 34.92 18.52 39.93
CA LYS A 279 35.04 19.97 39.87
C LYS A 279 34.39 20.65 41.08
N LEU A 280 33.26 20.12 41.53
CA LEU A 280 32.62 20.66 42.73
C LEU A 280 33.46 20.43 43.97
N GLU A 281 34.21 19.33 44.02
CA GLU A 281 35.03 19.00 45.18
C GLU A 281 36.50 18.98 44.80
N GLU A 282 36.96 19.99 44.07
CA GLU A 282 38.32 20.01 43.56
C GLU A 282 39.36 20.08 44.67
N SER A 283 38.96 20.40 45.89
CA SER A 283 39.92 20.50 46.99
C SER A 283 40.63 19.18 47.24
N SER A 284 39.90 18.07 47.21
CA SER A 284 40.48 16.76 47.48
C SER A 284 40.19 15.77 46.36
N CYS A 285 39.97 16.27 45.14
CA CYS A 285 39.70 15.42 44.00
C CYS A 285 40.49 15.92 42.80
N GLN A 286 40.91 14.98 41.95
CA GLN A 286 41.49 15.31 40.66
C GLN A 286 40.91 14.36 39.62
N PHE A 287 40.98 14.79 38.36
CA PHE A 287 40.20 14.16 37.29
C PHE A 287 40.50 12.68 37.12
N ASP A 288 41.71 12.23 37.45
CA ASP A 288 42.12 10.86 37.18
C ASP A 288 41.78 9.89 38.29
N PHE A 289 41.12 10.35 39.37
CA PHE A 289 40.71 9.44 40.42
C PHE A 289 39.63 8.45 39.99
N PHE A 290 38.91 8.76 38.91
CA PHE A 290 37.86 7.87 38.43
C PHE A 290 38.39 6.74 37.56
N ASP A 291 39.65 6.80 37.12
CA ASP A 291 40.27 5.65 36.51
C ASP A 291 40.28 4.50 37.50
N CYS A 292 39.92 3.31 37.02
CA CYS A 292 39.72 2.19 37.94
C CYS A 292 41.02 1.48 38.29
N ASN A 293 42.12 1.81 37.61
CA ASN A 293 43.43 1.29 38.01
C ASN A 293 43.98 1.99 39.24
N MET A 294 43.39 3.12 39.65
CA MET A 294 43.84 3.86 40.82
C MET A 294 42.83 3.79 41.96
N VAL A 295 41.92 2.81 41.93
CA VAL A 295 40.91 2.71 42.97
C VAL A 295 41.52 2.26 44.29
N LYS A 296 42.66 1.57 44.25
CA LYS A 296 43.30 1.04 45.45
C LYS A 296 44.12 2.08 46.21
N ASP A 297 44.25 3.29 45.66
CA ASP A 297 45.03 4.33 46.32
C ASP A 297 44.35 4.79 47.60
N SER A 298 45.17 5.14 48.60
CA SER A 298 44.64 5.59 49.88
C SER A 298 43.86 6.90 49.71
N LEU A 299 44.39 7.82 48.90
CA LEU A 299 43.67 9.06 48.63
C LEU A 299 42.34 8.77 47.95
N ARG A 300 42.32 7.80 47.04
CA ARG A 300 41.10 7.45 46.34
C ARG A 300 40.02 6.98 47.31
N VAL A 301 40.37 6.06 48.20
CA VAL A 301 39.38 5.52 49.14
C VAL A 301 38.96 6.59 50.13
N SER A 302 39.90 7.46 50.55
CA SER A 302 39.55 8.53 51.46
C SER A 302 38.55 9.49 50.82
N TRP A 303 38.80 9.89 49.57
CA TRP A 303 37.87 10.77 48.87
C TRP A 303 36.53 10.07 48.67
N PHE A 304 36.55 8.78 48.33
CA PHE A 304 35.31 8.05 48.08
C PHE A 304 34.45 7.98 49.33
N VAL A 305 35.05 7.68 50.48
CA VAL A 305 34.27 7.60 51.71
C VAL A 305 33.80 8.99 52.14
N THR A 306 34.64 10.02 51.93
CA THR A 306 34.23 11.37 52.30
C THR A 306 33.20 11.94 51.34
N SER A 307 33.40 11.73 50.03
CA SER A 307 32.51 12.31 49.03
C SER A 307 31.21 11.53 48.95
N ASN A 308 30.24 12.12 48.25
CA ASN A 308 28.92 11.55 48.05
C ASN A 308 28.57 11.47 46.57
N VAL A 309 29.56 11.14 45.74
CA VAL A 309 29.35 11.07 44.30
C VAL A 309 28.41 9.91 43.95
N THR A 310 28.37 8.87 44.78
CA THR A 310 27.53 7.72 44.50
C THR A 310 26.04 8.07 44.53
N ASN A 311 25.68 9.21 45.14
CA ASN A 311 24.30 9.68 45.18
C ASN A 311 24.05 10.84 44.24
N LEU A 312 25.01 11.77 44.12
CA LEU A 312 24.82 12.93 43.27
C LEU A 312 24.68 12.53 41.81
N CYS A 313 25.51 11.60 41.35
CA CYS A 313 25.48 11.14 39.95
C CYS A 313 24.42 10.04 39.79
N SER A 314 23.18 10.39 40.13
CA SER A 314 22.05 9.50 40.00
C SER A 314 20.89 10.28 39.39
N PRO A 315 20.05 9.63 38.58
CA PRO A 315 18.91 10.35 37.98
C PRO A 315 17.91 10.86 39.00
N ASN A 316 17.84 10.25 40.19
CA ASN A 316 16.91 10.72 41.20
C ASN A 316 17.23 12.14 41.65
N SER A 317 18.52 12.45 41.82
CA SER A 317 18.93 13.79 42.18
C SER A 317 18.79 14.72 40.97
N LEU A 318 18.71 16.02 41.25
CA LEU A 318 18.58 17.04 40.23
C LEU A 318 19.89 17.73 39.92
N PHE A 319 21.02 17.15 40.35
CA PHE A 319 22.31 17.79 40.14
C PHE A 319 22.64 17.94 38.67
N TYR A 320 22.57 16.84 37.91
CA TYR A 320 22.98 16.82 36.51
C TYR A 320 21.95 16.05 35.70
N GLN A 321 21.52 16.64 34.59
CA GLN A 321 20.49 16.04 33.75
C GLN A 321 21.08 14.83 33.03
N PHE A 322 20.61 13.63 33.40
CA PHE A 322 21.06 12.43 32.70
C PHE A 322 20.27 12.19 31.41
N GLY A 323 19.15 12.88 31.23
CA GLY A 323 18.41 12.76 29.99
C GLY A 323 17.92 11.34 29.76
N ILE A 324 18.23 10.79 28.60
CA ILE A 324 17.80 9.44 28.25
C ILE A 324 18.72 8.38 28.84
N TYR A 325 19.90 8.76 29.34
CA TYR A 325 20.79 7.81 30.00
C TYR A 325 20.47 7.66 31.48
N GLY A 326 19.49 8.42 31.99
CA GLY A 326 18.97 8.14 33.30
C GLY A 326 18.36 6.76 33.39
N ASP A 327 17.77 6.28 32.31
CA ASP A 327 17.31 4.89 32.25
C ASP A 327 18.46 3.90 32.37
N ALA A 328 19.60 4.21 31.75
CA ALA A 328 20.76 3.33 31.89
C ALA A 328 21.29 3.33 33.31
N VAL A 329 21.42 4.51 33.91
CA VAL A 329 22.00 4.58 35.25
C VAL A 329 21.06 4.00 36.31
N THR A 330 19.76 4.27 36.21
CA THR A 330 18.82 3.73 37.19
C THR A 330 18.76 2.20 37.14
N SER A 331 18.77 1.64 35.94
CA SER A 331 18.69 0.20 35.77
C SER A 331 20.00 -0.51 36.09
N LYS A 332 21.07 0.23 36.37
CA LYS A 332 22.38 -0.35 36.67
C LYS A 332 22.88 -1.23 35.53
N VAL A 333 22.61 -0.80 34.30
CA VAL A 333 23.07 -1.55 33.13
C VAL A 333 24.57 -1.43 32.94
N THR A 334 25.19 -0.37 33.46
CA THR A 334 26.62 -0.17 33.29
C THR A 334 27.44 -0.95 34.30
N THR A 335 26.80 -1.68 35.21
CA THR A 335 27.50 -2.48 36.21
C THR A 335 27.30 -3.98 36.04
N SER A 336 26.35 -4.40 35.21
CA SER A 336 26.01 -5.80 35.08
C SER A 336 27.01 -6.53 34.19
N ALA A 337 26.81 -7.84 34.04
CA ALA A 337 27.68 -8.65 33.19
C ALA A 337 27.48 -8.28 31.72
N PHE A 338 28.34 -8.85 30.87
CA PHE A 338 28.35 -8.46 29.47
C PHE A 338 27.04 -8.85 28.77
N PHE A 339 26.58 -10.07 28.96
CA PHE A 339 25.37 -10.52 28.26
C PHE A 339 24.15 -9.73 28.69
N ASN A 340 23.99 -9.50 29.99
CA ASN A 340 22.80 -8.78 30.47
C ASN A 340 22.76 -7.37 29.90
N LYS A 341 23.88 -6.64 29.97
CA LYS A 341 23.88 -5.27 29.47
C LYS A 341 23.79 -5.23 27.95
N TYR A 342 24.37 -6.19 27.26
CA TYR A 342 24.25 -6.24 25.81
C TYR A 342 22.79 -6.44 25.41
N PHE A 343 22.11 -7.36 26.07
CA PHE A 343 20.70 -7.59 25.74
C PHE A 343 19.84 -6.39 26.11
N PHE A 344 20.15 -5.75 27.25
CA PHE A 344 19.38 -4.56 27.62
C PHE A 344 19.57 -3.44 26.61
N CYS A 345 20.80 -3.23 26.14
CA CYS A 345 21.04 -2.17 25.15
C CYS A 345 20.39 -2.51 23.82
N LEU A 346 20.45 -3.78 23.41
CA LEU A 346 19.79 -4.17 22.16
C LEU A 346 18.28 -3.96 22.26
N TRP A 347 17.68 -4.34 23.39
CA TRP A 347 16.25 -4.12 23.56
C TRP A 347 15.92 -2.63 23.60
N TRP A 348 16.79 -1.82 24.22
CA TRP A 348 16.56 -0.38 24.24
C TRP A 348 16.57 0.18 22.82
N GLY A 349 17.54 -0.23 22.01
CA GLY A 349 17.57 0.21 20.63
C GLY A 349 16.34 -0.21 19.86
N LEU A 350 15.93 -1.48 20.02
CA LEU A 350 14.74 -1.97 19.34
C LEU A 350 13.49 -1.22 19.77
N ARG A 351 13.38 -0.92 21.06
CA ARG A 351 12.18 -0.28 21.58
C ARG A 351 12.10 1.18 21.14
N ASN A 352 13.21 1.91 21.23
CA ASN A 352 13.19 3.31 20.83
C ASN A 352 13.26 3.51 19.32
N LEU A 353 13.60 2.47 18.56
CA LEU A 353 13.50 2.52 17.11
C LEU A 353 12.11 2.12 16.64
N SER A 354 11.44 1.24 17.40
CA SER A 354 10.12 0.77 17.01
C SER A 354 9.03 1.75 17.41
N SER A 355 9.20 2.41 18.55
CA SER A 355 8.23 3.39 19.03
C SER A 355 8.45 4.76 18.44
N LEU A 356 9.17 4.86 17.32
CA LEU A 356 9.36 6.08 16.57
C LEU A 356 10.10 7.16 17.36
N GLY A 357 10.83 6.75 18.39
CA GLY A 357 11.60 7.68 19.19
C GLY A 357 10.88 8.30 20.37
N GLN A 358 9.63 7.92 20.61
CA GLN A 358 8.92 8.45 21.77
C GLN A 358 9.51 7.87 23.05
N GLY A 359 9.44 8.66 24.12
CA GLY A 359 10.02 8.29 25.39
C GLY A 359 11.44 8.76 25.59
N LEU A 360 12.07 9.34 24.56
CA LEU A 360 13.41 9.88 24.68
C LEU A 360 13.30 11.30 25.22
N LEU A 361 13.00 11.39 26.52
CA LEU A 361 12.87 12.68 27.19
C LEU A 361 14.27 13.24 27.42
N THR A 362 14.83 13.81 26.35
CA THR A 362 16.21 14.26 26.36
C THR A 362 16.38 15.50 27.22
N SER A 363 17.64 15.91 27.38
CA SER A 363 17.99 17.11 28.13
C SER A 363 18.43 18.20 27.15
N THR A 364 18.87 19.34 27.68
CA THR A 364 19.24 20.48 26.87
C THR A 364 20.71 20.42 26.45
N PHE A 365 21.08 19.29 25.84
CA PHE A 365 22.42 19.09 25.32
C PHE A 365 22.34 18.66 23.87
N VAL A 366 23.21 19.25 23.03
CA VAL A 366 23.09 19.09 21.59
C VAL A 366 23.34 17.64 21.17
N GLY A 367 24.33 16.99 21.77
CA GLY A 367 24.69 15.64 21.33
C GLY A 367 23.57 14.64 21.53
N GLU A 368 22.96 14.65 22.72
CA GLU A 368 21.89 13.70 23.01
C GLU A 368 20.66 13.99 22.16
N ILE A 369 20.38 15.27 21.91
CA ILE A 369 19.24 15.63 21.06
C ILE A 369 19.49 15.17 19.62
N MET A 370 20.71 15.34 19.12
CA MET A 370 21.03 14.84 17.78
C MET A 370 20.89 13.33 17.72
N PHE A 371 21.34 12.64 18.76
CA PHE A 371 21.18 11.18 18.80
C PHE A 371 19.71 10.79 18.76
N ALA A 372 18.87 11.49 19.53
CA ALA A 372 17.44 11.19 19.53
C ALA A 372 16.80 11.48 18.18
N ILE A 373 17.20 12.58 17.53
CA ILE A 373 16.64 12.90 16.22
C ILE A 373 17.03 11.86 15.19
N VAL A 374 18.29 11.42 15.22
CA VAL A 374 18.73 10.35 14.32
C VAL A 374 17.94 9.08 14.58
N ILE A 375 17.74 8.74 15.86
CA ILE A 375 16.97 7.55 16.19
C ILE A 375 15.56 7.65 15.65
N ALA A 376 14.92 8.81 15.83
CA ALA A 376 13.54 8.97 15.37
C ALA A 376 13.44 8.87 13.85
N THR A 377 14.35 9.52 13.13
CA THR A 377 14.30 9.46 11.66
C THR A 377 14.57 8.06 11.15
N LEU A 378 15.56 7.37 11.75
CA LEU A 378 15.84 6.00 11.34
C LEU A 378 14.66 5.09 11.63
N GLY A 379 13.99 5.30 12.77
CA GLY A 379 12.81 4.52 13.06
C GLY A 379 11.68 4.78 12.09
N LEU A 380 11.47 6.04 11.72
CA LEU A 380 10.48 6.37 10.70
C LEU A 380 10.77 5.64 9.40
N VAL A 381 12.01 5.74 8.92
CA VAL A 381 12.36 5.13 7.64
C VAL A 381 12.20 3.62 7.71
N LEU A 382 12.69 3.00 8.78
CA LEU A 382 12.67 1.54 8.85
C LEU A 382 11.26 1.00 9.03
N PHE A 383 10.45 1.64 9.88
CA PHE A 383 9.06 1.21 10.06
C PHE A 383 8.27 1.37 8.77
N ALA A 384 8.46 2.50 8.07
CA ALA A 384 7.76 2.70 6.81
C ALA A 384 8.19 1.68 5.76
N LEU A 385 9.48 1.37 5.71
CA LEU A 385 9.96 0.37 4.77
C LEU A 385 9.40 -1.01 5.11
N LEU A 386 9.28 -1.32 6.41
CA LEU A 386 8.70 -2.60 6.81
C LEU A 386 7.24 -2.70 6.38
N ILE A 387 6.49 -1.62 6.58
CA ILE A 387 5.08 -1.62 6.17
C ILE A 387 4.97 -1.78 4.66
N GLY A 388 5.83 -1.08 3.91
CA GLY A 388 5.83 -1.23 2.46
C GLY A 388 6.18 -2.63 2.01
N ASN A 389 7.19 -3.24 2.65
CA ASN A 389 7.60 -4.58 2.29
C ASN A 389 6.51 -5.60 2.56
N MET A 390 5.82 -5.47 3.71
CA MET A 390 4.74 -6.40 3.99
C MET A 390 3.53 -6.18 3.08
N GLN A 391 3.28 -4.92 2.69
CA GLN A 391 2.24 -4.66 1.69
C GLN A 391 2.59 -5.33 0.37
N THR A 392 3.85 -5.23 -0.06
CA THR A 392 4.27 -5.91 -1.28
C THR A 392 4.14 -7.42 -1.14
N TYR A 393 4.47 -7.96 0.04
CA TYR A 393 4.31 -9.39 0.29
C TYR A 393 2.86 -9.82 0.12
N LEU A 394 1.94 -9.08 0.71
CA LEU A 394 0.53 -9.43 0.62
C LEU A 394 0.03 -9.31 -0.82
N GLN A 395 0.45 -8.26 -1.53
CA GLN A 395 0.04 -8.10 -2.92
C GLN A 395 0.56 -9.25 -3.77
N SER A 396 1.80 -9.68 -3.55
CA SER A 396 2.33 -10.83 -4.28
C SER A 396 1.61 -12.12 -3.91
N THR A 397 1.19 -12.24 -2.64
CA THR A 397 0.50 -13.45 -2.22
C THR A 397 -0.87 -13.57 -2.86
N THR A 398 -1.67 -12.50 -2.81
CA THR A 398 -3.03 -12.58 -3.35
C THR A 398 -3.05 -12.39 -4.86
N VAL A 399 -2.67 -11.20 -5.32
CA VAL A 399 -2.71 -10.76 -6.73
C VAL A 399 -3.81 -11.40 -7.57
N ARG A 400 -3.85 -12.72 -7.66
CA ARG A 400 -4.85 -13.40 -8.46
C ARG A 400 -6.23 -13.32 -7.83
N LEU A 401 -6.31 -13.52 -6.51
CA LEU A 401 -7.59 -13.41 -5.82
C LEU A 401 -8.17 -12.00 -5.95
N GLU A 402 -7.31 -10.98 -5.99
CA GLU A 402 -7.81 -9.61 -6.14
C GLU A 402 -8.47 -9.43 -7.51
N GLU A 403 -7.82 -9.93 -8.57
CA GLU A 403 -8.42 -9.85 -9.90
C GLU A 403 -9.70 -10.65 -9.98
N TRP A 404 -9.74 -11.83 -9.35
CA TRP A 404 -10.96 -12.63 -9.33
C TRP A 404 -12.09 -11.89 -8.61
N ARG A 405 -11.77 -11.22 -7.50
CA ARG A 405 -12.77 -10.42 -6.79
C ARG A 405 -13.27 -9.28 -7.66
N VAL A 406 -12.36 -8.63 -8.39
CA VAL A 406 -12.77 -7.54 -9.28
C VAL A 406 -13.70 -8.06 -10.36
N LYS A 407 -13.37 -9.21 -10.95
CA LYS A 407 -14.22 -9.78 -11.99
C LYS A 407 -15.60 -10.15 -11.42
N ARG A 408 -15.63 -10.73 -10.23
CA ARG A 408 -16.91 -11.09 -9.62
C ARG A 408 -17.75 -9.86 -9.32
N THR A 409 -17.11 -8.80 -8.81
CA THR A 409 -17.84 -7.57 -8.54
C THR A 409 -18.38 -6.97 -9.84
N ASP A 410 -17.59 -6.99 -10.90
CA ASP A 410 -18.05 -6.45 -12.17
C ASP A 410 -19.22 -7.26 -12.73
N THR A 411 -19.13 -8.58 -12.68
CA THR A 411 -20.20 -9.43 -13.22
C THR A 411 -21.42 -9.48 -12.32
N GLU A 412 -21.30 -9.06 -11.06
CA GLU A 412 -22.47 -8.91 -10.20
C GLU A 412 -23.10 -7.54 -10.32
N GLN A 413 -22.32 -6.52 -10.67
CA GLN A 413 -22.88 -5.18 -10.82
C GLN A 413 -23.53 -5.01 -12.19
N TRP A 414 -22.87 -5.49 -13.26
CA TRP A 414 -23.44 -5.33 -14.59
C TRP A 414 -24.76 -6.05 -14.72
N MET A 415 -24.84 -7.30 -14.23
CA MET A 415 -26.09 -8.05 -14.29
C MET A 415 -27.17 -7.47 -13.38
N HIS A 416 -26.79 -6.63 -12.42
CA HIS A 416 -27.77 -5.89 -11.63
C HIS A 416 -28.29 -4.67 -12.39
N HIS A 417 -27.42 -4.01 -13.16
CA HIS A 417 -27.85 -2.86 -13.94
C HIS A 417 -28.80 -3.25 -15.07
N ARG A 418 -28.53 -4.38 -15.73
CA ARG A 418 -29.38 -4.86 -16.82
C ARG A 418 -30.63 -5.56 -16.31
N GLN A 419 -30.75 -5.80 -15.00
CA GLN A 419 -31.90 -6.46 -14.39
C GLN A 419 -32.12 -7.85 -14.98
N LEU A 420 -31.12 -8.71 -14.83
CA LEU A 420 -31.24 -10.09 -15.28
C LEU A 420 -32.19 -10.86 -14.37
N PRO A 421 -32.86 -11.89 -14.90
CA PRO A 421 -33.74 -12.70 -14.05
C PRO A 421 -32.94 -13.50 -13.03
N GLN A 422 -33.60 -13.80 -11.91
CA GLN A 422 -32.92 -14.51 -10.83
C GLN A 422 -32.53 -15.92 -11.24
N GLU A 423 -33.37 -16.59 -12.03
CA GLU A 423 -33.06 -17.95 -12.45
C GLU A 423 -31.82 -18.01 -13.33
N LEU A 424 -31.60 -16.98 -14.15
CA LEU A 424 -30.39 -16.92 -14.98
C LEU A 424 -29.22 -16.24 -14.27
N ARG A 425 -29.50 -15.43 -13.25
CA ARG A 425 -28.41 -14.76 -12.53
C ARG A 425 -27.54 -15.75 -11.79
N GLN A 426 -28.14 -16.80 -11.21
CA GLN A 426 -27.40 -17.80 -10.46
C GLN A 426 -26.61 -18.75 -11.34
N SER A 427 -26.55 -18.51 -12.66
CA SER A 427 -25.78 -19.34 -13.57
C SER A 427 -24.44 -18.73 -13.95
N VAL A 428 -24.41 -17.41 -14.21
CA VAL A 428 -23.16 -16.76 -14.56
C VAL A 428 -22.19 -16.80 -13.39
N ARG A 429 -22.68 -16.51 -12.18
CA ARG A 429 -21.81 -16.58 -11.01
C ARG A 429 -21.37 -18.00 -10.71
N LYS A 430 -22.22 -19.01 -10.94
CA LYS A 430 -21.80 -20.40 -10.80
C LYS A 430 -20.71 -20.76 -11.80
N TYR A 431 -20.83 -20.31 -13.05
CA TYR A 431 -19.77 -20.55 -14.02
C TYR A 431 -18.48 -19.85 -13.63
N ASP A 432 -18.58 -18.63 -13.11
CA ASP A 432 -17.39 -17.92 -12.66
C ASP A 432 -16.72 -18.65 -11.51
N GLN A 433 -17.52 -19.14 -10.55
CA GLN A 433 -16.97 -19.91 -9.44
C GLN A 433 -16.29 -21.18 -9.95
N TYR A 434 -16.92 -21.87 -10.90
CA TYR A 434 -16.31 -23.04 -11.51
C TYR A 434 -14.98 -22.70 -12.16
N LYS A 435 -14.94 -21.59 -12.90
CA LYS A 435 -13.70 -21.19 -13.57
C LYS A 435 -12.61 -20.91 -12.56
N TRP A 436 -12.94 -20.19 -11.49
CA TRP A 436 -11.94 -19.87 -10.47
C TRP A 436 -11.44 -21.12 -9.76
N ILE A 437 -12.35 -22.06 -9.46
CA ILE A 437 -11.94 -23.26 -8.72
C ILE A 437 -11.08 -24.16 -9.59
N ALA A 438 -11.47 -24.35 -10.86
CA ALA A 438 -10.78 -25.29 -11.72
C ALA A 438 -9.61 -24.67 -12.48
N THR A 439 -9.45 -23.36 -12.43
CA THR A 439 -8.34 -22.75 -13.16
C THR A 439 -7.51 -21.81 -12.30
N ARG A 440 -8.12 -21.14 -11.33
CA ARG A 440 -7.43 -20.22 -10.42
C ARG A 440 -6.72 -19.13 -11.21
N GLY A 441 -7.51 -18.32 -11.89
CA GLY A 441 -6.99 -17.33 -12.80
C GLY A 441 -6.21 -18.00 -13.91
N VAL A 442 -5.01 -17.51 -14.19
CA VAL A 442 -4.08 -18.14 -15.14
C VAL A 442 -4.72 -18.24 -16.51
N ASP A 443 -4.51 -17.22 -17.36
CA ASP A 443 -5.00 -17.27 -18.73
C ASP A 443 -4.18 -18.30 -19.50
N GLU A 444 -4.85 -19.35 -19.97
CA GLU A 444 -4.16 -20.49 -20.56
C GLU A 444 -3.33 -20.08 -21.77
N GLU A 445 -3.93 -19.32 -22.68
CA GLU A 445 -3.30 -19.04 -23.97
C GLU A 445 -2.16 -18.03 -23.84
N SER A 446 -2.35 -17.01 -22.98
CA SER A 446 -1.30 -16.01 -22.80
C SER A 446 -0.05 -16.64 -22.20
N LEU A 447 -0.22 -17.51 -21.21
CA LEU A 447 0.92 -18.23 -20.65
C LEU A 447 1.42 -19.30 -21.61
N LEU A 448 0.57 -19.72 -22.56
CA LEU A 448 0.94 -20.80 -23.47
C LEU A 448 1.86 -20.31 -24.58
N ARG A 449 1.56 -19.18 -25.21
CA ARG A 449 2.48 -18.73 -26.27
C ARG A 449 3.84 -18.31 -25.71
N GLY A 450 3.91 -18.04 -24.41
CA GLY A 450 5.20 -17.68 -23.83
C GLY A 450 6.25 -18.76 -23.95
N LEU A 451 5.85 -20.02 -23.86
CA LEU A 451 6.79 -21.13 -23.99
C LEU A 451 7.29 -21.24 -25.42
N PRO A 452 8.48 -21.84 -25.62
CA PRO A 452 9.01 -21.98 -26.98
C PRO A 452 8.21 -23.00 -27.78
N LEU A 453 8.59 -23.14 -29.05
CA LEU A 453 7.93 -24.11 -29.92
C LEU A 453 8.09 -25.52 -29.38
N ASP A 454 9.31 -25.88 -28.97
CA ASP A 454 9.55 -27.24 -28.46
C ASP A 454 8.70 -27.53 -27.24
N LEU A 455 8.77 -26.66 -26.22
CA LEU A 455 8.06 -26.94 -24.98
C LEU A 455 6.56 -26.90 -25.19
N ARG A 456 6.06 -25.94 -25.95
CA ARG A 456 4.62 -25.85 -26.19
C ARG A 456 4.11 -27.08 -26.92
N ARG A 457 4.81 -27.48 -27.99
CA ARG A 457 4.37 -28.65 -28.74
C ARG A 457 4.45 -29.92 -27.90
N ASP A 458 5.52 -30.06 -27.12
CA ASP A 458 5.67 -31.25 -26.28
C ASP A 458 4.58 -31.31 -25.22
N ILE A 459 4.30 -30.19 -24.55
CA ILE A 459 3.30 -30.21 -23.48
C ILE A 459 1.90 -30.43 -24.06
N LYS A 460 1.63 -29.86 -25.24
CA LYS A 460 0.32 -30.07 -25.85
C LYS A 460 0.15 -31.50 -26.32
N ARG A 461 1.23 -32.11 -26.83
CA ARG A 461 1.17 -33.53 -27.21
C ARG A 461 0.96 -34.41 -25.99
N HIS A 462 1.68 -34.14 -24.90
CA HIS A 462 1.55 -34.96 -23.70
C HIS A 462 0.17 -34.83 -23.08
N LEU A 463 -0.35 -33.60 -22.98
CA LEU A 463 -1.65 -33.40 -22.35
C LEU A 463 -2.77 -34.05 -23.16
N CYS A 464 -2.71 -33.93 -24.49
CA CYS A 464 -3.73 -34.50 -25.37
C CYS A 464 -3.06 -35.39 -26.40
N LEU A 465 -2.82 -36.66 -26.02
CA LEU A 465 -2.36 -37.67 -26.95
C LEU A 465 -3.38 -38.78 -27.12
N GLU A 466 -3.81 -39.42 -26.04
CA GLU A 466 -4.87 -40.41 -26.12
C GLU A 466 -6.20 -39.77 -26.49
N LEU A 467 -6.39 -38.49 -26.13
CA LEU A 467 -7.62 -37.80 -26.49
C LEU A 467 -7.75 -37.67 -28.01
N VAL A 468 -6.65 -37.32 -28.69
CA VAL A 468 -6.70 -37.24 -30.14
C VAL A 468 -6.56 -38.61 -30.79
N ARG A 469 -6.03 -39.60 -30.06
CA ARG A 469 -5.93 -40.96 -30.58
C ARG A 469 -7.27 -41.67 -30.65
N ARG A 470 -8.31 -41.15 -29.99
CA ARG A 470 -9.65 -41.73 -30.09
C ARG A 470 -10.32 -41.42 -31.42
N VAL A 471 -9.92 -40.34 -32.08
CA VAL A 471 -10.54 -39.97 -33.36
C VAL A 471 -10.19 -41.00 -34.41
N PRO A 472 -11.17 -41.59 -35.11
CA PRO A 472 -10.84 -42.59 -36.13
C PRO A 472 -9.94 -42.06 -37.23
N LEU A 473 -10.12 -40.80 -37.64
CA LEU A 473 -9.28 -40.23 -38.68
C LEU A 473 -7.89 -39.88 -38.14
N PHE A 474 -7.84 -39.28 -36.94
CA PHE A 474 -6.56 -38.84 -36.40
C PHE A 474 -5.74 -40.00 -35.87
N ASP A 475 -6.37 -41.14 -35.57
CA ASP A 475 -5.63 -42.27 -35.01
C ASP A 475 -4.62 -42.81 -36.03
N ALA A 476 -5.08 -43.08 -37.25
CA ALA A 476 -4.21 -43.63 -38.30
C ALA A 476 -3.79 -42.49 -39.22
N MET A 477 -2.86 -41.67 -38.73
CA MET A 477 -2.33 -40.57 -39.52
C MET A 477 -1.00 -40.13 -38.90
N ASP A 478 -0.14 -39.56 -39.72
CA ASP A 478 1.18 -39.13 -39.28
C ASP A 478 1.06 -37.98 -38.28
N GLU A 479 2.13 -37.81 -37.49
CA GLU A 479 2.15 -36.80 -36.43
C GLU A 479 2.24 -35.38 -36.97
N ARG A 480 2.42 -35.20 -38.28
CA ARG A 480 2.54 -33.86 -38.86
C ARG A 480 1.33 -33.00 -38.51
N MET A 481 0.14 -33.42 -38.97
CA MET A 481 -1.08 -32.69 -38.64
C MET A 481 -1.57 -32.98 -37.23
N LEU A 482 -1.12 -34.07 -36.60
CA LEU A 482 -1.52 -34.37 -35.23
C LEU A 482 -1.01 -33.30 -34.27
N ASP A 483 0.29 -32.97 -34.37
CA ASP A 483 0.83 -31.91 -33.52
C ASP A 483 0.27 -30.55 -33.90
N ALA A 484 -0.14 -30.36 -35.15
CA ALA A 484 -0.83 -29.15 -35.54
C ALA A 484 -2.15 -29.00 -34.81
N ILE A 485 -2.91 -30.10 -34.70
CA ILE A 485 -4.15 -30.08 -33.93
C ILE A 485 -3.85 -29.84 -32.45
N CYS A 486 -2.83 -30.53 -31.92
CA CYS A 486 -2.53 -30.41 -30.50
C CYS A 486 -2.12 -28.99 -30.12
N GLU A 487 -1.28 -28.36 -30.93
CA GLU A 487 -0.79 -27.01 -30.62
C GLU A 487 -1.93 -25.99 -30.61
N ARG A 488 -2.84 -26.08 -31.57
CA ARG A 488 -3.90 -25.10 -31.70
C ARG A 488 -5.12 -25.43 -30.84
N LEU A 489 -5.09 -26.53 -30.11
CA LEU A 489 -6.21 -26.92 -29.26
C LEU A 489 -6.33 -25.94 -28.10
N LYS A 490 -7.56 -25.65 -27.70
CA LYS A 490 -7.88 -24.66 -26.68
C LYS A 490 -8.66 -25.29 -25.54
N PRO A 491 -8.62 -24.71 -24.35
CA PRO A 491 -9.38 -25.25 -23.22
C PRO A 491 -10.86 -24.91 -23.36
N ALA A 492 -11.67 -25.62 -22.60
CA ALA A 492 -13.11 -25.41 -22.57
C ALA A 492 -13.62 -25.63 -21.16
N LEU A 493 -14.63 -24.85 -20.78
CA LEU A 493 -15.19 -24.92 -19.44
C LEU A 493 -16.71 -24.84 -19.52
N CYS A 494 -17.37 -25.65 -18.70
CA CYS A 494 -18.83 -25.71 -18.69
C CYS A 494 -19.31 -26.14 -17.33
N THR A 495 -20.38 -25.49 -16.85
CA THR A 495 -20.90 -25.74 -15.51
C THR A 495 -21.95 -26.85 -15.56
N GLU A 496 -22.60 -27.10 -14.41
CA GLU A 496 -23.56 -28.18 -14.29
C GLU A 496 -24.83 -27.86 -15.08
N ASN A 497 -25.43 -28.92 -15.64
CA ASN A 497 -26.70 -28.82 -16.38
C ASN A 497 -26.62 -27.78 -17.49
N THR A 498 -25.55 -27.87 -18.27
CA THR A 498 -25.32 -26.97 -19.40
C THR A 498 -25.66 -27.70 -20.68
N TYR A 499 -26.66 -27.20 -21.40
CA TYR A 499 -27.06 -27.76 -22.68
C TYR A 499 -26.00 -27.35 -23.70
N LEU A 500 -24.90 -28.11 -23.72
CA LEU A 500 -23.69 -27.70 -24.44
C LEU A 500 -23.97 -27.52 -25.93
N VAL A 501 -24.52 -28.54 -26.57
CA VAL A 501 -24.87 -28.48 -27.98
C VAL A 501 -26.24 -29.11 -28.19
N ARG A 502 -27.27 -28.29 -28.29
CA ARG A 502 -28.60 -28.80 -28.57
C ARG A 502 -28.69 -29.28 -30.02
N GLU A 503 -29.66 -30.15 -30.28
CA GLU A 503 -29.84 -30.68 -31.63
C GLU A 503 -30.33 -29.58 -32.56
N GLY A 504 -29.60 -29.35 -33.65
CA GLY A 504 -29.91 -28.33 -34.61
C GLY A 504 -28.94 -27.16 -34.63
N ASP A 505 -28.44 -26.76 -33.46
CA ASP A 505 -27.56 -25.61 -33.39
C ASP A 505 -26.25 -25.89 -34.14
N PRO A 506 -25.63 -24.86 -34.71
CA PRO A 506 -24.38 -25.06 -35.44
C PRO A 506 -23.28 -25.57 -34.52
N VAL A 507 -22.44 -26.45 -35.06
CA VAL A 507 -21.32 -27.04 -34.33
C VAL A 507 -20.06 -26.47 -34.93
N ASN A 508 -19.49 -25.44 -34.28
CA ASN A 508 -18.21 -24.88 -34.69
C ASN A 508 -17.17 -24.95 -33.59
N GLU A 509 -17.45 -25.66 -32.49
CA GLU A 509 -16.46 -25.96 -31.47
C GLU A 509 -16.22 -27.46 -31.44
N MET A 510 -14.96 -27.85 -31.47
CA MET A 510 -14.56 -29.26 -31.42
C MET A 510 -14.06 -29.54 -30.01
N LEU A 511 -14.88 -30.22 -29.22
CA LEU A 511 -14.59 -30.42 -27.80
C LEU A 511 -14.08 -31.83 -27.55
N PHE A 512 -12.99 -31.92 -26.79
CA PHE A 512 -12.46 -33.17 -26.29
C PHE A 512 -12.65 -33.21 -24.77
N ILE A 513 -13.28 -34.26 -24.28
CA ILE A 513 -13.67 -34.35 -22.88
C ILE A 513 -12.48 -34.90 -22.09
N ILE A 514 -11.96 -34.08 -21.17
CA ILE A 514 -10.80 -34.46 -20.37
C ILE A 514 -11.21 -34.87 -18.95
N ARG A 515 -12.32 -34.32 -18.45
CA ARG A 515 -12.77 -34.58 -17.09
C ARG A 515 -14.27 -34.34 -17.02
N GLY A 516 -15.01 -35.32 -16.51
CA GLY A 516 -16.44 -35.19 -16.30
C GLY A 516 -17.21 -36.21 -17.09
N ASN A 517 -18.52 -36.23 -16.84
CA ASN A 517 -19.46 -37.12 -17.51
C ASN A 517 -20.45 -36.29 -18.32
N LEU A 518 -20.73 -36.76 -19.54
CA LEU A 518 -21.62 -36.06 -20.45
C LEU A 518 -22.79 -36.96 -20.81
N ASP A 519 -23.88 -36.33 -21.24
CA ASP A 519 -25.05 -37.05 -21.73
C ASP A 519 -25.47 -36.44 -23.05
N SER A 520 -25.68 -37.29 -24.06
CA SER A 520 -26.09 -36.84 -25.39
C SER A 520 -27.07 -37.86 -25.95
N TYR A 521 -28.26 -37.39 -26.34
CA TYR A 521 -29.32 -38.25 -26.80
C TYR A 521 -29.90 -37.71 -28.10
N THR A 522 -30.31 -38.62 -28.99
CA THR A 522 -30.93 -38.27 -30.26
C THR A 522 -32.37 -38.78 -30.24
N THR A 523 -33.32 -37.86 -30.25
CA THR A 523 -34.74 -38.21 -30.25
C THR A 523 -35.30 -38.31 -31.67
N ASP A 524 -34.60 -39.07 -32.53
CA ASP A 524 -35.04 -39.31 -33.91
C ASP A 524 -35.38 -38.02 -34.64
N GLY A 525 -34.63 -36.95 -34.35
CA GLY A 525 -34.92 -35.65 -34.91
C GLY A 525 -36.01 -34.89 -34.20
N GLY A 526 -36.55 -35.41 -33.10
CA GLY A 526 -37.60 -34.73 -32.37
C GLY A 526 -38.76 -35.64 -31.99
N ARG A 527 -38.61 -36.94 -32.24
CA ARG A 527 -39.65 -37.92 -31.98
C ARG A 527 -39.22 -38.83 -30.82
N THR A 528 -40.09 -38.95 -29.83
CA THR A 528 -39.81 -39.82 -28.70
C THR A 528 -39.78 -41.28 -29.14
N GLY A 529 -38.99 -42.08 -28.42
CA GLY A 529 -38.82 -43.48 -28.78
C GLY A 529 -37.38 -43.92 -28.73
N PHE A 530 -36.84 -44.34 -29.88
CA PHE A 530 -35.45 -44.77 -29.96
C PHE A 530 -34.52 -43.65 -29.53
N PHE A 531 -33.77 -43.89 -28.45
CA PHE A 531 -32.92 -42.89 -27.84
C PHE A 531 -31.45 -43.27 -28.02
N ASN A 532 -30.61 -42.26 -28.27
CA ASN A 532 -29.16 -42.44 -28.38
C ASN A 532 -28.43 -41.93 -27.15
N SER A 533 -29.09 -41.92 -25.99
CA SER A 533 -28.48 -41.44 -24.75
C SER A 533 -27.29 -42.30 -24.37
N CYS A 534 -26.09 -41.73 -24.45
CA CYS A 534 -24.85 -42.43 -24.12
C CYS A 534 -24.21 -41.78 -22.91
N ARG A 535 -23.76 -42.62 -21.96
CA ARG A 535 -23.10 -42.13 -20.76
C ARG A 535 -21.64 -41.77 -21.09
N ILE A 536 -21.50 -40.64 -21.77
CA ILE A 536 -20.17 -40.18 -22.19
C ILE A 536 -19.40 -39.70 -20.96
N GLY A 537 -18.18 -40.21 -20.81
CA GLY A 537 -17.33 -39.82 -19.70
C GLY A 537 -16.05 -39.18 -20.16
N PRO A 538 -15.02 -39.20 -19.31
CA PRO A 538 -13.74 -38.62 -19.68
C PRO A 538 -13.10 -39.37 -20.84
N GLY A 539 -12.35 -38.64 -21.65
CA GLY A 539 -11.64 -39.23 -22.77
C GLY A 539 -12.53 -39.83 -23.84
N ASP A 540 -13.59 -39.12 -24.21
CA ASP A 540 -14.53 -39.58 -25.22
C ASP A 540 -14.54 -38.65 -26.42
N PHE A 541 -15.44 -38.93 -27.35
CA PHE A 541 -15.53 -38.22 -28.63
C PHE A 541 -16.89 -37.57 -28.76
N CYS A 542 -16.91 -36.38 -29.37
CA CYS A 542 -18.15 -35.66 -29.66
C CYS A 542 -17.93 -34.78 -30.88
N GLY A 543 -19.04 -34.32 -31.45
CA GLY A 543 -18.96 -33.44 -32.62
C GLY A 543 -18.41 -34.10 -33.87
N GLU A 544 -18.88 -35.30 -34.20
CA GLU A 544 -18.37 -36.01 -35.38
C GLU A 544 -18.70 -35.28 -36.68
N GLU A 545 -19.70 -34.39 -36.68
CA GLU A 545 -20.02 -33.64 -37.89
C GLU A 545 -18.86 -32.75 -38.32
N LEU A 546 -18.11 -32.22 -37.36
CA LEU A 546 -16.92 -31.44 -37.73
C LEU A 546 -15.84 -32.35 -38.31
N LEU A 547 -15.79 -33.61 -37.86
CA LEU A 547 -14.91 -34.58 -38.51
C LEU A 547 -15.35 -34.84 -39.94
N THR A 548 -16.66 -34.87 -40.18
CA THR A 548 -17.16 -35.02 -41.55
C THR A 548 -16.75 -33.81 -42.40
N TRP A 549 -16.82 -32.61 -41.82
CA TRP A 549 -16.25 -31.43 -42.48
C TRP A 549 -14.79 -31.67 -42.85
N ALA A 550 -13.99 -32.13 -41.89
CA ALA A 550 -12.56 -32.32 -42.12
C ALA A 550 -12.31 -33.38 -43.20
N LEU A 551 -13.19 -34.36 -43.32
CA LEU A 551 -13.03 -35.42 -44.31
C LEU A 551 -13.52 -35.03 -45.70
N ASP A 552 -14.29 -33.96 -45.82
CA ASP A 552 -14.87 -33.59 -47.11
C ASP A 552 -13.83 -32.89 -47.97
N PRO A 553 -13.46 -33.43 -49.13
CA PRO A 553 -12.49 -32.74 -50.00
C PRO A 553 -12.98 -31.39 -50.50
N ARG A 554 -14.27 -31.25 -50.74
CA ARG A 554 -14.80 -30.00 -51.29
C ARG A 554 -14.77 -28.91 -50.23
N PRO A 555 -14.15 -27.76 -50.51
CA PRO A 555 -14.15 -26.67 -49.52
C PRO A 555 -15.50 -26.00 -49.39
N THR A 556 -16.47 -26.71 -48.80
CA THR A 556 -17.80 -26.14 -48.59
C THR A 556 -17.81 -25.27 -47.34
N MET A 557 -18.85 -24.43 -47.23
CA MET A 557 -19.00 -23.52 -46.10
C MET A 557 -20.37 -23.63 -45.43
N VAL A 558 -21.17 -24.63 -45.77
CA VAL A 558 -22.49 -24.78 -45.18
C VAL A 558 -22.38 -25.54 -43.86
N ILE A 559 -22.76 -24.88 -42.77
CA ILE A 559 -22.62 -25.42 -41.42
C ILE A 559 -23.53 -26.63 -41.24
N PRO A 560 -23.07 -27.66 -40.51
CA PRO A 560 -23.92 -28.85 -40.33
C PRO A 560 -24.85 -28.67 -39.13
N SER A 561 -26.10 -29.06 -39.30
CA SER A 561 -27.04 -29.06 -38.19
C SER A 561 -26.67 -30.14 -37.19
N SER A 562 -26.75 -29.81 -35.90
CA SER A 562 -26.41 -30.77 -34.87
C SER A 562 -27.41 -31.91 -34.85
N THR A 563 -26.90 -33.13 -34.75
CA THR A 563 -27.72 -34.32 -34.73
C THR A 563 -27.97 -34.87 -33.33
N ARG A 564 -27.31 -34.32 -32.31
CA ARG A 564 -27.44 -34.80 -30.95
C ARG A 564 -27.60 -33.62 -30.00
N THR A 565 -28.02 -33.91 -28.77
CA THR A 565 -28.23 -32.91 -27.73
C THR A 565 -27.15 -33.11 -26.67
N VAL A 566 -26.04 -32.41 -26.83
CA VAL A 566 -24.92 -32.51 -25.88
C VAL A 566 -25.25 -31.67 -24.65
N LYS A 567 -25.26 -32.30 -23.47
CA LYS A 567 -25.57 -31.63 -22.23
C LYS A 567 -24.54 -32.01 -21.17
N ALA A 568 -24.13 -31.03 -20.38
CA ALA A 568 -23.13 -31.23 -19.34
C ALA A 568 -23.85 -31.61 -18.04
N ILE A 569 -24.01 -32.90 -17.80
CA ILE A 569 -24.76 -33.36 -16.64
C ILE A 569 -23.95 -33.17 -15.36
N SER A 570 -22.64 -33.30 -15.43
CA SER A 570 -21.81 -33.45 -14.25
C SER A 570 -20.71 -32.39 -14.21
N GLU A 571 -19.77 -32.61 -13.28
CA GLU A 571 -18.62 -31.74 -13.09
C GLU A 571 -17.64 -31.93 -14.24
N VAL A 572 -17.69 -31.06 -15.25
CA VAL A 572 -17.08 -31.32 -16.55
C VAL A 572 -16.08 -30.24 -16.94
N GLU A 573 -14.91 -30.68 -17.40
CA GLU A 573 -13.93 -29.83 -18.07
C GLU A 573 -13.60 -30.43 -19.43
N ALA A 574 -13.48 -29.58 -20.45
CA ALA A 574 -13.36 -30.01 -21.84
C ALA A 574 -12.25 -29.27 -22.56
N PHE A 575 -12.11 -29.56 -23.86
CA PHE A 575 -11.06 -29.01 -24.72
C PHE A 575 -11.69 -28.60 -26.05
N ALA A 576 -12.15 -27.35 -26.13
CA ALA A 576 -12.78 -26.86 -27.35
C ALA A 576 -11.74 -26.50 -28.40
N LEU A 577 -12.14 -26.55 -29.67
CA LEU A 577 -11.23 -26.23 -30.75
C LEU A 577 -12.05 -25.75 -31.94
N ILE A 578 -11.49 -24.78 -32.68
CA ILE A 578 -12.23 -24.07 -33.71
C ILE A 578 -12.38 -24.92 -34.97
N ALA A 579 -13.53 -24.81 -35.62
CA ALA A 579 -13.77 -25.55 -36.87
C ALA A 579 -12.82 -25.10 -37.97
N GLU A 580 -12.59 -23.79 -38.07
CA GLU A 580 -11.64 -23.28 -39.06
C GLU A 580 -10.24 -23.86 -38.86
N ASP A 581 -9.89 -24.24 -37.63
CA ASP A 581 -8.64 -24.93 -37.40
C ASP A 581 -8.60 -26.27 -38.12
N LEU A 582 -9.68 -27.04 -38.04
CA LEU A 582 -9.74 -28.29 -38.80
C LEU A 582 -9.69 -28.01 -40.29
N LYS A 583 -10.37 -26.95 -40.74
CA LYS A 583 -10.36 -26.63 -42.17
C LYS A 583 -8.95 -26.33 -42.65
N PHE A 584 -8.21 -25.53 -41.88
CA PHE A 584 -6.83 -25.21 -42.25
C PHE A 584 -5.93 -26.43 -42.20
N VAL A 585 -6.10 -27.27 -41.18
CA VAL A 585 -5.26 -28.46 -41.05
C VAL A 585 -5.51 -29.42 -42.20
N ALA A 586 -6.78 -29.65 -42.55
CA ALA A 586 -7.09 -30.54 -43.66
C ALA A 586 -6.68 -29.93 -45.00
N SER A 587 -6.67 -28.60 -45.09
CA SER A 587 -6.20 -27.96 -46.32
C SER A 587 -4.74 -28.26 -46.59
N GLN A 588 -3.96 -28.51 -45.54
CA GLN A 588 -2.54 -28.83 -45.69
C GLN A 588 -2.36 -30.27 -46.15
N ARG B 69 -15.20 -47.49 3.48
CA ARG B 69 -15.38 -46.52 4.56
C ARG B 69 -14.39 -45.37 4.43
N ILE B 70 -13.48 -45.48 3.46
CA ILE B 70 -12.49 -44.44 3.24
C ILE B 70 -13.20 -43.23 2.63
N PHE B 71 -12.96 -42.06 3.23
CA PHE B 71 -13.64 -40.83 2.82
C PHE B 71 -12.88 -40.16 1.69
N ASP B 72 -13.63 -39.68 0.70
CA ASP B 72 -13.03 -38.95 -0.41
C ASP B 72 -12.51 -37.60 0.08
N PRO B 73 -11.30 -37.21 -0.32
CA PRO B 73 -10.75 -35.93 0.14
C PRO B 73 -11.58 -34.73 -0.27
N ARG B 74 -12.24 -34.77 -1.43
CA ARG B 74 -13.04 -33.66 -1.91
C ARG B 74 -14.51 -33.78 -1.49
N GLY B 75 -14.87 -34.79 -0.72
CA GLY B 75 -16.26 -34.97 -0.33
C GLY B 75 -16.71 -33.92 0.67
N GLN B 76 -18.03 -33.78 0.78
CA GLN B 76 -18.61 -32.83 1.71
C GLN B 76 -18.36 -33.22 3.16
N THR B 77 -18.29 -34.53 3.44
CA THR B 77 -18.05 -34.99 4.81
C THR B 77 -16.72 -34.48 5.34
N ILE B 78 -15.65 -34.64 4.56
CA ILE B 78 -14.33 -34.17 4.99
C ILE B 78 -14.31 -32.65 5.10
N HIS B 79 -15.01 -31.96 4.20
CA HIS B 79 -15.02 -30.51 4.23
C HIS B 79 -15.69 -29.99 5.51
N GLN B 80 -16.86 -30.52 5.84
CA GLN B 80 -17.55 -30.08 7.05
C GLN B 80 -16.81 -30.52 8.31
N TRP B 81 -16.18 -31.71 8.27
CA TRP B 81 -15.40 -32.15 9.42
C TRP B 81 -14.19 -31.24 9.62
N ASN B 82 -13.57 -30.80 8.53
CA ASN B 82 -12.46 -29.87 8.65
C ASN B 82 -12.93 -28.50 9.16
N LYS B 83 -14.15 -28.10 8.80
CA LYS B 83 -14.70 -26.88 9.39
C LYS B 83 -14.80 -27.02 10.92
N ILE B 84 -15.46 -28.09 11.37
CA ILE B 84 -15.67 -28.22 12.81
C ILE B 84 -14.34 -28.47 13.53
N PHE B 85 -13.37 -29.08 12.85
CA PHE B 85 -12.06 -29.29 13.44
C PHE B 85 -11.24 -28.00 13.50
N LEU B 86 -11.40 -27.10 12.54
CA LEU B 86 -10.81 -25.77 12.67
C LEU B 86 -11.42 -25.04 13.85
N VAL B 87 -12.74 -25.18 14.04
CA VAL B 87 -13.38 -24.59 15.22
C VAL B 87 -12.77 -25.17 16.49
N ALA B 88 -12.60 -26.49 16.52
CA ALA B 88 -12.02 -27.14 17.70
C ALA B 88 -10.58 -26.69 17.94
N CYS B 89 -9.80 -26.52 16.87
CA CYS B 89 -8.42 -26.09 17.03
C CYS B 89 -8.33 -24.65 17.51
N LEU B 90 -9.25 -23.79 17.04
CA LEU B 90 -9.31 -22.44 17.59
C LEU B 90 -9.67 -22.46 19.07
N ILE B 91 -10.60 -23.33 19.46
CA ILE B 91 -10.92 -23.50 20.87
C ILE B 91 -9.68 -23.93 21.64
N SER B 92 -8.91 -24.86 21.08
CA SER B 92 -7.68 -25.32 21.73
C SER B 92 -6.69 -24.18 21.88
N LEU B 93 -6.51 -23.37 20.84
CA LEU B 93 -5.57 -22.26 20.89
C LEU B 93 -6.03 -21.18 21.86
N PHE B 94 -7.34 -21.09 22.10
CA PHE B 94 -7.86 -20.12 23.07
C PHE B 94 -7.82 -20.64 24.49
N VAL B 95 -7.85 -21.96 24.70
CA VAL B 95 -7.93 -22.55 26.02
C VAL B 95 -6.55 -22.90 26.57
N ASP B 96 -5.63 -23.38 25.72
CA ASP B 96 -4.33 -23.80 26.21
C ASP B 96 -3.56 -22.72 26.96
N PRO B 97 -3.49 -21.47 26.49
CA PRO B 97 -2.83 -20.42 27.30
C PRO B 97 -3.51 -20.16 28.63
N LEU B 98 -4.81 -20.47 28.76
CA LEU B 98 -5.50 -20.23 30.02
C LEU B 98 -4.93 -21.05 31.17
N PHE B 99 -4.16 -22.09 30.87
CA PHE B 99 -3.53 -22.87 31.93
C PHE B 99 -2.50 -22.07 32.70
N PHE B 100 -1.97 -21.00 32.12
CA PHE B 100 -0.98 -20.17 32.81
C PHE B 100 -1.60 -19.34 33.93
N TYR B 101 -2.91 -19.17 33.93
CA TYR B 101 -3.59 -18.37 34.93
C TYR B 101 -3.96 -19.17 36.17
N LEU B 102 -3.59 -20.45 36.23
CA LEU B 102 -3.89 -21.27 37.40
C LEU B 102 -3.28 -20.74 38.69
N PRO B 103 -1.99 -20.37 38.75
CA PRO B 103 -1.43 -19.91 40.03
C PRO B 103 -2.10 -18.63 40.51
N ILE B 104 -2.41 -18.60 41.81
CA ILE B 104 -3.03 -17.45 42.45
C ILE B 104 -2.21 -17.12 43.69
N VAL B 105 -1.85 -15.84 43.84
CA VAL B 105 -1.09 -15.37 44.99
C VAL B 105 -2.08 -14.83 46.02
N GLN B 106 -2.10 -15.44 47.20
CA GLN B 106 -3.01 -15.02 48.24
C GLN B 106 -2.44 -13.82 49.00
N ASP B 107 -3.26 -13.28 49.91
CA ASP B 107 -2.84 -12.12 50.69
C ASP B 107 -1.74 -12.45 51.68
N GLU B 108 -1.65 -13.70 52.13
CA GLU B 108 -0.63 -14.13 53.09
C GLU B 108 0.69 -14.50 52.42
N VAL B 109 0.93 -14.02 51.20
CA VAL B 109 2.14 -14.32 50.44
C VAL B 109 2.30 -15.82 50.29
N CYS B 110 1.45 -16.44 49.48
CA CYS B 110 1.52 -17.86 49.19
C CYS B 110 0.93 -18.11 47.82
N ILE B 111 1.46 -19.10 47.12
CA ILE B 111 1.04 -19.42 45.76
C ILE B 111 0.11 -20.62 45.80
N ASP B 112 -1.14 -20.41 45.40
CA ASP B 112 -2.16 -21.45 45.40
C ASP B 112 -2.72 -21.60 44.00
N ILE B 113 -3.24 -22.80 43.72
CA ILE B 113 -3.76 -23.15 42.41
C ILE B 113 -5.28 -23.25 42.51
N GLY B 114 -5.98 -22.51 41.66
CA GLY B 114 -7.43 -22.57 41.63
C GLY B 114 -7.93 -23.94 41.22
N ILE B 115 -8.53 -24.66 42.16
CA ILE B 115 -8.92 -26.05 41.90
C ILE B 115 -10.03 -26.12 40.87
N ALA B 116 -11.07 -25.29 41.03
CA ALA B 116 -12.20 -25.32 40.12
C ALA B 116 -11.79 -24.93 38.71
N VAL B 117 -10.98 -23.87 38.58
CA VAL B 117 -10.52 -23.44 37.26
C VAL B 117 -9.64 -24.50 36.64
N GLU B 118 -8.78 -25.12 37.45
CA GLU B 118 -7.92 -26.19 36.93
C GLU B 118 -8.75 -27.35 36.41
N VAL B 119 -9.78 -27.76 37.16
CA VAL B 119 -10.63 -28.87 36.72
C VAL B 119 -11.36 -28.50 35.43
N PHE B 120 -11.87 -27.28 35.35
CA PHE B 120 -12.58 -26.84 34.15
C PHE B 120 -11.66 -26.87 32.94
N LEU B 121 -10.42 -26.37 33.09
CA LEU B 121 -9.50 -26.34 31.98
C LEU B 121 -9.05 -27.74 31.58
N ILE B 122 -8.88 -28.64 32.56
CA ILE B 122 -8.58 -30.04 32.23
C ILE B 122 -9.71 -30.65 31.43
N ILE B 123 -10.96 -30.40 31.81
CA ILE B 123 -12.09 -30.96 31.07
C ILE B 123 -12.12 -30.41 29.65
N ILE B 124 -11.94 -29.10 29.50
CA ILE B 124 -12.02 -28.49 28.17
C ILE B 124 -10.89 -29.01 27.28
N ARG B 125 -9.66 -29.07 27.80
CA ARG B 125 -8.55 -29.54 27.00
C ARG B 125 -8.66 -31.04 26.72
N SER B 126 -9.28 -31.79 27.63
CA SER B 126 -9.53 -33.20 27.35
C SER B 126 -10.51 -33.36 26.19
N ILE B 127 -11.57 -32.54 26.17
CA ILE B 127 -12.48 -32.56 25.03
C ILE B 127 -11.76 -32.20 23.75
N ALA B 128 -10.88 -31.19 23.81
CA ALA B 128 -10.13 -30.79 22.63
C ALA B 128 -9.21 -31.92 22.16
N ASP B 129 -8.58 -32.62 23.08
CA ASP B 129 -7.70 -33.73 22.71
C ASP B 129 -8.48 -34.91 22.17
N VAL B 130 -9.70 -35.14 22.66
CA VAL B 130 -10.55 -36.15 22.06
C VAL B 130 -10.88 -35.78 20.62
N PHE B 131 -11.19 -34.51 20.38
CA PHE B 131 -11.42 -34.07 19.01
C PHE B 131 -10.17 -34.25 18.15
N TYR B 132 -9.00 -33.98 18.72
CA TYR B 132 -7.75 -34.16 17.98
C TYR B 132 -7.52 -35.63 17.62
N VAL B 133 -7.76 -36.55 18.56
CA VAL B 133 -7.54 -37.96 18.25
C VAL B 133 -8.58 -38.48 17.27
N ILE B 134 -9.81 -37.94 17.32
CA ILE B 134 -10.78 -38.28 16.28
C ILE B 134 -10.32 -37.76 14.92
N HIS B 135 -9.67 -36.59 14.90
CA HIS B 135 -9.11 -36.09 13.65
C HIS B 135 -8.02 -37.02 13.13
N ILE B 136 -7.16 -37.51 14.03
CA ILE B 136 -6.12 -38.45 13.63
C ILE B 136 -6.75 -39.72 13.07
N PHE B 137 -7.81 -40.22 13.73
CA PHE B 137 -8.50 -41.41 13.24
C PHE B 137 -9.11 -41.18 11.87
N MET B 138 -9.72 -40.01 11.65
CA MET B 138 -10.34 -39.71 10.36
C MET B 138 -9.30 -39.61 9.26
N ARG B 139 -8.23 -38.85 9.50
CA ARG B 139 -7.18 -38.71 8.50
C ARG B 139 -6.38 -39.99 8.32
N PHE B 140 -6.50 -40.94 9.25
CA PHE B 140 -5.85 -42.24 9.05
C PHE B 140 -6.61 -43.08 8.04
N HIS B 141 -7.88 -42.77 7.80
CA HIS B 141 -8.73 -43.49 6.87
C HIS B 141 -9.19 -42.59 5.72
N THR B 142 -8.29 -41.77 5.20
CA THR B 142 -8.62 -40.83 4.14
C THR B 142 -7.94 -41.22 2.84
N ALA B 143 -8.51 -40.75 1.73
CA ALA B 143 -7.97 -41.02 0.40
C ALA B 143 -7.21 -39.81 -0.11
N TYR B 144 -6.26 -40.06 -1.00
CA TYR B 144 -5.43 -39.01 -1.59
C TYR B 144 -5.47 -39.11 -3.11
N VAL B 145 -5.20 -38.00 -3.78
CA VAL B 145 -5.04 -38.00 -5.22
C VAL B 145 -3.61 -38.46 -5.53
N ALA B 146 -3.47 -39.65 -6.08
CA ALA B 146 -2.15 -40.20 -6.36
C ALA B 146 -1.47 -39.41 -7.48
N PRO B 147 -0.14 -39.28 -7.43
CA PRO B 147 0.60 -38.54 -8.47
C PRO B 147 0.74 -39.31 -9.78
N SER B 148 -0.38 -39.83 -10.28
CA SER B 148 -0.41 -40.52 -11.56
C SER B 148 -0.66 -39.49 -12.65
N SER B 149 0.30 -39.31 -13.54
CA SER B 149 0.18 -38.31 -14.60
C SER B 149 -0.99 -38.63 -15.51
N ARG B 150 -1.03 -39.86 -16.05
CA ARG B 150 -2.07 -40.30 -16.97
C ARG B 150 -2.26 -39.32 -18.12
N VAL B 151 -3.42 -39.37 -18.77
CA VAL B 151 -3.78 -38.40 -19.79
C VAL B 151 -5.14 -37.79 -19.48
N PHE B 152 -6.13 -38.64 -19.19
CA PHE B 152 -7.49 -38.19 -18.92
C PHE B 152 -7.99 -38.79 -17.61
N GLY B 153 -8.87 -38.06 -16.94
CA GLY B 153 -9.49 -38.53 -15.72
C GLY B 153 -8.81 -37.99 -14.47
N ARG B 154 -9.53 -38.08 -13.36
CA ARG B 154 -8.99 -37.64 -12.07
C ARG B 154 -9.20 -38.67 -10.96
N GLY B 155 -9.55 -39.90 -11.30
CA GLY B 155 -9.78 -40.93 -10.30
C GLY B 155 -8.50 -41.58 -9.81
N GLU B 156 -7.60 -40.79 -9.21
CA GLU B 156 -6.36 -41.29 -8.66
C GLU B 156 -6.48 -41.62 -7.18
N LEU B 157 -7.69 -41.62 -6.64
CA LEU B 157 -7.89 -41.91 -5.22
C LEU B 157 -7.50 -43.36 -4.94
N VAL B 158 -6.78 -43.57 -3.85
CA VAL B 158 -6.31 -44.90 -3.46
C VAL B 158 -7.14 -45.38 -2.27
N ILE B 159 -7.74 -46.56 -2.42
CA ILE B 159 -8.59 -47.11 -1.37
C ILE B 159 -7.77 -47.93 -0.38
N ASP B 160 -6.62 -48.45 -0.78
CA ASP B 160 -5.81 -49.31 0.07
C ASP B 160 -5.43 -48.58 1.35
N SER B 161 -5.62 -49.25 2.50
CA SER B 161 -5.29 -48.64 3.78
C SER B 161 -3.79 -48.63 4.02
N SER B 162 -3.08 -49.64 3.50
CA SER B 162 -1.65 -49.73 3.74
C SER B 162 -0.90 -48.55 3.14
N LYS B 163 -1.25 -48.17 1.91
CA LYS B 163 -0.52 -47.09 1.24
C LYS B 163 -0.79 -45.74 1.91
N ILE B 164 -2.05 -45.45 2.22
CA ILE B 164 -2.39 -44.20 2.86
C ILE B 164 -1.75 -44.13 4.25
N ALA B 165 -1.78 -45.24 5.00
CA ALA B 165 -1.15 -45.25 6.32
C ALA B 165 0.35 -45.04 6.21
N SER B 166 1.00 -45.67 5.23
CA SER B 166 2.43 -45.52 5.08
C SER B 166 2.81 -44.08 4.74
N ARG B 167 2.10 -43.46 3.80
CA ARG B 167 2.47 -42.09 3.44
C ARG B 167 2.13 -41.11 4.56
N TYR B 168 1.05 -41.37 5.30
CA TYR B 168 0.74 -40.53 6.45
C TYR B 168 1.81 -40.66 7.52
N LEU B 169 2.36 -41.87 7.70
CA LEU B 169 3.48 -42.05 8.62
C LEU B 169 4.72 -41.31 8.12
N HIS B 170 4.96 -41.32 6.81
CA HIS B 170 6.12 -40.61 6.27
C HIS B 170 6.02 -39.12 6.52
N LYS B 171 4.84 -38.53 6.34
CA LYS B 171 4.66 -37.11 6.54
C LYS B 171 3.22 -36.85 7.00
N GLY B 172 3.07 -36.13 8.10
CA GLY B 172 1.77 -35.75 8.58
C GLY B 172 1.40 -36.31 9.93
N PHE B 173 1.80 -37.55 10.20
CA PHE B 173 1.40 -38.19 11.45
C PHE B 173 2.17 -37.63 12.64
N PHE B 174 3.48 -37.41 12.48
CA PHE B 174 4.30 -37.01 13.61
C PHE B 174 3.92 -35.62 14.14
N LEU B 175 3.81 -34.64 13.23
CA LEU B 175 3.50 -33.28 13.66
C LEU B 175 2.07 -33.19 14.20
N ASP B 176 1.14 -33.92 13.58
CA ASP B 176 -0.24 -33.86 14.02
C ASP B 176 -0.51 -34.75 15.23
N PHE B 177 0.46 -35.57 15.63
CA PHE B 177 0.32 -36.39 16.82
C PHE B 177 1.03 -35.79 18.02
N ILE B 178 2.17 -35.13 17.81
CA ILE B 178 2.87 -34.47 18.90
C ILE B 178 2.02 -33.34 19.49
N ALA B 179 1.08 -32.80 18.72
CA ALA B 179 0.18 -31.77 19.18
C ALA B 179 -1.22 -32.31 19.48
N ALA B 180 -1.35 -33.61 19.71
CA ALA B 180 -2.64 -34.23 19.96
C ALA B 180 -2.70 -35.02 21.26
N LEU B 181 -1.61 -35.63 21.70
CA LEU B 181 -1.64 -36.41 22.92
C LEU B 181 -1.86 -35.49 24.13
N PRO B 182 -2.61 -35.94 25.14
CA PRO B 182 -2.98 -35.07 26.26
C PRO B 182 -1.95 -35.03 27.38
N LEU B 183 -0.75 -34.55 27.04
CA LEU B 183 0.27 -34.37 28.07
C LEU B 183 -0.11 -33.35 29.13
N PRO B 184 -0.65 -32.17 28.81
CA PRO B 184 -1.08 -31.25 29.88
C PRO B 184 -2.12 -31.86 30.80
N GLN B 185 -2.99 -32.72 30.28
CA GLN B 185 -4.05 -33.30 31.10
C GLN B 185 -3.50 -34.37 32.04
N VAL B 186 -2.40 -35.02 31.69
CA VAL B 186 -1.81 -36.03 32.57
C VAL B 186 -0.83 -35.41 33.56
N LEU B 187 0.12 -34.59 33.08
CA LEU B 187 1.20 -34.14 33.96
C LEU B 187 0.76 -33.09 34.97
N ILE B 188 -0.53 -32.77 35.04
CA ILE B 188 -1.06 -31.92 36.08
C ILE B 188 -2.01 -32.66 37.01
N TRP B 189 -2.69 -33.72 36.53
CA TRP B 189 -3.70 -34.41 37.29
C TRP B 189 -3.29 -35.78 37.81
N ILE B 190 -2.37 -36.48 37.14
CA ILE B 190 -2.05 -37.85 37.51
C ILE B 190 -0.57 -37.99 37.80
N VAL B 191 0.22 -36.99 37.44
CA VAL B 191 1.67 -37.01 37.63
C VAL B 191 2.08 -36.24 38.87
N ILE B 192 1.57 -35.03 39.05
CA ILE B 192 1.92 -34.22 40.22
C ILE B 192 1.54 -34.91 41.53
N PRO B 193 0.35 -35.49 41.68
CA PRO B 193 0.08 -36.27 42.90
C PRO B 193 1.04 -37.44 43.07
N ASN B 194 1.49 -38.05 41.98
CA ASN B 194 2.44 -39.15 42.03
C ASN B 194 3.89 -38.70 41.85
N LEU B 195 4.12 -37.39 41.81
CA LEU B 195 5.48 -36.88 41.67
C LEU B 195 6.28 -37.15 42.95
N GLY B 196 7.60 -37.04 42.83
CA GLY B 196 8.48 -37.27 43.95
C GLY B 196 8.43 -36.16 44.98
N GLY B 197 7.30 -36.02 45.65
CA GLY B 197 7.11 -34.98 46.63
C GLY B 197 5.66 -34.84 46.98
N SER B 198 5.39 -33.93 47.93
CA SER B 198 4.05 -33.67 48.40
C SER B 198 3.59 -32.24 48.15
N THR B 199 4.40 -31.42 47.49
CA THR B 199 4.05 -30.02 47.22
C THR B 199 3.41 -29.94 45.84
N ILE B 200 2.08 -30.05 45.81
CA ILE B 200 1.36 -29.97 44.54
C ILE B 200 1.44 -28.56 43.98
N ALA B 201 1.19 -27.55 44.82
CA ALA B 201 1.20 -26.17 44.34
C ALA B 201 2.58 -25.74 43.89
N ASN B 202 3.63 -26.13 44.64
CA ASN B 202 4.98 -25.70 44.29
C ASN B 202 5.42 -26.26 42.95
N THR B 203 5.17 -27.55 42.71
CA THR B 203 5.59 -28.18 41.45
C THR B 203 4.48 -28.12 40.40
N LYS B 204 3.92 -26.92 40.22
CA LYS B 204 3.02 -26.65 39.10
C LYS B 204 3.20 -25.24 38.56
N ASN B 205 4.29 -24.56 38.94
CA ASN B 205 4.50 -23.16 38.63
C ASN B 205 5.57 -22.96 37.55
N VAL B 206 6.75 -23.56 37.74
CA VAL B 206 7.85 -23.35 36.81
C VAL B 206 7.84 -24.38 35.68
N LEU B 207 7.31 -25.58 35.93
CA LEU B 207 7.39 -26.67 34.98
C LEU B 207 6.33 -26.61 33.88
N ARG B 208 5.70 -25.45 33.66
CA ARG B 208 4.73 -25.32 32.58
C ARG B 208 5.44 -25.08 31.24
N PHE B 209 6.40 -25.94 30.92
CA PHE B 209 7.03 -25.92 29.60
C PHE B 209 6.29 -26.77 28.58
N ILE B 210 5.49 -27.74 29.04
CA ILE B 210 4.76 -28.61 28.12
C ILE B 210 3.77 -27.79 27.30
N ILE B 211 3.13 -26.79 27.92
CA ILE B 211 2.17 -25.97 27.19
C ILE B 211 2.88 -25.23 26.05
N ILE B 212 4.04 -24.65 26.33
CA ILE B 212 4.71 -23.84 25.31
C ILE B 212 5.45 -24.70 24.29
N ILE B 213 5.73 -25.96 24.59
CA ILE B 213 6.33 -26.83 23.57
C ILE B 213 5.28 -27.57 22.75
N GLN B 214 4.05 -27.68 23.24
CA GLN B 214 2.97 -28.28 22.47
C GLN B 214 2.11 -27.25 21.75
N TYR B 215 2.15 -25.99 22.18
CA TYR B 215 1.41 -24.94 21.50
C TYR B 215 2.00 -24.60 20.14
N LEU B 216 3.31 -24.69 20.00
CA LEU B 216 3.95 -24.34 18.73
C LEU B 216 3.48 -25.21 17.57
N PRO B 217 3.41 -26.55 17.68
CA PRO B 217 2.88 -27.33 16.55
C PRO B 217 1.44 -26.97 16.20
N ARG B 218 0.60 -26.68 17.21
CA ARG B 218 -0.79 -26.34 16.93
C ARG B 218 -0.90 -25.05 16.13
N LEU B 219 -0.21 -23.99 16.58
CA LEU B 219 -0.22 -22.74 15.85
C LEU B 219 0.47 -22.85 14.50
N PHE B 220 1.42 -23.78 14.36
CA PHE B 220 2.06 -23.99 13.07
C PHE B 220 1.10 -24.65 12.09
N LEU B 221 0.34 -25.66 12.54
CA LEU B 221 -0.55 -26.37 11.64
C LEU B 221 -1.89 -25.66 11.44
N ILE B 222 -2.21 -24.65 12.25
CA ILE B 222 -3.45 -23.92 12.03
C ILE B 222 -3.42 -23.15 10.71
N PHE B 223 -2.23 -22.85 10.19
CA PHE B 223 -2.15 -22.07 8.95
C PHE B 223 -2.46 -22.92 7.73
N PRO B 224 -1.79 -24.08 7.52
CA PRO B 224 -2.14 -24.89 6.33
C PRO B 224 -3.59 -25.36 6.34
N LEU B 225 -4.12 -25.70 7.51
CA LEU B 225 -5.51 -26.16 7.58
C LEU B 225 -6.48 -25.02 7.25
N SER B 226 -6.22 -23.83 7.75
CA SER B 226 -7.06 -22.68 7.41
C SER B 226 -6.97 -22.35 5.93
N SER B 227 -5.76 -22.48 5.35
CA SER B 227 -5.62 -22.29 3.91
C SER B 227 -6.43 -23.31 3.13
N GLN B 228 -6.42 -24.56 3.58
CA GLN B 228 -7.25 -25.58 2.95
C GLN B 228 -8.72 -25.25 3.05
N ILE B 229 -9.16 -24.76 4.21
CA ILE B 229 -10.56 -24.39 4.39
C ILE B 229 -10.94 -23.27 3.43
N VAL B 230 -10.11 -22.22 3.35
CA VAL B 230 -10.45 -21.09 2.50
C VAL B 230 -10.30 -21.43 1.01
N LYS B 231 -9.52 -22.45 0.68
CA LYS B 231 -9.38 -22.91 -0.70
C LYS B 231 -10.46 -23.89 -1.11
N ALA B 232 -11.16 -24.50 -0.15
CA ALA B 232 -12.17 -25.52 -0.45
C ALA B 232 -13.59 -24.96 -0.39
N THR B 233 -13.75 -23.63 -0.32
CA THR B 233 -15.08 -23.05 -0.26
C THR B 233 -15.24 -21.85 -1.18
N GLY B 234 -14.39 -21.72 -2.20
CA GLY B 234 -14.50 -20.61 -3.12
C GLY B 234 -13.94 -19.32 -2.57
N VAL B 235 -14.59 -18.20 -2.89
CA VAL B 235 -14.12 -16.90 -2.40
C VAL B 235 -14.34 -16.81 -0.89
N VAL B 236 -13.39 -16.18 -0.21
CA VAL B 236 -13.42 -16.12 1.25
C VAL B 236 -14.55 -15.20 1.73
N THR B 237 -14.80 -14.11 1.03
CA THR B 237 -15.75 -13.09 1.48
C THR B 237 -16.25 -12.34 0.25
N GLU B 238 -16.93 -11.21 0.50
CA GLU B 238 -17.44 -10.40 -0.60
C GLU B 238 -16.34 -9.51 -1.19
N THR B 239 -15.85 -8.54 -0.42
CA THR B 239 -14.70 -7.77 -0.90
C THR B 239 -13.41 -8.16 -0.20
N ALA B 240 -13.30 -7.86 1.11
CA ALA B 240 -12.11 -8.26 1.85
C ALA B 240 -12.37 -8.57 3.32
N TRP B 241 -13.62 -8.80 3.73
CA TRP B 241 -13.93 -8.91 5.15
C TRP B 241 -13.19 -10.08 5.79
N ALA B 242 -13.13 -11.23 5.10
CA ALA B 242 -12.44 -12.38 5.65
C ALA B 242 -10.94 -12.09 5.82
N GLY B 243 -10.34 -11.46 4.81
CA GLY B 243 -8.93 -11.13 4.90
C GLY B 243 -8.64 -10.15 6.02
N ALA B 244 -9.52 -9.16 6.22
CA ALA B 244 -9.31 -8.19 7.28
C ALA B 244 -9.57 -8.76 8.67
N ALA B 245 -10.50 -9.70 8.79
CA ALA B 245 -10.85 -10.28 10.09
C ALA B 245 -9.92 -11.42 10.50
N TYR B 246 -9.34 -12.15 9.55
CA TYR B 246 -8.40 -13.21 9.92
C TYR B 246 -7.19 -12.64 10.62
N ASN B 247 -6.66 -11.50 10.14
CA ASN B 247 -5.52 -10.89 10.78
C ASN B 247 -5.86 -10.41 12.19
N LEU B 248 -7.06 -9.84 12.38
CA LEU B 248 -7.45 -9.41 13.71
C LEU B 248 -7.67 -10.59 14.65
N ILE B 249 -8.17 -11.72 14.13
CA ILE B 249 -8.32 -12.92 14.96
C ILE B 249 -6.96 -13.42 15.40
N LEU B 250 -6.01 -13.50 14.46
CA LEU B 250 -4.64 -13.85 14.84
C LEU B 250 -4.06 -12.85 15.83
N TYR B 251 -4.44 -11.58 15.69
CA TYR B 251 -3.90 -10.53 16.54
C TYR B 251 -4.39 -10.69 17.97
N MET B 252 -5.69 -10.95 18.13
CA MET B 252 -6.24 -11.24 19.45
C MET B 252 -5.65 -12.52 20.03
N LEU B 253 -5.44 -13.54 19.20
CA LEU B 253 -4.85 -14.78 19.70
C LEU B 253 -3.44 -14.54 20.21
N ALA B 254 -2.64 -13.77 19.47
CA ALA B 254 -1.29 -13.43 19.92
C ALA B 254 -1.34 -12.61 21.21
N SER B 255 -2.28 -11.67 21.30
CA SER B 255 -2.43 -10.89 22.52
C SER B 255 -2.76 -11.79 23.71
N HIS B 256 -3.67 -12.75 23.51
CA HIS B 256 -4.03 -13.67 24.59
C HIS B 256 -2.84 -14.51 25.02
N VAL B 257 -2.08 -15.03 24.06
CA VAL B 257 -0.92 -15.85 24.40
C VAL B 257 0.12 -15.02 25.14
N LEU B 258 0.36 -13.78 24.68
CA LEU B 258 1.33 -12.91 25.34
C LEU B 258 0.86 -12.56 26.75
N GLY B 259 -0.45 -12.36 26.94
CA GLY B 259 -0.95 -12.08 28.27
C GLY B 259 -0.77 -13.24 29.22
N ALA B 260 -1.08 -14.46 28.76
CA ALA B 260 -0.87 -15.63 29.60
C ALA B 260 0.60 -15.81 29.95
N CYS B 261 1.48 -15.63 28.96
CA CYS B 261 2.91 -15.73 29.23
C CYS B 261 3.36 -14.65 30.20
N TRP B 262 2.82 -13.44 30.06
CA TRP B 262 3.16 -12.36 30.98
C TRP B 262 2.74 -12.67 32.40
N TYR B 263 1.54 -13.23 32.58
CA TYR B 263 1.12 -13.58 33.94
C TYR B 263 2.00 -14.66 34.52
N LEU B 264 2.31 -15.70 33.75
CA LEU B 264 3.17 -16.76 34.26
C LEU B 264 4.56 -16.23 34.61
N LEU B 265 5.11 -15.38 33.75
CA LEU B 265 6.43 -14.82 34.02
C LEU B 265 6.41 -13.86 35.21
N SER B 266 5.32 -13.13 35.40
CA SER B 266 5.18 -12.30 36.58
C SER B 266 5.18 -13.13 37.85
N ILE B 267 4.45 -14.25 37.84
CA ILE B 267 4.48 -15.16 38.99
C ILE B 267 5.89 -15.69 39.19
N GLU B 268 6.59 -16.02 38.10
CA GLU B 268 7.97 -16.49 38.21
C GLU B 268 8.86 -15.45 38.88
N ARG B 269 8.77 -14.20 38.44
CA ARG B 269 9.65 -13.16 38.98
C ARG B 269 9.29 -12.83 40.42
N GLN B 270 8.00 -12.85 40.76
CA GLN B 270 7.63 -12.59 42.14
C GLN B 270 8.10 -13.73 43.05
N GLU B 271 8.06 -14.97 42.55
CA GLU B 271 8.63 -16.08 43.29
C GLU B 271 10.13 -15.93 43.45
N ALA B 272 10.80 -15.43 42.42
CA ALA B 272 12.24 -15.19 42.51
C ALA B 272 12.55 -14.12 43.55
N CYS B 273 11.73 -13.06 43.59
CA CYS B 273 11.89 -12.04 44.62
C CYS B 273 11.70 -12.63 46.01
N TRP B 274 10.70 -13.49 46.17
CA TRP B 274 10.50 -14.15 47.45
C TRP B 274 11.69 -15.04 47.82
N LYS B 275 12.26 -15.73 46.83
CA LYS B 275 13.43 -16.55 47.09
C LYS B 275 14.61 -15.69 47.53
N SER B 276 14.78 -14.53 46.90
CA SER B 276 15.85 -13.62 47.31
C SER B 276 15.65 -13.13 48.73
N VAL B 277 14.40 -12.80 49.08
CA VAL B 277 14.11 -12.37 50.45
C VAL B 277 14.40 -13.50 51.44
N CYS B 278 13.99 -14.72 51.09
CA CYS B 278 14.26 -15.86 51.96
C CYS B 278 15.75 -16.10 52.13
N LYS B 279 16.52 -15.93 51.05
CA LYS B 279 17.96 -16.03 51.16
C LYS B 279 18.52 -14.94 52.07
N LEU B 280 17.96 -13.73 52.00
CA LEU B 280 18.39 -12.66 52.91
C LEU B 280 18.02 -12.97 54.35
N GLU B 281 16.97 -13.77 54.57
CA GLU B 281 16.53 -14.13 55.91
C GLU B 281 16.58 -15.64 56.10
N GLU B 282 17.68 -16.26 55.70
CA GLU B 282 17.80 -17.72 55.74
C GLU B 282 17.76 -18.27 57.16
N SER B 283 17.91 -17.41 58.17
CA SER B 283 17.93 -17.88 59.55
C SER B 283 16.60 -18.54 59.92
N SER B 284 15.48 -17.96 59.50
CA SER B 284 14.16 -18.47 59.85
C SER B 284 13.24 -18.55 58.64
N CYS B 285 13.76 -19.04 57.51
CA CYS B 285 12.96 -19.21 56.31
C CYS B 285 13.50 -20.40 55.50
N GLN B 286 12.64 -20.93 54.63
CA GLN B 286 13.00 -22.07 53.80
C GLN B 286 12.52 -21.82 52.38
N PHE B 287 13.16 -22.49 51.42
CA PHE B 287 12.74 -22.35 50.03
C PHE B 287 11.37 -22.94 49.78
N ASP B 288 11.09 -24.11 50.36
CA ASP B 288 9.77 -24.73 50.28
C ASP B 288 8.80 -24.19 51.31
N PHE B 289 9.26 -23.26 52.16
CA PHE B 289 8.42 -22.64 53.16
C PHE B 289 7.35 -21.75 52.54
N PHE B 290 7.54 -21.35 51.28
CA PHE B 290 6.59 -20.48 50.59
C PHE B 290 5.45 -21.24 49.94
N ASP B 291 5.52 -22.57 49.86
CA ASP B 291 4.42 -23.35 49.33
C ASP B 291 3.18 -23.12 50.17
N CYS B 292 2.10 -22.66 49.53
CA CYS B 292 0.93 -22.19 50.26
C CYS B 292 0.17 -23.31 50.96
N ASN B 293 0.50 -24.57 50.66
CA ASN B 293 -0.09 -25.69 51.40
C ASN B 293 0.29 -25.66 52.87
N MET B 294 1.37 -24.97 53.23
CA MET B 294 1.83 -24.87 54.62
C MET B 294 1.58 -23.48 55.19
N VAL B 295 0.51 -22.82 54.76
CA VAL B 295 0.21 -21.47 55.23
C VAL B 295 -0.25 -21.46 56.69
N LYS B 296 -0.86 -22.54 57.16
CA LYS B 296 -1.43 -22.58 58.50
C LYS B 296 -0.41 -23.02 59.57
N ASP B 297 0.83 -23.27 59.18
CA ASP B 297 1.86 -23.65 60.15
C ASP B 297 2.13 -22.50 61.12
N SER B 298 2.45 -22.85 62.36
CA SER B 298 2.80 -21.84 63.35
C SER B 298 4.05 -21.08 62.94
N LEU B 299 5.04 -21.80 62.38
CA LEU B 299 6.23 -21.15 61.86
C LEU B 299 5.87 -20.16 60.76
N ARG B 300 4.87 -20.48 59.94
CA ARG B 300 4.44 -19.54 58.89
C ARG B 300 3.97 -18.23 59.50
N VAL B 301 3.11 -18.30 60.51
CA VAL B 301 2.59 -17.08 61.14
C VAL B 301 3.72 -16.31 61.80
N SER B 302 4.60 -17.02 62.52
CA SER B 302 5.69 -16.35 63.21
C SER B 302 6.60 -15.61 62.22
N TRP B 303 7.01 -16.29 61.16
CA TRP B 303 7.90 -15.66 60.20
C TRP B 303 7.22 -14.49 59.51
N PHE B 304 5.96 -14.66 59.12
CA PHE B 304 5.25 -13.61 58.42
C PHE B 304 5.05 -12.38 59.30
N VAL B 305 4.87 -12.59 60.61
CA VAL B 305 4.82 -11.46 61.54
C VAL B 305 6.19 -10.79 61.61
N THR B 306 7.26 -11.58 61.72
CA THR B 306 8.59 -11.00 61.86
C THR B 306 9.08 -10.38 60.56
N SER B 307 8.91 -11.07 59.44
CA SER B 307 9.50 -10.64 58.17
C SER B 307 8.71 -9.48 57.56
N ASN B 308 9.38 -8.76 56.65
CA ASN B 308 8.78 -7.66 55.91
C ASN B 308 8.71 -7.95 54.41
N VAL B 309 8.45 -9.20 54.04
CA VAL B 309 8.38 -9.56 52.63
C VAL B 309 7.18 -8.93 51.94
N THR B 310 6.18 -8.50 52.71
CA THR B 310 5.00 -7.88 52.12
C THR B 310 5.36 -6.58 51.39
N ASN B 311 6.24 -5.78 51.98
CA ASN B 311 6.65 -4.51 51.40
C ASN B 311 7.92 -4.63 50.56
N LEU B 312 8.85 -5.50 50.95
CA LEU B 312 10.14 -5.57 50.26
C LEU B 312 9.98 -6.02 48.81
N CYS B 313 9.12 -7.01 48.56
CA CYS B 313 8.90 -7.51 47.21
C CYS B 313 7.76 -6.72 46.55
N SER B 314 8.10 -5.49 46.16
CA SER B 314 7.16 -4.60 45.51
C SER B 314 7.95 -3.63 44.64
N PRO B 315 7.36 -3.14 43.55
CA PRO B 315 8.07 -2.15 42.72
C PRO B 315 8.39 -0.86 43.46
N ASN B 316 7.65 -0.54 44.53
CA ASN B 316 7.96 0.64 45.31
C ASN B 316 9.34 0.54 45.95
N SER B 317 9.66 -0.63 46.51
CA SER B 317 10.98 -0.86 47.06
C SER B 317 11.99 -1.09 45.95
N LEU B 318 13.27 -0.96 46.30
CA LEU B 318 14.36 -1.12 45.35
C LEU B 318 15.17 -2.38 45.61
N PHE B 319 14.62 -3.34 46.37
CA PHE B 319 15.33 -4.57 46.66
C PHE B 319 15.56 -5.40 45.39
N TYR B 320 14.50 -5.64 44.64
CA TYR B 320 14.55 -6.51 43.48
C TYR B 320 13.94 -5.78 42.28
N GLN B 321 14.57 -5.92 41.12
CA GLN B 321 14.15 -5.21 39.91
C GLN B 321 13.04 -6.02 39.25
N PHE B 322 11.80 -5.57 39.41
CA PHE B 322 10.68 -6.23 38.75
C PHE B 322 10.65 -5.91 37.26
N GLY B 323 10.90 -4.65 36.91
CA GLY B 323 10.94 -4.29 35.50
C GLY B 323 9.54 -4.23 34.91
N ILE B 324 9.30 -5.03 33.87
CA ILE B 324 8.02 -4.98 33.17
C ILE B 324 6.91 -5.74 33.89
N TYR B 325 7.25 -6.57 34.86
CA TYR B 325 6.25 -7.26 35.67
C TYR B 325 5.86 -6.47 36.91
N GLY B 326 6.44 -5.28 37.10
CA GLY B 326 6.07 -4.45 38.23
C GLY B 326 4.62 -4.01 38.18
N ASP B 327 4.07 -3.82 36.98
CA ASP B 327 2.67 -3.44 36.84
C ASP B 327 1.74 -4.52 37.39
N ALA B 328 2.20 -5.77 37.44
CA ALA B 328 1.35 -6.84 37.99
C ALA B 328 1.22 -6.71 39.50
N VAL B 329 2.33 -6.49 40.19
CA VAL B 329 2.27 -6.38 41.65
C VAL B 329 1.71 -5.04 42.08
N THR B 330 1.96 -3.97 41.31
CA THR B 330 1.38 -2.68 41.64
C THR B 330 -0.14 -2.71 41.54
N SER B 331 -0.67 -3.34 40.48
CA SER B 331 -2.10 -3.44 40.27
C SER B 331 -2.72 -4.65 40.95
N LYS B 332 -1.91 -5.48 41.62
CA LYS B 332 -2.41 -6.65 42.36
C LYS B 332 -3.20 -7.58 41.47
N VAL B 333 -2.73 -7.78 40.23
CA VAL B 333 -3.43 -8.67 39.31
C VAL B 333 -3.25 -10.12 39.69
N THR B 334 -2.18 -10.47 40.41
CA THR B 334 -1.92 -11.85 40.80
C THR B 334 -2.75 -12.28 42.01
N THR B 335 -3.76 -11.50 42.39
CA THR B 335 -4.60 -11.82 43.53
C THR B 335 -6.09 -11.88 43.18
N SER B 336 -6.54 -11.10 42.20
CA SER B 336 -7.96 -11.01 41.88
C SER B 336 -8.47 -12.34 41.32
N ALA B 337 -9.78 -12.36 41.06
CA ALA B 337 -10.44 -13.56 40.55
C ALA B 337 -9.95 -13.88 39.15
N PHE B 338 -10.43 -15.00 38.60
CA PHE B 338 -9.94 -15.47 37.30
C PHE B 338 -10.29 -14.50 36.18
N PHE B 339 -11.52 -13.99 36.16
CA PHE B 339 -11.94 -13.16 35.04
C PHE B 339 -11.20 -11.81 35.03
N ASN B 340 -11.09 -11.16 36.20
CA ASN B 340 -10.41 -9.88 36.26
C ASN B 340 -8.97 -9.99 35.79
N LYS B 341 -8.24 -10.97 36.33
CA LYS B 341 -6.82 -11.10 35.98
C LYS B 341 -6.64 -11.58 34.55
N TYR B 342 -7.53 -12.45 34.07
CA TYR B 342 -7.45 -12.87 32.67
C TYR B 342 -7.65 -11.69 31.74
N PHE B 343 -8.64 -10.85 32.02
CA PHE B 343 -8.87 -9.69 31.16
C PHE B 343 -7.72 -8.70 31.27
N PHE B 344 -7.14 -8.54 32.47
CA PHE B 344 -6.00 -7.64 32.60
C PHE B 344 -4.81 -8.13 31.80
N CYS B 345 -4.53 -9.43 31.83
CA CYS B 345 -3.41 -9.97 31.08
C CYS B 345 -3.67 -9.88 29.58
N LEU B 346 -4.90 -10.17 29.15
CA LEU B 346 -5.22 -10.04 27.73
C LEU B 346 -5.07 -8.60 27.26
N TRP B 347 -5.53 -7.64 28.06
CA TRP B 347 -5.37 -6.23 27.70
C TRP B 347 -3.91 -5.83 27.69
N TRP B 348 -3.13 -6.34 28.63
CA TRP B 348 -1.69 -6.05 28.63
C TRP B 348 -1.04 -6.54 27.36
N GLY B 349 -1.38 -7.77 26.95
CA GLY B 349 -0.84 -8.29 25.71
C GLY B 349 -1.25 -7.46 24.52
N LEU B 350 -2.54 -7.11 24.43
CA LEU B 350 -3.03 -6.34 23.31
C LEU B 350 -2.40 -4.95 23.26
N ARG B 351 -2.19 -4.33 24.43
CA ARG B 351 -1.66 -2.98 24.46
C ARG B 351 -0.17 -2.97 24.14
N ASN B 352 0.59 -3.90 24.70
CA ASN B 352 2.03 -3.92 24.41
C ASN B 352 2.37 -4.61 23.10
N LEU B 353 1.38 -5.20 22.43
CA LEU B 353 1.55 -5.66 21.05
C LEU B 353 1.05 -4.62 20.06
N SER B 354 0.09 -3.78 20.45
CA SER B 354 -0.41 -2.74 19.57
C SER B 354 0.52 -1.54 19.52
N SER B 355 1.19 -1.21 20.62
CA SER B 355 2.12 -0.09 20.67
C SER B 355 3.56 -0.53 20.41
N LEU B 356 3.74 -1.71 19.81
CA LEU B 356 5.04 -2.19 19.34
C LEU B 356 6.03 -2.40 20.47
N GLY B 357 5.56 -2.44 21.71
CA GLY B 357 6.41 -2.75 22.84
C GLY B 357 6.88 -1.59 23.68
N GLN B 358 6.51 -0.36 23.32
CA GLN B 358 6.87 0.78 24.15
C GLN B 358 6.18 0.68 25.51
N GLY B 359 6.88 1.15 26.54
CA GLY B 359 6.44 0.97 27.90
C GLY B 359 6.99 -0.26 28.59
N LEU B 360 7.69 -1.12 27.85
CA LEU B 360 8.34 -2.29 28.45
C LEU B 360 9.71 -1.89 28.97
N LEU B 361 9.70 -1.11 30.06
CA LEU B 361 10.93 -0.66 30.69
C LEU B 361 11.53 -1.86 31.43
N THR B 362 12.32 -2.63 30.69
CA THR B 362 12.79 -3.92 31.16
C THR B 362 13.86 -3.77 32.23
N SER B 363 14.18 -4.89 32.86
CA SER B 363 15.29 -5.01 33.80
C SER B 363 16.46 -5.71 33.12
N THR B 364 17.61 -5.67 33.79
CA THR B 364 18.85 -6.23 33.22
C THR B 364 18.89 -7.74 33.39
N PHE B 365 17.87 -8.40 32.83
CA PHE B 365 17.77 -9.85 32.86
C PHE B 365 17.52 -10.37 31.45
N VAL B 366 18.22 -11.44 31.09
CA VAL B 366 18.23 -11.89 29.70
C VAL B 366 16.86 -12.43 29.29
N GLY B 367 16.20 -13.18 30.17
CA GLY B 367 14.92 -13.79 29.80
C GLY B 367 13.84 -12.76 29.57
N GLU B 368 13.74 -11.78 30.47
CA GLU B 368 12.71 -10.75 30.33
C GLU B 368 12.98 -9.87 29.11
N ILE B 369 14.25 -9.56 28.86
CA ILE B 369 14.60 -8.78 27.66
C ILE B 369 14.26 -9.56 26.40
N MET B 370 14.55 -10.86 26.38
CA MET B 370 14.20 -11.68 25.23
C MET B 370 12.69 -11.71 25.01
N PHE B 371 11.93 -11.81 26.11
CA PHE B 371 10.48 -11.79 26.00
C PHE B 371 10.01 -10.46 25.41
N ALA B 372 10.59 -9.35 25.86
CA ALA B 372 10.21 -8.05 25.33
C ALA B 372 10.56 -7.93 23.84
N ILE B 373 11.71 -8.48 23.45
CA ILE B 373 12.10 -8.44 22.04
C ILE B 373 11.13 -9.26 21.20
N VAL B 374 10.72 -10.42 21.71
CA VAL B 374 9.72 -11.23 21.01
C VAL B 374 8.42 -10.46 20.85
N ILE B 375 7.99 -9.78 21.92
CA ILE B 375 6.75 -8.99 21.85
C ILE B 375 6.89 -7.91 20.78
N ALA B 376 8.03 -7.20 20.77
CA ALA B 376 8.21 -6.10 19.83
C ALA B 376 8.20 -6.60 18.39
N THR B 377 8.97 -7.66 18.10
CA THR B 377 9.03 -8.18 16.73
C THR B 377 7.67 -8.71 16.28
N LEU B 378 6.98 -9.45 17.15
CA LEU B 378 5.67 -9.98 16.79
C LEU B 378 4.67 -8.85 16.57
N GLY B 379 4.73 -7.80 17.41
CA GLY B 379 3.86 -6.66 17.21
C GLY B 379 4.13 -5.95 15.90
N LEU B 380 5.41 -5.80 15.54
CA LEU B 380 5.75 -5.18 14.26
C LEU B 380 5.20 -5.98 13.09
N VAL B 381 5.42 -7.30 13.11
CA VAL B 381 4.95 -8.14 12.01
C VAL B 381 3.43 -8.09 11.92
N LEU B 382 2.74 -8.21 13.05
CA LEU B 382 1.29 -8.22 13.04
C LEU B 382 0.72 -6.88 12.60
N PHE B 383 1.31 -5.77 13.07
CA PHE B 383 0.81 -4.46 12.67
C PHE B 383 1.03 -4.21 11.19
N ALA B 384 2.19 -4.61 10.66
CA ALA B 384 2.43 -4.45 9.23
C ALA B 384 1.47 -5.31 8.42
N LEU B 385 1.20 -6.53 8.89
CA LEU B 385 0.24 -7.39 8.19
C LEU B 385 -1.15 -6.78 8.20
N LEU B 386 -1.56 -6.19 9.33
CA LEU B 386 -2.86 -5.54 9.40
C LEU B 386 -2.93 -4.36 8.44
N ILE B 387 -1.87 -3.56 8.39
CA ILE B 387 -1.85 -2.42 7.47
C ILE B 387 -1.97 -2.91 6.03
N GLY B 388 -1.23 -3.97 5.69
CA GLY B 388 -1.31 -4.52 4.35
C GLY B 388 -2.69 -5.05 4.01
N ASN B 389 -3.31 -5.76 4.95
CA ASN B 389 -4.65 -6.29 4.73
C ASN B 389 -5.66 -5.16 4.52
N MET B 390 -5.57 -4.10 5.31
CA MET B 390 -6.51 -3.00 5.14
C MET B 390 -6.27 -2.26 3.83
N GLN B 391 -5.01 -2.11 3.42
CA GLN B 391 -4.74 -1.50 2.12
C GLN B 391 -5.29 -2.36 0.99
N THR B 392 -5.16 -3.69 1.12
CA THR B 392 -5.76 -4.58 0.14
C THR B 392 -7.27 -4.43 0.10
N TYR B 393 -7.90 -4.28 1.27
CA TYR B 393 -9.34 -4.06 1.32
C TYR B 393 -9.72 -2.78 0.60
N LEU B 394 -8.97 -1.70 0.85
CA LEU B 394 -9.27 -0.43 0.18
C LEU B 394 -9.09 -0.55 -1.33
N GLN B 395 -8.05 -1.24 -1.77
CA GLN B 395 -7.82 -1.39 -3.20
C GLN B 395 -8.89 -2.27 -3.85
N SER B 396 -9.39 -3.27 -3.12
CA SER B 396 -10.40 -4.15 -3.68
C SER B 396 -11.78 -3.51 -3.72
N THR B 397 -12.12 -2.70 -2.70
CA THR B 397 -13.46 -2.14 -2.66
C THR B 397 -13.64 -1.05 -3.71
N THR B 398 -12.61 -0.25 -3.97
CA THR B 398 -12.69 0.78 -5.00
C THR B 398 -12.38 0.19 -6.38
N VAL B 399 -11.15 -0.32 -6.55
CA VAL B 399 -10.56 -0.77 -7.80
C VAL B 399 -11.14 -0.11 -9.06
N ARG B 400 -12.43 -0.31 -9.32
CA ARG B 400 -13.05 0.19 -10.54
C ARG B 400 -13.09 1.71 -10.61
N LEU B 401 -13.23 2.37 -9.46
CA LEU B 401 -13.19 3.84 -9.43
C LEU B 401 -11.80 4.36 -9.74
N GLU B 402 -10.76 3.56 -9.50
CA GLU B 402 -9.39 4.06 -9.66
C GLU B 402 -9.07 4.35 -11.13
N GLU B 403 -9.32 3.39 -12.03
CA GLU B 403 -9.02 3.66 -13.42
C GLU B 403 -10.02 4.64 -14.02
N TRP B 404 -11.22 4.74 -13.44
CA TRP B 404 -12.14 5.78 -13.88
C TRP B 404 -11.59 7.17 -13.57
N ARG B 405 -11.06 7.36 -12.36
CA ARG B 405 -10.40 8.62 -12.03
C ARG B 405 -9.18 8.84 -12.91
N VAL B 406 -8.43 7.77 -13.20
CA VAL B 406 -7.26 7.88 -14.07
C VAL B 406 -7.67 8.36 -15.45
N LYS B 407 -8.73 7.77 -16.00
CA LYS B 407 -9.24 8.16 -17.31
C LYS B 407 -9.75 9.60 -17.30
N ARG B 408 -10.44 9.99 -16.22
CA ARG B 408 -10.96 11.36 -16.15
C ARG B 408 -9.82 12.37 -16.11
N THR B 409 -8.80 12.11 -15.30
CA THR B 409 -7.68 13.05 -15.25
C THR B 409 -6.87 13.02 -16.55
N ASP B 410 -6.77 11.86 -17.21
CA ASP B 410 -6.06 11.80 -18.48
C ASP B 410 -6.79 12.58 -19.56
N THR B 411 -8.11 12.45 -19.63
CA THR B 411 -8.87 13.18 -20.63
C THR B 411 -9.02 14.66 -20.27
N GLU B 412 -8.84 15.02 -19.00
CA GLU B 412 -8.78 16.43 -18.65
C GLU B 412 -7.45 17.05 -19.03
N GLN B 413 -6.35 16.34 -18.80
CA GLN B 413 -5.03 16.87 -19.15
C GLN B 413 -4.83 16.90 -20.66
N TRP B 414 -5.23 15.83 -21.36
CA TRP B 414 -5.14 15.80 -22.81
C TRP B 414 -5.98 16.92 -23.44
N MET B 415 -7.18 17.13 -22.90
CA MET B 415 -8.05 18.19 -23.40
C MET B 415 -7.46 19.57 -23.17
N HIS B 416 -6.55 19.70 -22.19
CA HIS B 416 -5.86 20.96 -21.96
C HIS B 416 -4.60 21.08 -22.81
N HIS B 417 -3.89 19.98 -23.04
CA HIS B 417 -2.67 20.03 -23.84
C HIS B 417 -2.96 20.41 -25.28
N ARG B 418 -4.03 19.85 -25.85
CA ARG B 418 -4.43 20.18 -27.21
C ARG B 418 -5.23 21.47 -27.30
N GLN B 419 -5.59 22.06 -26.15
CA GLN B 419 -6.30 23.34 -26.09
C GLN B 419 -7.63 23.27 -26.83
N LEU B 420 -8.50 22.39 -26.34
CA LEU B 420 -9.85 22.28 -26.90
C LEU B 420 -10.73 23.43 -26.40
N PRO B 421 -11.74 23.81 -27.18
CA PRO B 421 -12.63 24.90 -26.73
C PRO B 421 -13.46 24.47 -25.52
N GLN B 422 -13.85 25.47 -24.73
CA GLN B 422 -14.57 25.21 -23.49
C GLN B 422 -15.91 24.52 -23.76
N GLU B 423 -16.58 24.87 -24.85
CA GLU B 423 -17.88 24.27 -25.16
C GLU B 423 -17.77 22.76 -25.39
N LEU B 424 -16.74 22.34 -26.14
CA LEU B 424 -16.60 20.92 -26.45
C LEU B 424 -16.14 20.13 -25.23
N ARG B 425 -15.44 20.77 -24.29
CA ARG B 425 -15.01 20.07 -23.08
C ARG B 425 -16.21 19.60 -22.27
N GLN B 426 -17.23 20.45 -22.14
CA GLN B 426 -18.41 20.13 -21.36
C GLN B 426 -19.18 18.96 -21.94
N SER B 427 -18.95 18.62 -23.20
CA SER B 427 -19.60 17.46 -23.80
C SER B 427 -18.85 16.17 -23.53
N VAL B 428 -17.52 16.19 -23.68
CA VAL B 428 -16.73 14.98 -23.46
C VAL B 428 -16.73 14.61 -21.97
N ARG B 429 -16.53 15.60 -21.10
CA ARG B 429 -16.50 15.29 -19.67
C ARG B 429 -17.88 14.98 -19.12
N LYS B 430 -18.95 15.26 -19.87
CA LYS B 430 -20.28 14.82 -19.49
C LYS B 430 -20.59 13.43 -20.03
N TYR B 431 -20.11 13.12 -21.23
CA TYR B 431 -20.27 11.77 -21.77
C TYR B 431 -19.53 10.75 -20.91
N ASP B 432 -18.30 11.10 -20.48
CA ASP B 432 -17.56 10.19 -19.62
C ASP B 432 -18.28 9.98 -18.29
N GLN B 433 -18.82 11.06 -17.72
CA GLN B 433 -19.55 10.96 -16.46
C GLN B 433 -20.80 10.09 -16.62
N TYR B 434 -21.54 10.27 -17.72
CA TYR B 434 -22.71 9.45 -17.97
C TYR B 434 -22.34 7.99 -18.16
N LYS B 435 -21.25 7.71 -18.87
CA LYS B 435 -20.81 6.33 -19.02
C LYS B 435 -20.44 5.72 -17.67
N TRP B 436 -19.76 6.49 -16.83
CA TRP B 436 -19.40 6.00 -15.50
C TRP B 436 -20.65 5.69 -14.67
N ILE B 437 -21.67 6.55 -14.74
CA ILE B 437 -22.88 6.29 -13.97
C ILE B 437 -23.63 5.09 -14.53
N ALA B 438 -23.71 4.97 -15.85
CA ALA B 438 -24.54 3.92 -16.46
C ALA B 438 -23.90 2.55 -16.38
N THR B 439 -22.57 2.46 -16.50
CA THR B 439 -21.91 1.17 -16.52
C THR B 439 -20.96 0.94 -15.36
N ARG B 440 -20.38 1.99 -14.78
CA ARG B 440 -19.38 1.88 -13.72
C ARG B 440 -18.25 0.94 -14.15
N GLY B 441 -17.55 1.37 -15.19
CA GLY B 441 -16.54 0.51 -15.80
C GLY B 441 -17.22 -0.68 -16.45
N VAL B 442 -16.68 -1.87 -16.18
CA VAL B 442 -17.22 -3.13 -16.67
C VAL B 442 -17.20 -3.14 -18.19
N ASP B 443 -16.14 -3.70 -18.77
CA ASP B 443 -16.04 -3.84 -20.22
C ASP B 443 -17.03 -4.91 -20.65
N GLU B 444 -18.12 -4.48 -21.29
CA GLU B 444 -19.20 -5.40 -21.63
C GLU B 444 -18.71 -6.51 -22.55
N GLU B 445 -17.94 -6.15 -23.58
CA GLU B 445 -17.44 -7.14 -24.52
C GLU B 445 -16.47 -8.11 -23.86
N SER B 446 -15.50 -7.57 -23.10
CA SER B 446 -14.48 -8.40 -22.49
C SER B 446 -15.08 -9.35 -21.45
N LEU B 447 -15.99 -8.84 -20.63
CA LEU B 447 -16.64 -9.69 -19.64
C LEU B 447 -17.60 -10.68 -20.28
N LEU B 448 -18.21 -10.30 -21.40
CA LEU B 448 -19.20 -11.18 -22.03
C LEU B 448 -18.54 -12.33 -22.79
N ARG B 449 -17.38 -12.10 -23.41
CA ARG B 449 -16.75 -13.19 -24.15
C ARG B 449 -16.26 -14.30 -23.23
N GLY B 450 -16.02 -14.00 -21.95
CA GLY B 450 -15.60 -15.03 -21.02
C GLY B 450 -16.65 -16.09 -20.78
N LEU B 451 -17.92 -15.72 -20.82
CA LEU B 451 -19.00 -16.66 -20.61
C LEU B 451 -19.05 -17.66 -21.78
N PRO B 452 -19.57 -18.86 -21.55
CA PRO B 452 -19.66 -19.84 -22.63
C PRO B 452 -20.64 -19.40 -23.71
N LEU B 453 -20.66 -20.16 -24.80
CA LEU B 453 -21.54 -19.84 -25.92
C LEU B 453 -23.00 -19.89 -25.49
N ASP B 454 -23.37 -20.92 -24.73
CA ASP B 454 -24.76 -21.05 -24.28
C ASP B 454 -25.17 -19.90 -23.38
N LEU B 455 -24.35 -19.60 -22.37
CA LEU B 455 -24.66 -18.49 -21.48
C LEU B 455 -24.67 -17.17 -22.23
N ARG B 456 -23.73 -16.98 -23.15
CA ARG B 456 -23.69 -15.74 -23.92
C ARG B 456 -24.95 -15.56 -24.76
N ARG B 457 -25.36 -16.62 -25.47
CA ARG B 457 -26.56 -16.50 -26.31
C ARG B 457 -27.81 -16.33 -25.47
N ASP B 458 -27.88 -16.99 -24.31
CA ASP B 458 -29.04 -16.82 -23.43
C ASP B 458 -29.11 -15.39 -22.92
N ILE B 459 -27.99 -14.83 -22.47
CA ILE B 459 -27.98 -13.46 -21.98
C ILE B 459 -28.36 -12.49 -23.09
N LYS B 460 -27.80 -12.69 -24.28
CA LYS B 460 -28.09 -11.79 -25.39
C LYS B 460 -29.56 -11.86 -25.81
N ARG B 461 -30.13 -13.07 -25.86
CA ARG B 461 -31.53 -13.18 -26.25
C ARG B 461 -32.46 -12.64 -25.18
N HIS B 462 -32.10 -12.78 -23.90
CA HIS B 462 -32.95 -12.20 -22.86
C HIS B 462 -32.87 -10.68 -22.87
N LEU B 463 -31.66 -10.13 -23.05
CA LEU B 463 -31.52 -8.68 -23.10
C LEU B 463 -32.22 -8.09 -24.32
N CYS B 464 -32.12 -8.77 -25.47
CA CYS B 464 -32.70 -8.28 -26.73
C CYS B 464 -33.53 -9.40 -27.36
N LEU B 465 -34.79 -9.49 -26.95
CA LEU B 465 -35.75 -10.40 -27.58
C LEU B 465 -36.87 -9.61 -28.26
N GLU B 466 -37.58 -8.77 -27.51
CA GLU B 466 -38.60 -7.93 -28.11
C GLU B 466 -38.01 -6.76 -28.88
N LEU B 467 -36.77 -6.36 -28.58
CA LEU B 467 -36.13 -5.28 -29.33
C LEU B 467 -35.93 -5.69 -30.78
N VAL B 468 -35.44 -6.91 -31.02
CA VAL B 468 -35.22 -7.37 -32.38
C VAL B 468 -36.51 -7.86 -33.04
N ARG B 469 -37.55 -8.13 -32.25
CA ARG B 469 -38.82 -8.60 -32.82
C ARG B 469 -39.59 -7.49 -33.52
N ARG B 470 -39.29 -6.22 -33.23
CA ARG B 470 -40.00 -5.11 -33.86
C ARG B 470 -39.57 -4.86 -35.29
N VAL B 471 -38.40 -5.35 -35.70
CA VAL B 471 -37.93 -5.13 -37.07
C VAL B 471 -38.80 -5.92 -38.03
N PRO B 472 -39.24 -5.35 -39.15
CA PRO B 472 -40.08 -6.10 -40.09
C PRO B 472 -39.38 -7.29 -40.71
N LEU B 473 -38.06 -7.34 -40.67
CA LEU B 473 -37.30 -8.44 -41.29
C LEU B 473 -37.15 -9.63 -40.35
N PHE B 474 -36.57 -9.39 -39.16
CA PHE B 474 -36.23 -10.47 -38.24
C PHE B 474 -37.43 -11.01 -37.47
N ASP B 475 -38.62 -10.39 -37.60
CA ASP B 475 -39.76 -10.81 -36.80
C ASP B 475 -40.26 -12.19 -37.19
N ALA B 476 -40.73 -12.33 -38.43
CA ALA B 476 -41.33 -13.59 -38.89
C ALA B 476 -40.30 -14.42 -39.67
N MET B 477 -39.27 -14.87 -38.96
CA MET B 477 -38.24 -15.69 -39.58
C MET B 477 -37.50 -16.45 -38.49
N ASP B 478 -36.72 -17.44 -38.92
CA ASP B 478 -36.18 -18.46 -38.01
C ASP B 478 -35.23 -17.85 -36.99
N GLU B 479 -35.18 -18.49 -35.82
CA GLU B 479 -34.39 -18.00 -34.70
C GLU B 479 -32.88 -18.18 -34.89
N ARG B 480 -32.46 -18.90 -35.93
CA ARG B 480 -31.03 -19.06 -36.19
C ARG B 480 -30.36 -17.71 -36.39
N MET B 481 -30.90 -16.91 -37.31
CA MET B 481 -30.31 -15.61 -37.57
C MET B 481 -30.61 -14.63 -36.43
N LEU B 482 -31.72 -14.82 -35.72
CA LEU B 482 -31.96 -14.06 -34.50
C LEU B 482 -30.86 -14.32 -33.47
N ASP B 483 -30.50 -15.59 -33.29
CA ASP B 483 -29.39 -15.91 -32.39
C ASP B 483 -28.10 -15.29 -32.89
N ALA B 484 -27.84 -15.38 -34.19
CA ALA B 484 -26.60 -14.85 -34.74
C ALA B 484 -26.49 -13.34 -34.52
N ILE B 485 -27.57 -12.60 -34.75
CA ILE B 485 -27.51 -11.15 -34.59
C ILE B 485 -27.45 -10.79 -33.10
N CYS B 486 -28.18 -11.52 -32.26
CA CYS B 486 -28.23 -11.15 -30.84
C CYS B 486 -26.91 -11.41 -30.14
N GLU B 487 -26.26 -12.54 -30.45
CA GLU B 487 -25.02 -12.87 -29.76
C GLU B 487 -23.89 -11.90 -30.10
N ARG B 488 -24.07 -11.09 -31.15
CA ARG B 488 -23.00 -10.26 -31.67
C ARG B 488 -23.37 -8.77 -31.65
N LEU B 489 -24.50 -8.41 -31.06
CA LEU B 489 -24.81 -7.01 -30.82
C LEU B 489 -23.87 -6.41 -29.78
N LYS B 490 -23.68 -5.10 -29.85
CA LYS B 490 -22.85 -4.37 -28.91
C LYS B 490 -23.62 -3.22 -28.29
N PRO B 491 -23.33 -2.88 -27.03
CA PRO B 491 -23.98 -1.71 -26.41
C PRO B 491 -23.42 -0.41 -26.95
N ALA B 492 -24.23 0.65 -26.81
CA ALA B 492 -23.84 1.98 -27.26
C ALA B 492 -24.56 3.01 -26.41
N LEU B 493 -23.85 4.10 -26.11
CA LEU B 493 -24.40 5.19 -25.29
C LEU B 493 -24.26 6.51 -26.04
N CYS B 494 -24.97 7.52 -25.53
CA CYS B 494 -24.87 8.87 -26.05
C CYS B 494 -25.30 9.84 -24.96
N THR B 495 -24.63 10.99 -24.91
CA THR B 495 -24.83 11.95 -23.84
C THR B 495 -25.98 12.90 -24.18
N GLU B 496 -26.18 13.89 -23.32
CA GLU B 496 -27.27 14.84 -23.47
C GLU B 496 -27.05 15.72 -24.71
N ASN B 497 -28.12 15.93 -25.47
CA ASN B 497 -28.12 16.81 -26.64
C ASN B 497 -27.03 16.39 -27.63
N THR B 498 -27.15 15.17 -28.14
CA THR B 498 -26.18 14.61 -29.07
C THR B 498 -26.76 14.54 -30.47
N TYR B 499 -26.04 15.09 -31.45
CA TYR B 499 -26.39 14.96 -32.86
C TYR B 499 -25.87 13.60 -33.33
N LEU B 500 -26.63 12.56 -33.01
CA LEU B 500 -26.21 11.18 -33.23
C LEU B 500 -25.95 10.89 -34.70
N VAL B 501 -27.00 10.92 -35.52
CA VAL B 501 -26.87 10.67 -36.96
C VAL B 501 -27.66 11.72 -37.72
N ARG B 502 -26.98 12.75 -38.20
CA ARG B 502 -27.64 13.78 -38.98
C ARG B 502 -27.89 13.29 -40.41
N GLU B 503 -28.74 14.01 -41.13
CA GLU B 503 -29.10 13.61 -42.48
C GLU B 503 -27.89 13.71 -43.39
N GLY B 504 -27.70 12.68 -44.23
CA GLY B 504 -26.57 12.58 -45.11
C GLY B 504 -25.39 11.81 -44.55
N ASP B 505 -25.33 11.62 -43.24
CA ASP B 505 -24.26 10.84 -42.64
C ASP B 505 -24.43 9.35 -42.98
N PRO B 506 -23.34 8.60 -43.03
CA PRO B 506 -23.45 7.17 -43.33
C PRO B 506 -24.15 6.43 -42.20
N VAL B 507 -24.90 5.39 -42.58
CA VAL B 507 -25.58 4.53 -41.62
C VAL B 507 -24.68 3.32 -41.40
N ASN B 508 -23.78 3.43 -40.43
CA ASN B 508 -22.86 2.36 -40.10
C ASN B 508 -23.30 1.51 -38.91
N GLU B 509 -24.04 2.09 -37.97
CA GLU B 509 -24.60 1.34 -36.86
C GLU B 509 -26.10 1.61 -36.78
N MET B 510 -26.89 0.54 -36.70
CA MET B 510 -28.32 0.62 -36.47
C MET B 510 -28.61 0.25 -35.02
N LEU B 511 -29.42 1.06 -34.36
CA LEU B 511 -29.49 1.09 -32.91
C LEU B 511 -30.84 0.61 -32.40
N PHE B 512 -30.84 -0.03 -31.23
CA PHE B 512 -32.05 -0.40 -30.52
C PHE B 512 -32.10 0.38 -29.22
N ILE B 513 -33.18 1.10 -29.00
CA ILE B 513 -33.31 1.96 -27.82
C ILE B 513 -33.94 1.15 -26.70
N ILE B 514 -33.23 1.05 -25.58
CA ILE B 514 -33.69 0.24 -24.44
C ILE B 514 -33.96 1.15 -23.24
N ARG B 515 -33.33 2.32 -23.22
CA ARG B 515 -33.48 3.25 -22.11
C ARG B 515 -33.21 4.65 -22.61
N GLY B 516 -34.27 5.44 -22.78
CA GLY B 516 -34.16 6.81 -23.21
C GLY B 516 -35.08 7.10 -24.39
N ASN B 517 -35.05 8.36 -24.82
CA ASN B 517 -35.88 8.84 -25.91
C ASN B 517 -35.02 9.57 -26.94
N LEU B 518 -35.35 9.37 -28.21
CA LEU B 518 -34.65 10.01 -29.32
C LEU B 518 -35.54 11.07 -29.97
N ASP B 519 -34.97 11.75 -30.96
CA ASP B 519 -35.71 12.77 -31.70
C ASP B 519 -35.08 12.87 -33.08
N SER B 520 -35.73 12.29 -34.08
CA SER B 520 -35.25 12.30 -35.46
C SER B 520 -36.32 12.89 -36.36
N TYR B 521 -35.90 13.74 -37.30
CA TYR B 521 -36.83 14.38 -38.23
C TYR B 521 -36.21 14.44 -39.61
N THR B 522 -37.07 14.48 -40.62
CA THR B 522 -36.67 14.60 -42.02
C THR B 522 -37.33 15.84 -42.61
N THR B 523 -36.53 16.87 -42.86
CA THR B 523 -37.05 18.13 -43.40
C THR B 523 -36.98 18.16 -44.92
N ASP B 524 -37.51 17.11 -45.56
CA ASP B 524 -37.59 17.03 -47.03
C ASP B 524 -36.23 17.25 -47.68
N GLY B 525 -35.17 16.75 -47.06
CA GLY B 525 -33.83 16.95 -47.57
C GLY B 525 -33.20 18.28 -47.24
N GLY B 526 -33.88 19.13 -46.45
CA GLY B 526 -33.32 20.42 -46.10
C GLY B 526 -34.28 21.57 -46.35
N ARG B 527 -35.55 21.26 -46.61
CA ARG B 527 -36.57 22.25 -46.91
C ARG B 527 -37.53 22.37 -45.74
N THR B 528 -37.78 23.59 -45.29
CA THR B 528 -38.72 23.83 -44.21
C THR B 528 -40.14 23.46 -44.65
N GLY B 529 -40.93 22.97 -43.69
CA GLY B 529 -42.28 22.53 -43.99
C GLY B 529 -42.62 21.21 -43.35
N PHE B 530 -42.90 20.20 -44.18
CA PHE B 530 -43.23 18.86 -43.69
C PHE B 530 -42.10 18.31 -42.84
N PHE B 531 -42.44 17.88 -41.63
CA PHE B 531 -41.46 17.41 -40.65
C PHE B 531 -41.76 15.97 -40.26
N ASN B 532 -40.70 15.18 -40.09
CA ASN B 532 -40.82 13.80 -39.63
C ASN B 532 -40.37 13.63 -38.18
N SER B 533 -40.57 14.67 -37.36
CA SER B 533 -40.18 14.61 -35.95
C SER B 533 -41.12 13.65 -35.21
N CYS B 534 -40.61 12.46 -34.91
CA CYS B 534 -41.39 11.44 -34.23
C CYS B 534 -40.81 11.18 -32.84
N ARG B 535 -41.69 11.03 -31.86
CA ARG B 535 -41.28 10.76 -30.47
C ARG B 535 -40.86 9.30 -30.37
N ILE B 536 -39.69 9.01 -30.95
CA ILE B 536 -39.12 7.68 -30.91
C ILE B 536 -38.41 7.49 -29.57
N GLY B 537 -38.76 6.41 -28.87
CA GLY B 537 -38.23 6.17 -27.54
C GLY B 537 -37.82 4.74 -27.30
N PRO B 538 -38.06 4.24 -26.09
CA PRO B 538 -37.61 2.89 -25.74
C PRO B 538 -38.31 1.83 -26.57
N GLY B 539 -37.60 0.74 -26.82
CA GLY B 539 -38.14 -0.38 -27.57
C GLY B 539 -38.51 -0.04 -29.00
N ASP B 540 -37.72 0.79 -29.65
CA ASP B 540 -37.99 1.23 -31.02
C ASP B 540 -36.86 0.77 -31.95
N PHE B 541 -36.94 1.19 -33.21
CA PHE B 541 -35.97 0.83 -34.23
C PHE B 541 -35.52 2.09 -34.96
N CYS B 542 -34.22 2.16 -35.27
CA CYS B 542 -33.66 3.29 -35.99
C CYS B 542 -32.61 2.79 -36.98
N GLY B 543 -32.40 3.58 -38.03
CA GLY B 543 -31.43 3.22 -39.05
C GLY B 543 -31.93 2.18 -40.03
N GLU B 544 -33.02 2.49 -40.73
CA GLU B 544 -33.58 1.54 -41.69
C GLU B 544 -32.75 1.44 -42.96
N GLU B 545 -31.87 2.42 -43.22
CA GLU B 545 -31.05 2.37 -44.42
C GLU B 545 -30.15 1.15 -44.44
N LEU B 546 -29.54 0.82 -43.29
CA LEU B 546 -28.72 -0.39 -43.22
C LEU B 546 -29.57 -1.64 -43.40
N LEU B 547 -30.81 -1.61 -42.91
CA LEU B 547 -31.72 -2.74 -43.14
C LEU B 547 -31.99 -2.94 -44.63
N THR B 548 -32.23 -1.85 -45.36
CA THR B 548 -32.43 -1.96 -46.81
C THR B 548 -31.15 -2.43 -47.50
N TRP B 549 -30.00 -1.94 -47.04
CA TRP B 549 -28.73 -2.38 -47.63
C TRP B 549 -28.53 -3.88 -47.44
N ALA B 550 -28.84 -4.40 -46.24
CA ALA B 550 -28.77 -5.83 -46.01
C ALA B 550 -29.78 -6.58 -46.86
N LEU B 551 -30.99 -6.03 -47.04
CA LEU B 551 -32.01 -6.68 -47.84
C LEU B 551 -31.65 -6.74 -49.33
N ASP B 552 -30.66 -5.96 -49.77
CA ASP B 552 -30.28 -5.99 -51.18
C ASP B 552 -29.58 -7.29 -51.50
N PRO B 553 -30.09 -8.10 -52.44
CA PRO B 553 -29.42 -9.38 -52.74
C PRO B 553 -28.03 -9.23 -53.31
N ARG B 554 -27.77 -8.21 -54.10
CA ARG B 554 -26.46 -8.08 -54.75
C ARG B 554 -25.45 -7.57 -53.73
N PRO B 555 -24.32 -8.26 -53.55
CA PRO B 555 -23.38 -7.86 -52.49
C PRO B 555 -22.67 -6.56 -52.80
N THR B 556 -23.42 -5.45 -52.79
CA THR B 556 -22.85 -4.14 -53.04
C THR B 556 -22.14 -3.60 -51.80
N MET B 557 -21.21 -2.68 -52.04
CA MET B 557 -20.39 -2.11 -50.97
C MET B 557 -20.67 -0.63 -50.74
N VAL B 558 -21.79 -0.12 -51.24
CA VAL B 558 -22.15 1.28 -51.07
C VAL B 558 -22.89 1.44 -49.74
N ILE B 559 -22.42 2.36 -48.92
CA ILE B 559 -23.02 2.64 -47.61
C ILE B 559 -24.14 3.66 -47.82
N PRO B 560 -25.40 3.31 -47.55
CA PRO B 560 -26.48 4.30 -47.71
C PRO B 560 -26.33 5.44 -46.73
N SER B 561 -26.70 6.63 -47.18
CA SER B 561 -26.67 7.82 -46.34
C SER B 561 -27.96 7.95 -45.55
N SER B 562 -27.85 8.54 -44.36
CA SER B 562 -29.01 8.70 -43.49
C SER B 562 -29.99 9.71 -44.09
N THR B 563 -31.27 9.35 -44.07
CA THR B 563 -32.32 10.23 -44.57
C THR B 563 -32.95 11.10 -43.48
N ARG B 564 -32.57 10.90 -42.22
CA ARG B 564 -33.13 11.66 -41.11
C ARG B 564 -32.00 12.11 -40.19
N THR B 565 -32.30 13.15 -39.40
CA THR B 565 -31.34 13.70 -38.44
C THR B 565 -31.61 13.07 -37.09
N VAL B 566 -30.95 11.95 -36.82
CA VAL B 566 -31.13 11.25 -35.55
C VAL B 566 -30.45 12.06 -34.45
N LYS B 567 -31.23 12.52 -33.48
CA LYS B 567 -30.74 13.36 -32.40
C LYS B 567 -31.27 12.85 -31.08
N ALA B 568 -30.42 12.85 -30.05
CA ALA B 568 -30.80 12.36 -28.73
C ALA B 568 -31.30 13.53 -27.89
N ILE B 569 -32.59 13.53 -27.56
CA ILE B 569 -33.16 14.59 -26.74
C ILE B 569 -32.63 14.50 -25.31
N SER B 570 -32.40 13.29 -24.82
CA SER B 570 -31.93 13.06 -23.46
C SER B 570 -30.91 11.92 -23.46
N GLU B 571 -30.44 11.57 -22.27
CA GLU B 571 -29.50 10.47 -22.14
C GLU B 571 -30.16 9.16 -22.58
N VAL B 572 -29.43 8.39 -23.40
CA VAL B 572 -29.98 7.21 -24.05
C VAL B 572 -28.95 6.10 -24.03
N GLU B 573 -29.39 4.89 -23.67
CA GLU B 573 -28.59 3.69 -23.77
C GLU B 573 -29.14 2.83 -24.90
N ALA B 574 -28.27 2.39 -25.80
CA ALA B 574 -28.71 1.73 -27.03
C ALA B 574 -27.83 0.52 -27.30
N PHE B 575 -28.23 -0.25 -28.32
CA PHE B 575 -27.51 -1.45 -28.75
C PHE B 575 -27.07 -1.25 -30.19
N ALA B 576 -25.77 -1.38 -30.44
CA ALA B 576 -25.19 -1.07 -31.75
C ALA B 576 -24.84 -2.34 -32.51
N LEU B 577 -24.70 -2.18 -33.82
CA LEU B 577 -24.27 -3.26 -34.70
C LEU B 577 -23.66 -2.65 -35.96
N ILE B 578 -22.44 -3.08 -36.29
CA ILE B 578 -21.71 -2.50 -37.41
C ILE B 578 -22.31 -3.00 -38.72
N ALA B 579 -22.22 -2.16 -39.77
CA ALA B 579 -22.82 -2.49 -41.05
C ALA B 579 -22.23 -3.77 -41.64
N GLU B 580 -20.92 -3.94 -41.56
CA GLU B 580 -20.29 -5.15 -42.10
C GLU B 580 -20.78 -6.39 -41.38
N ASP B 581 -21.09 -6.28 -40.08
CA ASP B 581 -21.66 -7.42 -39.36
C ASP B 581 -23.01 -7.82 -39.94
N LEU B 582 -23.86 -6.83 -40.24
CA LEU B 582 -25.16 -7.15 -40.83
C LEU B 582 -24.99 -7.71 -42.24
N LYS B 583 -24.00 -7.21 -42.99
CA LYS B 583 -23.72 -7.78 -44.31
C LYS B 583 -23.29 -9.23 -44.20
N PHE B 584 -22.44 -9.54 -43.22
CA PHE B 584 -22.01 -10.92 -43.00
C PHE B 584 -23.20 -11.80 -42.63
N VAL B 585 -24.10 -11.27 -41.79
CA VAL B 585 -25.29 -12.03 -41.42
C VAL B 585 -26.15 -12.31 -42.65
N ALA B 586 -26.36 -11.28 -43.48
CA ALA B 586 -27.19 -11.46 -44.66
C ALA B 586 -26.53 -12.36 -45.70
N SER B 587 -25.21 -12.47 -45.67
CA SER B 587 -24.50 -13.31 -46.62
C SER B 587 -24.86 -14.78 -46.45
N GLN B 588 -24.97 -15.25 -45.21
CA GLN B 588 -25.28 -16.65 -44.95
C GLN B 588 -26.76 -16.92 -45.18
N ARG C 69 -48.15 12.98 -5.25
CA ARG C 69 -47.21 13.53 -4.28
C ARG C 69 -46.01 12.61 -4.09
N ILE C 70 -46.10 11.40 -4.65
CA ILE C 70 -45.03 10.43 -4.53
C ILE C 70 -43.83 10.90 -5.32
N PHE C 71 -42.65 10.88 -4.69
CA PHE C 71 -41.44 11.43 -5.27
C PHE C 71 -40.63 10.36 -5.98
N ASP C 72 -40.06 10.72 -7.12
CA ASP C 72 -39.18 9.80 -7.84
C ASP C 72 -37.90 9.57 -7.04
N PRO C 73 -37.47 8.31 -6.88
CA PRO C 73 -36.25 8.06 -6.09
C PRO C 73 -35.01 8.74 -6.64
N ARG C 74 -34.92 8.90 -7.96
CA ARG C 74 -33.76 9.55 -8.59
C ARG C 74 -33.97 11.03 -8.83
N GLY C 75 -35.09 11.59 -8.38
CA GLY C 75 -35.36 13.00 -8.62
C GLY C 75 -34.45 13.90 -7.83
N GLN C 76 -34.40 15.17 -8.26
CA GLN C 76 -33.56 16.16 -7.58
C GLN C 76 -34.04 16.44 -6.18
N THR C 77 -35.36 16.41 -5.95
CA THR C 77 -35.89 16.68 -4.61
C THR C 77 -35.38 15.64 -3.61
N ILE C 78 -35.42 14.37 -3.98
CA ILE C 78 -34.92 13.32 -3.09
C ILE C 78 -33.41 13.45 -2.91
N HIS C 79 -32.68 13.86 -3.95
CA HIS C 79 -31.24 14.01 -3.83
C HIS C 79 -30.89 15.11 -2.82
N GLN C 80 -31.52 16.28 -2.94
CA GLN C 80 -31.25 17.36 -1.99
C GLN C 80 -31.76 17.01 -0.60
N TRP C 81 -32.88 16.30 -0.50
CA TRP C 81 -33.37 15.88 0.80
C TRP C 81 -32.39 14.92 1.47
N ASN C 82 -31.82 14.00 0.70
CA ASN C 82 -30.83 13.08 1.26
C ASN C 82 -29.54 13.81 1.64
N LYS C 83 -29.16 14.85 0.88
CA LYS C 83 -28.02 15.66 1.28
C LYS C 83 -28.26 16.32 2.64
N ILE C 84 -29.38 17.02 2.78
CA ILE C 84 -29.63 17.69 4.06
C ILE C 84 -29.89 16.69 5.18
N PHE C 85 -30.41 15.50 4.87
CA PHE C 85 -30.55 14.45 5.86
C PHE C 85 -29.21 13.88 6.29
N LEU C 86 -28.24 13.79 5.38
CA LEU C 86 -26.88 13.42 5.77
C LEU C 86 -26.29 14.48 6.70
N VAL C 87 -26.54 15.76 6.39
CA VAL C 87 -26.09 16.82 7.28
C VAL C 87 -26.71 16.67 8.66
N ALA C 88 -28.02 16.40 8.70
CA ALA C 88 -28.71 16.24 9.97
C ALA C 88 -28.20 15.03 10.74
N CYS C 89 -27.93 13.92 10.06
CA CYS C 89 -27.40 12.74 10.73
C CYS C 89 -26.01 13.00 11.30
N LEU C 90 -25.16 13.71 10.56
CA LEU C 90 -23.85 14.06 11.11
C LEU C 90 -23.98 14.97 12.33
N ILE C 91 -24.90 15.93 12.26
CA ILE C 91 -25.12 16.80 13.42
C ILE C 91 -25.61 15.98 14.62
N SER C 92 -26.50 15.03 14.37
CA SER C 92 -26.98 14.17 15.45
C SER C 92 -25.84 13.34 16.03
N LEU C 93 -24.97 12.80 15.18
CA LEU C 93 -23.85 12.00 15.67
C LEU C 93 -22.87 12.85 16.47
N PHE C 94 -22.72 14.12 16.12
CA PHE C 94 -21.82 15.00 16.87
C PHE C 94 -22.47 15.62 18.10
N VAL C 95 -23.79 15.57 18.20
CA VAL C 95 -24.48 16.23 19.32
C VAL C 95 -24.94 15.24 20.38
N ASP C 96 -25.41 14.07 19.99
CA ASP C 96 -25.96 13.12 20.95
C ASP C 96 -24.96 12.70 22.02
N PRO C 97 -23.71 12.34 21.71
CA PRO C 97 -22.77 11.98 22.78
C PRO C 97 -22.46 13.13 23.74
N LEU C 98 -22.74 14.38 23.35
CA LEU C 98 -22.52 15.50 24.27
C LEU C 98 -23.37 15.38 25.53
N PHE C 99 -24.43 14.57 25.50
CA PHE C 99 -25.24 14.37 26.69
C PHE C 99 -24.46 13.68 27.81
N PHE C 100 -23.35 13.02 27.48
CA PHE C 100 -22.53 12.39 28.51
C PHE C 100 -21.79 13.42 29.37
N TYR C 101 -21.61 14.64 28.87
CA TYR C 101 -20.93 15.69 29.60
C TYR C 101 -21.84 16.45 30.54
N LEU C 102 -23.11 16.07 30.62
CA LEU C 102 -24.05 16.75 31.52
C LEU C 102 -23.63 16.67 32.99
N PRO C 103 -23.26 15.52 33.55
CA PRO C 103 -22.90 15.49 34.98
C PRO C 103 -21.64 16.29 35.25
N ILE C 104 -21.70 17.11 36.31
CA ILE C 104 -20.57 17.92 36.75
C ILE C 104 -20.32 17.63 38.22
N VAL C 105 -19.07 17.33 38.56
CA VAL C 105 -18.68 17.10 39.95
C VAL C 105 -18.26 18.43 40.55
N GLN C 106 -18.97 18.86 41.59
CA GLN C 106 -18.67 20.12 42.24
C GLN C 106 -17.51 19.98 43.21
N ASP C 107 -17.11 21.11 43.80
CA ASP C 107 -15.98 21.11 44.73
C ASP C 107 -16.33 20.48 46.07
N GLU C 108 -17.60 20.53 46.48
CA GLU C 108 -18.03 19.97 47.76
C GLU C 108 -18.34 18.48 47.67
N VAL C 109 -17.79 17.78 46.68
CA VAL C 109 -17.99 16.34 46.49
C VAL C 109 -19.47 16.05 46.32
N CYS C 110 -20.02 16.45 45.18
CA CYS C 110 -21.41 16.15 44.84
C CYS C 110 -21.52 16.14 43.32
N ILE C 111 -22.57 15.48 42.83
CA ILE C 111 -22.80 15.34 41.40
C ILE C 111 -24.00 16.20 41.03
N ASP C 112 -23.80 17.13 40.09
CA ASP C 112 -24.85 18.03 39.64
C ASP C 112 -24.76 18.16 38.13
N ILE C 113 -25.88 18.54 37.51
CA ILE C 113 -25.99 18.69 36.07
C ILE C 113 -26.40 20.12 35.76
N GLY C 114 -25.62 20.78 34.90
CA GLY C 114 -25.95 22.13 34.46
C GLY C 114 -27.26 22.18 33.68
N ILE C 115 -28.17 23.05 34.11
CA ILE C 115 -29.48 23.11 33.48
C ILE C 115 -29.37 23.70 32.08
N ALA C 116 -28.56 24.75 31.92
CA ALA C 116 -28.48 25.44 30.62
C ALA C 116 -27.91 24.52 29.54
N VAL C 117 -26.84 23.79 29.86
CA VAL C 117 -26.24 22.89 28.88
C VAL C 117 -27.23 21.79 28.51
N GLU C 118 -27.95 21.26 29.49
CA GLU C 118 -28.94 20.22 29.22
C GLU C 118 -30.05 20.76 28.31
N VAL C 119 -30.51 21.99 28.57
CA VAL C 119 -31.57 22.56 27.75
C VAL C 119 -31.08 22.77 26.32
N PHE C 120 -29.87 23.30 26.15
CA PHE C 120 -29.35 23.53 24.81
C PHE C 120 -29.21 22.21 24.06
N LEU C 121 -28.65 21.20 24.70
CA LEU C 121 -28.46 19.90 24.06
C LEU C 121 -29.80 19.26 23.72
N ILE C 122 -30.79 19.37 24.61
CA ILE C 122 -32.08 18.73 24.35
C ILE C 122 -32.81 19.45 23.23
N ILE C 123 -32.63 20.76 23.12
CA ILE C 123 -33.23 21.50 22.01
C ILE C 123 -32.61 21.07 20.68
N ILE C 124 -31.28 20.96 20.65
CA ILE C 124 -30.62 20.53 19.43
C ILE C 124 -31.04 19.11 19.05
N ARG C 125 -31.12 18.22 20.04
CA ARG C 125 -31.54 16.86 19.77
C ARG C 125 -33.00 16.81 19.32
N SER C 126 -33.85 17.70 19.84
CA SER C 126 -35.23 17.76 19.37
C SER C 126 -35.28 18.17 17.90
N ILE C 127 -34.45 19.13 17.51
CA ILE C 127 -34.38 19.51 16.10
C ILE C 127 -33.94 18.31 15.26
N ALA C 128 -32.91 17.60 15.73
CA ALA C 128 -32.41 16.45 14.97
C ALA C 128 -33.47 15.36 14.83
N ASP C 129 -34.21 15.09 15.90
CA ASP C 129 -35.23 14.05 15.83
C ASP C 129 -36.44 14.48 15.03
N VAL C 130 -36.73 15.78 15.00
CA VAL C 130 -37.75 16.29 14.08
C VAL C 130 -37.32 16.03 12.64
N PHE C 131 -36.05 16.28 12.33
CA PHE C 131 -35.54 15.97 10.99
C PHE C 131 -35.64 14.47 10.70
N TYR C 132 -35.35 13.64 11.71
CA TYR C 132 -35.44 12.19 11.53
C TYR C 132 -36.88 11.74 11.25
N VAL C 133 -37.85 12.28 11.98
CA VAL C 133 -39.24 11.88 11.73
C VAL C 133 -39.72 12.42 10.38
N ILE C 134 -39.23 13.59 9.96
CA ILE C 134 -39.54 14.06 8.62
C ILE C 134 -38.94 13.13 7.57
N HIS C 135 -37.75 12.58 7.85
CA HIS C 135 -37.20 11.57 6.95
C HIS C 135 -38.06 10.32 6.91
N ILE C 136 -38.58 9.90 8.06
CA ILE C 136 -39.53 8.79 8.07
C ILE C 136 -40.71 9.09 7.16
N PHE C 137 -41.25 10.30 7.28
CA PHE C 137 -42.37 10.72 6.42
C PHE C 137 -41.99 10.66 4.95
N MET C 138 -40.83 11.22 4.60
CA MET C 138 -40.42 11.31 3.21
C MET C 138 -40.19 9.93 2.61
N ARG C 139 -39.53 9.04 3.35
CA ARG C 139 -39.31 7.68 2.85
C ARG C 139 -40.56 6.83 2.92
N PHE C 140 -41.59 7.25 3.67
CA PHE C 140 -42.87 6.56 3.62
C PHE C 140 -43.72 7.08 2.46
N HIS C 141 -43.34 8.23 1.89
CA HIS C 141 -43.95 8.74 0.66
C HIS C 141 -42.96 8.81 -0.50
N THR C 142 -42.18 7.76 -0.72
CA THR C 142 -41.26 7.70 -1.86
C THR C 142 -41.55 6.46 -2.69
N ALA C 143 -41.19 6.53 -3.97
CA ALA C 143 -41.38 5.42 -4.90
C ALA C 143 -40.12 4.56 -4.95
N TYR C 144 -40.33 3.25 -5.10
CA TYR C 144 -39.24 2.29 -5.19
C TYR C 144 -39.29 1.59 -6.55
N VAL C 145 -38.12 1.24 -7.08
CA VAL C 145 -38.02 0.61 -8.38
C VAL C 145 -38.42 -0.86 -8.23
N ALA C 146 -39.48 -1.25 -8.92
CA ALA C 146 -39.90 -2.65 -8.90
C ALA C 146 -38.86 -3.53 -9.59
N PRO C 147 -38.54 -4.69 -9.02
CA PRO C 147 -37.53 -5.59 -9.61
C PRO C 147 -38.05 -6.39 -10.80
N SER C 148 -38.69 -5.69 -11.74
CA SER C 148 -39.19 -6.32 -12.95
C SER C 148 -38.12 -6.27 -14.04
N SER C 149 -37.73 -7.44 -14.54
CA SER C 149 -36.69 -7.50 -15.56
C SER C 149 -37.14 -6.83 -16.85
N ARG C 150 -38.31 -7.21 -17.36
CA ARG C 150 -38.84 -6.71 -18.63
C ARG C 150 -37.83 -6.86 -19.76
N VAL C 151 -38.03 -6.11 -20.85
CA VAL C 151 -37.11 -6.14 -21.97
C VAL C 151 -36.60 -4.72 -22.26
N PHE C 152 -37.50 -3.75 -22.23
CA PHE C 152 -37.17 -2.37 -22.54
C PHE C 152 -37.78 -1.44 -21.50
N GLY C 153 -37.16 -0.28 -21.32
CA GLY C 153 -37.67 0.73 -20.43
C GLY C 153 -37.17 0.55 -19.00
N ARG C 154 -37.25 1.64 -18.24
CA ARG C 154 -36.85 1.64 -16.84
C ARG C 154 -37.91 2.27 -15.94
N GLY C 155 -39.10 2.57 -16.47
CA GLY C 155 -40.16 3.15 -15.67
C GLY C 155 -40.86 2.12 -14.81
N GLU C 156 -40.13 1.53 -13.86
CA GLU C 156 -40.66 0.51 -12.98
C GLU C 156 -41.03 1.08 -11.61
N LEU C 157 -41.08 2.40 -11.48
CA LEU C 157 -41.47 3.01 -10.22
C LEU C 157 -42.91 2.64 -9.88
N VAL C 158 -43.16 2.34 -8.61
CA VAL C 158 -44.49 1.95 -8.15
C VAL C 158 -45.13 3.16 -7.49
N ILE C 159 -46.22 3.65 -8.09
CA ILE C 159 -46.95 4.78 -7.52
C ILE C 159 -47.96 4.34 -6.47
N ASP C 160 -48.18 3.04 -6.30
CA ASP C 160 -49.15 2.54 -5.33
C ASP C 160 -48.64 2.80 -3.92
N SER C 161 -49.42 3.55 -3.13
CA SER C 161 -49.03 3.84 -1.76
C SER C 161 -49.00 2.59 -0.90
N SER C 162 -49.97 1.69 -1.08
CA SER C 162 -50.03 0.50 -0.26
C SER C 162 -48.82 -0.40 -0.50
N LYS C 163 -48.41 -0.57 -1.75
CA LYS C 163 -47.28 -1.45 -2.05
C LYS C 163 -45.98 -0.91 -1.48
N ILE C 164 -45.72 0.39 -1.68
CA ILE C 164 -44.49 0.98 -1.16
C ILE C 164 -44.51 0.96 0.37
N ALA C 165 -45.68 1.20 0.98
CA ALA C 165 -45.78 1.13 2.43
C ALA C 165 -45.48 -0.27 2.93
N SER C 166 -46.03 -1.30 2.27
CA SER C 166 -45.78 -2.67 2.70
C SER C 166 -44.30 -3.01 2.55
N ARG C 167 -43.68 -2.59 1.44
CA ARG C 167 -42.26 -2.85 1.25
C ARG C 167 -41.44 -2.18 2.34
N TYR C 168 -41.78 -0.93 2.68
CA TYR C 168 -41.04 -0.21 3.71
C TYR C 168 -41.20 -0.89 5.07
N LEU C 169 -42.40 -1.34 5.40
CA LEU C 169 -42.61 -2.03 6.67
C LEU C 169 -41.92 -3.39 6.72
N HIS C 170 -41.78 -4.08 5.57
CA HIS C 170 -41.03 -5.33 5.58
C HIS C 170 -39.56 -5.10 5.94
N LYS C 171 -38.95 -4.05 5.41
CA LYS C 171 -37.54 -3.80 5.67
C LYS C 171 -37.27 -2.31 5.60
N GLY C 172 -36.54 -1.79 6.59
CA GLY C 172 -36.12 -0.41 6.64
C GLY C 172 -36.88 0.44 7.64
N PHE C 173 -38.11 0.04 7.98
CA PHE C 173 -38.88 0.82 8.93
C PHE C 173 -38.38 0.64 10.36
N PHE C 174 -38.08 -0.61 10.74
CA PHE C 174 -37.69 -0.88 12.12
C PHE C 174 -36.35 -0.23 12.46
N LEU C 175 -35.34 -0.45 11.62
CA LEU C 175 -34.00 0.04 11.93
C LEU C 175 -33.91 1.55 11.86
N ASP C 176 -34.78 2.19 11.08
CA ASP C 176 -34.77 3.65 11.01
C ASP C 176 -35.65 4.29 12.07
N PHE C 177 -36.74 3.63 12.46
CA PHE C 177 -37.61 4.15 13.50
C PHE C 177 -37.03 3.97 14.89
N ILE C 178 -36.26 2.91 15.12
CA ILE C 178 -35.61 2.72 16.41
C ILE C 178 -34.60 3.85 16.67
N ALA C 179 -34.11 4.48 15.60
CA ALA C 179 -33.17 5.59 15.71
C ALA C 179 -33.84 6.93 15.45
N ALA C 180 -35.14 7.00 15.56
CA ALA C 180 -35.86 8.24 15.28
C ALA C 180 -36.73 8.71 16.44
N LEU C 181 -37.27 7.79 17.24
CA LEU C 181 -38.13 8.18 18.34
C LEU C 181 -37.32 8.93 19.39
N PRO C 182 -37.89 9.99 19.99
CA PRO C 182 -37.11 10.85 20.90
C PRO C 182 -37.14 10.38 22.35
N LEU C 183 -36.58 9.19 22.58
CA LEU C 183 -36.47 8.64 23.92
C LEU C 183 -35.57 9.52 24.81
N PRO C 184 -34.40 9.97 24.35
CA PRO C 184 -33.62 10.90 25.18
C PRO C 184 -34.34 12.21 25.45
N GLN C 185 -35.31 12.57 24.63
CA GLN C 185 -36.07 13.80 24.83
C GLN C 185 -37.23 13.64 25.79
N VAL C 186 -37.55 12.42 26.21
CA VAL C 186 -38.65 12.16 27.14
C VAL C 186 -38.14 11.62 28.46
N LEU C 187 -37.21 10.66 28.44
CA LEU C 187 -36.81 10.03 29.69
C LEU C 187 -35.89 10.90 30.53
N ILE C 188 -35.58 12.11 30.08
CA ILE C 188 -34.78 13.06 30.87
C ILE C 188 -35.69 14.16 31.37
N TRP C 189 -36.71 14.51 30.57
CA TRP C 189 -37.49 15.72 30.80
C TRP C 189 -38.87 15.46 31.39
N ILE C 190 -39.45 14.27 31.19
CA ILE C 190 -40.78 13.97 31.72
C ILE C 190 -40.72 12.78 32.67
N VAL C 191 -39.77 11.87 32.43
CA VAL C 191 -39.73 10.63 33.20
C VAL C 191 -39.01 10.82 34.53
N ILE C 192 -37.81 11.40 34.51
CA ILE C 192 -37.09 11.62 35.76
C ILE C 192 -37.86 12.51 36.72
N PRO C 193 -38.48 13.62 36.31
CA PRO C 193 -39.34 14.35 37.25
C PRO C 193 -40.49 13.52 37.78
N ASN C 194 -41.02 12.59 36.98
CA ASN C 194 -42.10 11.70 37.41
C ASN C 194 -41.59 10.34 37.86
N LEU C 195 -40.28 10.16 37.95
CA LEU C 195 -39.72 8.89 38.40
C LEU C 195 -40.00 8.68 39.89
N GLY C 196 -39.90 7.43 40.32
CA GLY C 196 -40.15 7.08 41.70
C GLY C 196 -39.06 7.55 42.63
N GLY C 197 -38.94 8.87 42.77
CA GLY C 197 -37.91 9.45 43.61
C GLY C 197 -37.81 10.94 43.35
N SER C 198 -37.03 11.60 44.21
CA SER C 198 -36.82 13.03 44.13
C SER C 198 -35.40 13.40 43.74
N THR C 199 -34.50 12.43 43.62
CA THR C 199 -33.10 12.70 43.25
C THR C 199 -33.01 12.79 41.74
N ILE C 200 -33.25 13.99 41.21
CA ILE C 200 -33.16 14.20 39.77
C ILE C 200 -31.71 14.06 39.30
N ALA C 201 -30.75 14.50 40.12
CA ALA C 201 -29.36 14.46 39.72
C ALA C 201 -28.79 13.04 39.78
N ASN C 202 -29.17 12.28 40.80
CA ASN C 202 -28.61 10.94 40.97
C ASN C 202 -29.03 10.02 39.84
N THR C 203 -30.29 10.09 39.41
CA THR C 203 -30.81 9.20 38.37
C THR C 203 -30.60 9.78 36.98
N LYS C 204 -29.36 10.19 36.69
CA LYS C 204 -28.98 10.58 35.33
C LYS C 204 -27.57 10.12 34.98
N ASN C 205 -26.96 9.27 35.81
CA ASN C 205 -25.61 8.77 35.58
C ASN C 205 -25.57 7.28 35.25
N VAL C 206 -26.26 6.45 36.02
CA VAL C 206 -26.23 5.01 35.78
C VAL C 206 -27.15 4.61 34.62
N LEU C 207 -28.26 5.33 34.42
CA LEU C 207 -29.22 5.02 33.38
C LEU C 207 -28.88 5.64 32.03
N ARG C 208 -27.63 6.02 31.80
CA ARG C 208 -27.23 6.56 30.51
C ARG C 208 -26.98 5.43 29.52
N PHE C 209 -27.95 4.53 29.38
CA PHE C 209 -27.88 3.44 28.42
C PHE C 209 -28.70 3.71 27.16
N ILE C 210 -29.72 4.57 27.26
CA ILE C 210 -30.56 4.84 26.08
C ILE C 210 -29.75 5.49 24.98
N ILE C 211 -28.82 6.37 25.34
CA ILE C 211 -28.00 7.04 24.34
C ILE C 211 -27.18 6.02 23.56
N ILE C 212 -26.52 5.11 24.29
CA ILE C 212 -25.64 4.15 23.63
C ILE C 212 -26.41 3.03 22.94
N ILE C 213 -27.67 2.80 23.31
CA ILE C 213 -28.44 1.76 22.63
C ILE C 213 -29.12 2.33 21.38
N GLN C 214 -29.42 3.63 21.36
CA GLN C 214 -29.99 4.23 20.17
C GLN C 214 -28.92 4.74 19.21
N TYR C 215 -27.70 4.98 19.69
CA TYR C 215 -26.64 5.45 18.82
C TYR C 215 -26.25 4.42 17.77
N LEU C 216 -26.24 3.13 18.13
CA LEU C 216 -25.81 2.10 17.20
C LEU C 216 -26.66 2.05 15.93
N PRO C 217 -28.00 2.10 15.98
CA PRO C 217 -28.76 2.16 14.72
C PRO C 217 -28.40 3.36 13.85
N ARG C 218 -28.14 4.52 14.46
CA ARG C 218 -27.77 5.70 13.68
C ARG C 218 -26.42 5.50 13.02
N LEU C 219 -25.43 5.04 13.78
CA LEU C 219 -24.10 4.79 13.23
C LEU C 219 -24.10 3.64 12.25
N PHE C 220 -25.14 2.81 12.24
CA PHE C 220 -25.24 1.74 11.26
C PHE C 220 -25.88 2.24 9.97
N LEU C 221 -26.97 2.99 10.08
CA LEU C 221 -27.66 3.48 8.88
C LEU C 221 -27.01 4.70 8.28
N ILE C 222 -26.02 5.30 8.94
CA ILE C 222 -25.33 6.43 8.31
C ILE C 222 -24.52 5.96 7.11
N PHE C 223 -23.95 4.76 7.15
CA PHE C 223 -23.12 4.29 6.05
C PHE C 223 -23.90 4.12 4.75
N PRO C 224 -25.08 3.47 4.71
CA PRO C 224 -25.82 3.41 3.44
C PRO C 224 -26.20 4.77 2.89
N LEU C 225 -26.54 5.72 3.77
CA LEU C 225 -26.87 7.06 3.31
C LEU C 225 -25.67 7.73 2.66
N SER C 226 -24.50 7.63 3.28
CA SER C 226 -23.29 8.21 2.70
C SER C 226 -22.95 7.54 1.38
N SER C 227 -23.14 6.22 1.30
CA SER C 227 -22.89 5.50 0.05
C SER C 227 -23.82 6.00 -1.05
N GLN C 228 -25.10 6.19 -0.73
CA GLN C 228 -26.04 6.72 -1.73
C GLN C 228 -25.65 8.12 -2.16
N ILE C 229 -25.24 8.97 -1.22
CA ILE C 229 -24.84 10.34 -1.57
C ILE C 229 -23.62 10.32 -2.50
N VAL C 230 -22.62 9.51 -2.17
CA VAL C 230 -21.41 9.49 -2.99
C VAL C 230 -21.61 8.77 -4.31
N LYS C 231 -22.61 7.90 -4.42
CA LYS C 231 -22.92 7.23 -5.67
C LYS C 231 -23.94 7.99 -6.51
N ALA C 232 -24.55 9.05 -5.96
CA ALA C 232 -25.51 9.84 -6.70
C ALA C 232 -24.93 11.18 -7.17
N THR C 233 -23.60 11.30 -7.17
CA THR C 233 -22.98 12.56 -7.58
C THR C 233 -21.74 12.34 -8.46
N GLY C 234 -21.64 11.18 -9.12
CA GLY C 234 -20.46 10.92 -9.92
C GLY C 234 -19.22 10.77 -9.06
N VAL C 235 -18.10 11.31 -9.54
CA VAL C 235 -16.86 11.25 -8.78
C VAL C 235 -17.00 12.10 -7.51
N VAL C 236 -16.33 11.67 -6.44
CA VAL C 236 -16.50 12.34 -5.16
C VAL C 236 -15.57 13.53 -5.04
N THR C 237 -14.42 13.50 -5.72
CA THR C 237 -13.43 14.54 -5.60
C THR C 237 -12.55 14.52 -6.85
N GLU C 238 -11.41 15.22 -6.79
CA GLU C 238 -10.50 15.25 -7.92
C GLU C 238 -9.74 13.93 -8.04
N THR C 239 -8.90 13.61 -7.04
CA THR C 239 -8.23 12.31 -7.00
C THR C 239 -8.65 11.51 -5.77
N ALA C 240 -8.34 12.00 -4.56
CA ALA C 240 -8.83 11.31 -3.37
C ALA C 240 -9.10 12.22 -2.18
N TRP C 241 -9.31 13.52 -2.38
CA TRP C 241 -9.46 14.42 -1.24
C TRP C 241 -10.68 14.04 -0.40
N ALA C 242 -11.81 13.75 -1.04
CA ALA C 242 -12.99 13.30 -0.30
C ALA C 242 -12.73 11.96 0.36
N GLY C 243 -12.07 11.04 -0.34
CA GLY C 243 -11.80 9.72 0.21
C GLY C 243 -10.83 9.73 1.37
N ALA C 244 -10.06 10.81 1.53
CA ALA C 244 -9.17 10.95 2.68
C ALA C 244 -9.79 11.78 3.79
N ALA C 245 -10.62 12.76 3.46
CA ALA C 245 -11.29 13.56 4.46
C ALA C 245 -12.45 12.82 5.13
N TYR C 246 -13.07 11.87 4.42
CA TYR C 246 -14.12 11.07 5.05
C TYR C 246 -13.57 10.25 6.20
N ASN C 247 -12.37 9.69 6.03
CA ASN C 247 -11.75 8.95 7.11
C ASN C 247 -11.45 9.84 8.30
N LEU C 248 -10.98 11.06 8.06
CA LEU C 248 -10.72 11.97 9.18
C LEU C 248 -12.01 12.39 9.87
N ILE C 249 -13.10 12.56 9.11
CA ILE C 249 -14.38 12.90 9.72
C ILE C 249 -14.86 11.77 10.61
N LEU C 250 -14.82 10.53 10.09
CA LEU C 250 -15.18 9.38 10.91
C LEU C 250 -14.27 9.26 12.12
N TYR C 251 -13.00 9.65 11.96
CA TYR C 251 -12.03 9.48 13.02
C TYR C 251 -12.28 10.49 14.14
N MET C 252 -12.63 11.73 13.76
CA MET C 252 -13.07 12.72 14.73
C MET C 252 -14.34 12.27 15.43
N LEU C 253 -15.28 11.68 14.69
CA LEU C 253 -16.51 11.20 15.30
C LEU C 253 -16.22 10.12 16.34
N ALA C 254 -15.33 9.18 16.01
CA ALA C 254 -14.96 8.13 16.95
C ALA C 254 -14.26 8.72 18.17
N SER C 255 -13.37 9.70 17.95
CA SER C 255 -12.69 10.33 19.08
C SER C 255 -13.69 11.04 19.98
N HIS C 256 -14.67 11.72 19.40
CA HIS C 256 -15.69 12.41 20.18
C HIS C 256 -16.51 11.42 21.00
N VAL C 257 -16.93 10.32 20.37
CA VAL C 257 -17.72 9.31 21.08
C VAL C 257 -16.93 8.71 22.22
N LEU C 258 -15.66 8.37 21.97
CA LEU C 258 -14.83 7.79 23.02
C LEU C 258 -14.53 8.79 24.12
N GLY C 259 -14.38 10.07 23.79
CA GLY C 259 -14.17 11.06 24.84
C GLY C 259 -15.39 11.22 25.73
N ALA C 260 -16.58 11.25 25.13
CA ALA C 260 -17.79 11.32 25.94
C ALA C 260 -17.94 10.07 26.81
N CYS C 261 -17.66 8.89 26.25
CA CYS C 261 -17.72 7.66 27.03
C CYS C 261 -16.70 7.70 28.17
N TRP C 262 -15.51 8.24 27.90
CA TRP C 262 -14.49 8.32 28.94
C TRP C 262 -14.93 9.25 30.07
N TYR C 263 -15.54 10.38 29.73
CA TYR C 263 -16.02 11.28 30.78
C TYR C 263 -17.10 10.62 31.62
N LEU C 264 -18.06 9.97 30.97
CA LEU C 264 -19.12 9.30 31.73
C LEU C 264 -18.55 8.20 32.61
N LEU C 265 -17.60 7.42 32.10
CA LEU C 265 -17.01 6.35 32.89
C LEU C 265 -16.15 6.90 34.02
N SER C 266 -15.49 8.04 33.81
CA SER C 266 -14.75 8.67 34.90
C SER C 266 -15.68 9.10 36.01
N ILE C 267 -16.83 9.69 35.65
CA ILE C 267 -17.81 10.06 36.67
C ILE C 267 -18.32 8.82 37.39
N GLU C 268 -18.56 7.73 36.65
CA GLU C 268 -19.01 6.49 37.27
C GLU C 268 -17.96 5.93 38.23
N ARG C 269 -16.69 5.95 37.83
CA ARG C 269 -15.62 5.44 38.69
C ARG C 269 -15.50 6.28 39.96
N GLN C 270 -15.58 7.61 39.82
CA GLN C 270 -15.50 8.47 40.99
C GLN C 270 -16.69 8.25 41.91
N GLU C 271 -17.87 8.03 41.34
CA GLU C 271 -19.03 7.72 42.17
C GLU C 271 -18.88 6.38 42.87
N ALA C 272 -18.27 5.40 42.20
CA ALA C 272 -18.00 4.12 42.85
C ALA C 272 -17.03 4.28 44.00
N CYS C 273 -15.99 5.12 43.83
CA CYS C 273 -15.08 5.42 44.92
C CYS C 273 -15.81 6.09 46.08
N TRP C 274 -16.73 7.00 45.77
CA TRP C 274 -17.52 7.64 46.82
C TRP C 274 -18.40 6.64 47.54
N LYS C 275 -19.00 5.70 46.82
CA LYS C 275 -19.79 4.66 47.46
C LYS C 275 -18.92 3.79 48.37
N SER C 276 -17.71 3.47 47.92
CA SER C 276 -16.81 2.68 48.73
C SER C 276 -16.42 3.41 50.02
N VAL C 277 -16.12 4.71 49.91
CA VAL C 277 -15.70 5.43 51.10
C VAL C 277 -16.88 5.65 52.05
N CYS C 278 -18.10 5.79 51.51
CA CYS C 278 -19.27 5.82 52.38
C CYS C 278 -19.50 4.48 53.06
N LYS C 279 -19.19 3.39 52.36
CA LYS C 279 -19.24 2.07 52.98
C LYS C 279 -18.23 1.97 54.12
N LEU C 280 -17.04 2.54 53.93
CA LEU C 280 -16.04 2.58 55.00
C LEU C 280 -16.52 3.41 56.18
N GLU C 281 -17.37 4.40 55.93
CA GLU C 281 -17.87 5.27 56.99
C GLU C 281 -19.38 5.11 57.15
N GLU C 282 -19.84 3.86 57.18
CA GLU C 282 -21.28 3.57 57.29
C GLU C 282 -21.91 4.18 58.53
N SER C 283 -21.12 4.43 59.58
CA SER C 283 -21.69 4.94 60.83
C SER C 283 -22.30 6.33 60.63
N SER C 284 -21.62 7.21 59.89
CA SER C 284 -22.06 8.59 59.74
C SER C 284 -22.36 8.95 58.28
N CYS C 285 -22.51 7.96 57.41
CA CYS C 285 -22.79 8.19 56.01
C CYS C 285 -23.75 7.13 55.48
N GLN C 286 -24.66 7.56 54.62
CA GLN C 286 -25.41 6.65 53.75
C GLN C 286 -25.26 7.13 52.32
N PHE C 287 -25.75 6.30 51.39
CA PHE C 287 -25.38 6.40 49.98
C PHE C 287 -25.95 7.65 49.30
N ASP C 288 -26.84 8.39 49.96
CA ASP C 288 -27.54 9.49 49.31
C ASP C 288 -26.85 10.85 49.45
N PHE C 289 -25.77 10.95 50.24
CA PHE C 289 -25.10 12.23 50.40
C PHE C 289 -24.50 12.76 49.10
N PHE C 290 -24.13 11.87 48.18
CA PHE C 290 -23.39 12.29 47.00
C PHE C 290 -24.28 12.90 45.92
N ASP C 291 -25.60 12.82 46.07
CA ASP C 291 -26.48 13.67 45.29
C ASP C 291 -26.38 15.09 45.81
N CYS C 292 -26.25 16.06 44.89
CA CYS C 292 -25.93 17.42 45.29
C CYS C 292 -27.16 18.21 45.73
N ASN C 293 -28.36 17.63 45.66
CA ASN C 293 -29.54 18.30 46.17
C ASN C 293 -29.55 18.42 47.68
N MET C 294 -28.66 17.72 48.37
CA MET C 294 -28.57 17.74 49.82
C MET C 294 -27.32 18.43 50.33
N VAL C 295 -26.62 19.18 49.46
CA VAL C 295 -25.35 19.78 49.84
C VAL C 295 -25.51 20.80 50.95
N LYS C 296 -26.67 21.44 51.07
CA LYS C 296 -26.90 22.45 52.10
C LYS C 296 -27.38 21.86 53.42
N ASP C 297 -27.59 20.55 53.49
CA ASP C 297 -28.09 19.94 54.71
C ASP C 297 -27.01 19.94 55.79
N SER C 298 -27.46 19.99 57.05
CA SER C 298 -26.53 19.98 58.18
C SER C 298 -25.76 18.67 58.25
N LEU C 299 -26.46 17.54 58.02
CA LEU C 299 -25.78 16.26 58.03
C LEU C 299 -24.71 16.18 56.96
N ARG C 300 -25.00 16.71 55.76
CA ARG C 300 -24.05 16.67 54.66
C ARG C 300 -22.78 17.45 54.99
N VAL C 301 -22.95 18.68 55.50
CA VAL C 301 -21.78 19.50 55.80
C VAL C 301 -21.00 18.91 56.97
N SER C 302 -21.70 18.36 57.97
CA SER C 302 -21.00 17.74 59.09
C SER C 302 -20.18 16.54 58.63
N TRP C 303 -20.77 15.70 57.76
CA TRP C 303 -20.04 14.55 57.23
C TRP C 303 -18.86 15.00 56.39
N PHE C 304 -19.04 16.03 55.57
CA PHE C 304 -17.94 16.54 54.75
C PHE C 304 -16.80 17.04 55.63
N VAL C 305 -17.14 17.73 56.73
CA VAL C 305 -16.10 18.23 57.64
C VAL C 305 -15.37 17.06 58.30
N THR C 306 -16.12 16.08 58.80
CA THR C 306 -15.47 15.00 59.54
C THR C 306 -14.78 14.00 58.62
N SER C 307 -15.32 13.74 57.44
CA SER C 307 -14.75 12.74 56.55
C SER C 307 -13.53 13.29 55.80
N ASN C 308 -12.72 12.36 55.29
CA ASN C 308 -11.56 12.68 54.48
C ASN C 308 -11.76 12.29 53.02
N VAL C 309 -12.98 12.43 52.52
CA VAL C 309 -13.29 12.03 51.15
C VAL C 309 -12.58 12.90 50.12
N THR C 310 -12.17 14.11 50.51
CA THR C 310 -11.57 15.03 49.55
C THR C 310 -10.27 14.47 48.98
N ASN C 311 -9.42 13.91 49.84
CA ASN C 311 -8.14 13.38 49.39
C ASN C 311 -8.10 11.87 49.29
N LEU C 312 -9.09 11.16 49.84
CA LEU C 312 -9.07 9.71 49.79
C LEU C 312 -9.38 9.20 48.39
N CYS C 313 -10.40 9.77 47.74
CA CYS C 313 -10.76 9.37 46.38
C CYS C 313 -9.93 10.15 45.37
N SER C 314 -8.64 9.89 45.39
CA SER C 314 -7.68 10.47 44.46
C SER C 314 -6.71 9.39 44.02
N PRO C 315 -6.23 9.46 42.77
CA PRO C 315 -5.28 8.44 42.30
C PRO C 315 -3.97 8.43 43.08
N ASN C 316 -3.61 9.53 43.74
CA ASN C 316 -2.42 9.55 44.58
C ASN C 316 -2.54 8.55 45.73
N SER C 317 -3.71 8.49 46.35
CA SER C 317 -3.96 7.51 47.39
C SER C 317 -4.11 6.12 46.79
N LEU C 318 -3.96 5.10 47.64
CA LEU C 318 -4.06 3.71 47.22
C LEU C 318 -5.34 3.04 47.71
N PHE C 319 -6.35 3.82 48.07
CA PHE C 319 -7.60 3.25 48.55
C PHE C 319 -8.33 2.50 47.44
N TYR C 320 -8.53 3.14 46.30
CA TYR C 320 -9.40 2.61 45.26
C TYR C 320 -8.75 2.86 43.91
N GLN C 321 -8.71 1.82 43.07
CA GLN C 321 -7.95 1.86 41.82
C GLN C 321 -8.71 2.69 40.79
N PHE C 322 -8.19 3.87 40.48
CA PHE C 322 -8.81 4.71 39.46
C PHE C 322 -8.45 4.29 38.05
N GLY C 323 -7.40 3.48 37.87
CA GLY C 323 -7.03 3.04 36.54
C GLY C 323 -6.69 4.21 35.64
N ILE C 324 -7.27 4.18 34.43
CA ILE C 324 -7.04 5.26 33.48
C ILE C 324 -7.77 6.54 33.84
N TYR C 325 -8.70 6.49 34.79
CA TYR C 325 -9.44 7.66 35.19
C TYR C 325 -8.68 8.51 36.21
N GLY C 326 -7.47 8.10 36.59
CA GLY C 326 -6.63 8.95 37.39
C GLY C 326 -6.29 10.25 36.70
N ASP C 327 -6.19 10.22 35.37
CA ASP C 327 -5.99 11.46 34.61
C ASP C 327 -7.19 12.40 34.77
N ALA C 328 -8.39 11.84 34.90
CA ALA C 328 -9.59 12.68 35.02
C ALA C 328 -9.56 13.48 36.32
N VAL C 329 -9.15 12.85 37.43
CA VAL C 329 -9.18 13.53 38.71
C VAL C 329 -7.93 14.38 38.91
N THR C 330 -6.78 13.88 38.43
CA THR C 330 -5.54 14.65 38.56
C THR C 330 -5.62 15.96 37.80
N SER C 331 -6.17 15.93 36.59
CA SER C 331 -6.33 17.13 35.79
C SER C 331 -7.58 17.92 36.15
N LYS C 332 -8.40 17.40 37.06
CA LYS C 332 -9.63 18.07 37.50
C LYS C 332 -10.54 18.40 36.33
N VAL C 333 -10.66 17.46 35.39
CA VAL C 333 -11.53 17.69 34.24
C VAL C 333 -13.00 17.68 34.65
N THR C 334 -13.36 16.86 35.63
CA THR C 334 -14.76 16.68 36.00
C THR C 334 -15.32 17.80 36.87
N THR C 335 -14.62 18.92 36.98
CA THR C 335 -15.11 20.06 37.73
C THR C 335 -15.00 21.37 36.98
N SER C 336 -14.44 21.37 35.77
CA SER C 336 -14.26 22.59 35.01
C SER C 336 -15.53 22.91 34.21
N ALA C 337 -15.46 24.00 33.45
CA ALA C 337 -16.58 24.42 32.62
C ALA C 337 -16.82 23.41 31.51
N PHE C 338 -17.87 23.64 30.72
CA PHE C 338 -18.25 22.68 29.68
C PHE C 338 -17.19 22.61 28.59
N PHE C 339 -16.75 23.75 28.08
CA PHE C 339 -15.85 23.75 26.93
C PHE C 339 -14.50 23.12 27.28
N ASN C 340 -13.94 23.46 28.45
CA ASN C 340 -12.64 22.92 28.83
C ASN C 340 -12.68 21.40 28.95
N LYS C 341 -13.67 20.88 29.68
CA LYS C 341 -13.75 19.44 29.87
C LYS C 341 -14.11 18.73 28.57
N TYR C 342 -14.95 19.33 27.74
CA TYR C 342 -15.28 18.73 26.46
C TYR C 342 -14.05 18.62 25.57
N PHE C 343 -13.25 19.68 25.50
CA PHE C 343 -12.05 19.63 24.67
C PHE C 343 -11.04 18.65 25.25
N PHE C 344 -10.91 18.58 26.59
CA PHE C 344 -9.98 17.63 27.18
C PHE C 344 -10.39 16.20 26.87
N CYS C 345 -11.69 15.89 26.97
CA CYS C 345 -12.14 14.53 26.69
C CYS C 345 -12.01 14.20 25.21
N LEU C 346 -12.31 15.17 24.33
CA LEU C 346 -12.14 14.93 22.90
C LEU C 346 -10.68 14.66 22.57
N TRP C 347 -9.77 15.44 23.15
CA TRP C 347 -8.35 15.20 22.92
C TRP C 347 -7.92 13.86 23.50
N TRP C 348 -8.49 13.47 24.64
CA TRP C 348 -8.19 12.16 25.20
C TRP C 348 -8.58 11.05 24.23
N GLY C 349 -9.79 11.12 23.69
CA GLY C 349 -10.21 10.12 22.73
C GLY C 349 -9.34 10.12 21.49
N LEU C 350 -9.02 11.31 20.98
CA LEU C 350 -8.19 11.43 19.80
C LEU C 350 -6.81 10.83 20.02
N ARG C 351 -6.21 11.11 21.19
CA ARG C 351 -4.87 10.63 21.48
C ARG C 351 -4.85 9.13 21.69
N ASN C 352 -5.83 8.58 22.40
CA ASN C 352 -5.81 7.15 22.65
C ASN C 352 -6.36 6.33 21.48
N LEU C 353 -6.97 6.97 20.49
CA LEU C 353 -7.16 6.32 19.20
C LEU C 353 -5.90 6.39 18.35
N SER C 354 -5.18 7.52 18.42
CA SER C 354 -3.97 7.70 17.61
C SER C 354 -2.79 6.95 18.19
N SER C 355 -2.69 6.86 19.51
CA SER C 355 -1.60 6.15 20.16
C SER C 355 -1.85 4.66 20.28
N LEU C 356 -2.90 4.15 19.63
CA LEU C 356 -3.20 2.72 19.56
C LEU C 356 -3.50 2.11 20.93
N GLY C 357 -3.81 2.93 21.92
CA GLY C 357 -4.19 2.46 23.23
C GLY C 357 -3.10 2.51 24.28
N GLN C 358 -1.87 2.82 23.91
CA GLN C 358 -0.80 2.91 24.90
C GLN C 358 -1.08 4.05 25.88
N GLY C 359 -0.76 3.80 27.14
CA GLY C 359 -1.06 4.73 28.21
C GLY C 359 -2.28 4.38 29.02
N LEU C 360 -3.07 3.40 28.56
CA LEU C 360 -4.26 2.96 29.29
C LEU C 360 -3.85 1.91 30.33
N LEU C 361 -3.20 2.39 31.39
CA LEU C 361 -2.78 1.54 32.50
C LEU C 361 -4.01 1.20 33.32
N THR C 362 -4.77 0.21 32.84
CA THR C 362 -6.05 -0.12 33.41
C THR C 362 -5.88 -0.77 34.79
N SER C 363 -7.00 -0.86 35.51
CA SER C 363 -7.07 -1.55 36.78
C SER C 363 -7.57 -2.97 36.56
N THR C 364 -7.86 -3.68 37.64
CA THR C 364 -8.35 -5.04 37.56
C THR C 364 -9.88 -5.09 37.53
N PHE C 365 -10.48 -4.35 36.61
CA PHE C 365 -11.93 -4.28 36.47
C PHE C 365 -12.32 -4.67 35.05
N VAL C 366 -13.42 -5.41 34.92
CA VAL C 366 -13.80 -5.97 33.63
C VAL C 366 -14.27 -4.86 32.69
N GLY C 367 -15.09 -3.94 33.20
CA GLY C 367 -15.64 -2.89 32.33
C GLY C 367 -14.55 -1.98 31.78
N GLU C 368 -13.64 -1.54 32.64
CA GLU C 368 -12.51 -0.74 32.18
C GLU C 368 -11.66 -1.47 31.16
N ILE C 369 -11.40 -2.75 31.39
CA ILE C 369 -10.54 -3.50 30.49
C ILE C 369 -11.21 -3.68 29.13
N MET C 370 -12.51 -3.96 29.13
CA MET C 370 -13.23 -4.07 27.87
C MET C 370 -13.26 -2.75 27.14
N PHE C 371 -13.42 -1.64 27.87
CA PHE C 371 -13.39 -0.32 27.23
C PHE C 371 -12.04 -0.05 26.59
N ALA C 372 -10.96 -0.39 27.30
CA ALA C 372 -9.63 -0.18 26.74
C ALA C 372 -9.40 -1.05 25.51
N ILE C 373 -9.89 -2.29 25.54
CA ILE C 373 -9.73 -3.17 24.38
C ILE C 373 -10.51 -2.63 23.19
N VAL C 374 -11.72 -2.10 23.44
CA VAL C 374 -12.50 -1.49 22.36
C VAL C 374 -11.76 -0.29 21.78
N ILE C 375 -11.18 0.55 22.64
CA ILE C 375 -10.42 1.70 22.15
C ILE C 375 -9.24 1.23 21.30
N ALA C 376 -8.52 0.21 21.76
CA ALA C 376 -7.35 -0.26 21.02
C ALA C 376 -7.76 -0.81 19.66
N THR C 377 -8.81 -1.62 19.60
CA THR C 377 -9.24 -2.17 18.31
C THR C 377 -9.74 -1.08 17.37
N LEU C 378 -10.51 -0.12 17.90
CA LEU C 378 -10.99 0.97 17.07
C LEU C 378 -9.83 1.80 16.53
N GLY C 379 -8.83 2.06 17.37
CA GLY C 379 -7.66 2.77 16.90
C GLY C 379 -6.90 2.01 15.83
N LEU C 380 -6.74 0.70 16.02
CA LEU C 380 -6.08 -0.12 15.01
C LEU C 380 -6.81 -0.04 13.68
N VAL C 381 -8.14 -0.24 13.70
CA VAL C 381 -8.91 -0.25 12.47
C VAL C 381 -8.87 1.11 11.80
N LEU C 382 -9.05 2.19 12.58
CA LEU C 382 -9.10 3.52 11.98
C LEU C 382 -7.74 3.93 11.44
N PHE C 383 -6.65 3.60 12.14
CA PHE C 383 -5.32 3.91 11.63
C PHE C 383 -5.03 3.13 10.36
N ALA C 384 -5.43 1.86 10.31
CA ALA C 384 -5.24 1.08 9.09
C ALA C 384 -6.04 1.66 7.93
N LEU C 385 -7.29 2.09 8.20
CA LEU C 385 -8.08 2.74 7.16
C LEU C 385 -7.43 4.02 6.67
N LEU C 386 -6.87 4.82 7.59
CA LEU C 386 -6.22 6.05 7.18
C LEU C 386 -4.99 5.78 6.32
N ILE C 387 -4.20 4.78 6.70
CA ILE C 387 -3.02 4.43 5.91
C ILE C 387 -3.44 3.98 4.52
N GLY C 388 -4.46 3.13 4.45
CA GLY C 388 -4.94 2.68 3.16
C GLY C 388 -5.47 3.81 2.30
N ASN C 389 -6.21 4.74 2.91
CA ASN C 389 -6.75 5.87 2.16
C ASN C 389 -5.64 6.76 1.63
N MET C 390 -4.62 7.01 2.44
CA MET C 390 -3.53 7.85 1.96
C MET C 390 -2.72 7.17 0.86
N GLN C 391 -2.50 5.85 0.99
CA GLN C 391 -1.81 5.13 -0.07
C GLN C 391 -2.62 5.16 -1.36
N THR C 392 -3.94 5.00 -1.26
CA THR C 392 -4.79 5.12 -2.43
C THR C 392 -4.72 6.51 -3.03
N TYR C 393 -4.69 7.55 -2.17
CA TYR C 393 -4.59 8.91 -2.65
C TYR C 393 -3.30 9.13 -3.44
N LEU C 394 -2.18 8.65 -2.91
CA LEU C 394 -0.91 8.84 -3.61
C LEU C 394 -0.87 8.04 -4.91
N GLN C 395 -1.38 6.80 -4.89
CA GLN C 395 -1.40 6.01 -6.12
C GLN C 395 -2.34 6.60 -7.15
N SER C 396 -3.38 7.31 -6.72
CA SER C 396 -4.29 7.94 -7.68
C SER C 396 -3.68 9.22 -8.25
N THR C 397 -2.99 10.00 -7.42
CA THR C 397 -2.44 11.26 -7.91
C THR C 397 -1.20 11.04 -8.77
N THR C 398 -0.41 10.01 -8.48
CA THR C 398 0.74 9.71 -9.34
C THR C 398 0.32 8.88 -10.56
N VAL C 399 -0.16 7.67 -10.31
CA VAL C 399 -0.53 6.65 -11.29
C VAL C 399 0.20 6.76 -12.63
N ARG C 400 0.02 7.87 -13.35
CA ARG C 400 0.60 8.02 -14.68
C ARG C 400 2.12 8.07 -14.68
N LEU C 401 2.71 8.72 -13.68
CA LEU C 401 4.17 8.76 -13.57
C LEU C 401 4.74 7.39 -13.26
N GLU C 402 3.93 6.49 -12.68
CA GLU C 402 4.44 5.18 -12.27
C GLU C 402 4.87 4.36 -13.48
N GLU C 403 3.99 4.20 -14.48
CA GLU C 403 4.39 3.40 -15.63
C GLU C 403 5.42 4.13 -16.48
N TRP C 404 5.46 5.46 -16.41
CA TRP C 404 6.55 6.18 -17.08
C TRP C 404 7.90 5.84 -16.48
N ARG C 405 7.99 5.83 -15.15
CA ARG C 405 9.22 5.40 -14.50
C ARG C 405 9.54 3.95 -14.82
N VAL C 406 8.53 3.09 -14.81
CA VAL C 406 8.73 1.68 -15.12
C VAL C 406 9.27 1.52 -16.53
N LYS C 407 8.69 2.25 -17.49
CA LYS C 407 9.13 2.18 -18.87
C LYS C 407 10.55 2.70 -19.02
N ARG C 408 10.89 3.79 -18.34
CA ARG C 408 12.24 4.32 -18.43
C ARG C 408 13.26 3.34 -17.86
N THR C 409 12.95 2.74 -16.72
CA THR C 409 13.86 1.73 -16.15
C THR C 409 13.96 0.52 -17.08
N ASP C 410 12.85 0.09 -17.65
CA ASP C 410 12.86 -1.07 -18.55
C ASP C 410 13.69 -0.79 -19.78
N THR C 411 13.56 0.40 -20.37
CA THR C 411 14.33 0.70 -21.57
C THR C 411 15.80 0.89 -21.24
N GLU C 412 16.11 1.44 -20.06
CA GLU C 412 17.51 1.51 -19.64
C GLU C 412 18.12 0.12 -19.50
N GLN C 413 17.38 -0.82 -18.89
CA GLN C 413 17.86 -2.18 -18.78
C GLN C 413 17.97 -2.85 -20.15
N TRP C 414 17.06 -2.53 -21.07
CA TRP C 414 17.11 -3.11 -22.40
C TRP C 414 18.35 -2.66 -23.16
N MET C 415 18.64 -1.36 -23.15
CA MET C 415 19.88 -0.88 -23.77
C MET C 415 21.11 -1.39 -23.05
N HIS C 416 21.04 -1.58 -21.73
CA HIS C 416 22.18 -2.12 -21.00
C HIS C 416 22.45 -3.57 -21.41
N HIS C 417 21.40 -4.36 -21.63
CA HIS C 417 21.60 -5.76 -22.01
C HIS C 417 22.07 -5.90 -23.46
N ARG C 418 21.50 -5.11 -24.37
CA ARG C 418 21.89 -5.19 -25.77
C ARG C 418 23.18 -4.45 -26.08
N GLN C 419 23.72 -3.70 -25.11
CA GLN C 419 24.97 -2.96 -25.27
C GLN C 419 24.89 -1.96 -26.43
N LEU C 420 23.96 -1.02 -26.30
CA LEU C 420 23.81 0.03 -27.29
C LEU C 420 24.96 1.03 -27.17
N PRO C 421 25.32 1.69 -28.26
CA PRO C 421 26.37 2.72 -28.18
C PRO C 421 25.91 3.92 -27.37
N GLN C 422 26.89 4.60 -26.77
CA GLN C 422 26.58 5.76 -25.93
C GLN C 422 26.05 6.93 -26.73
N GLU C 423 26.27 6.96 -28.05
CA GLU C 423 25.76 8.03 -28.89
C GLU C 423 24.30 7.83 -29.31
N LEU C 424 23.84 6.58 -29.36
CA LEU C 424 22.46 6.29 -29.74
C LEU C 424 21.56 6.08 -28.53
N ARG C 425 22.13 5.69 -27.39
CA ARG C 425 21.35 5.55 -26.16
C ARG C 425 20.75 6.88 -25.74
N GLN C 426 21.54 7.95 -25.83
CA GLN C 426 21.06 9.28 -25.46
C GLN C 426 19.91 9.76 -26.35
N SER C 427 19.89 9.39 -27.64
CA SER C 427 18.79 9.78 -28.50
C SER C 427 17.48 9.14 -28.08
N VAL C 428 17.49 7.84 -27.78
CA VAL C 428 16.26 7.17 -27.34
C VAL C 428 15.83 7.70 -25.99
N ARG C 429 16.79 7.93 -25.09
CA ARG C 429 16.46 8.54 -23.81
C ARG C 429 15.84 9.92 -23.94
N LYS C 430 16.37 10.75 -24.85
CA LYS C 430 15.79 12.07 -25.09
C LYS C 430 14.39 11.96 -25.69
N TYR C 431 14.18 10.99 -26.59
CA TYR C 431 12.85 10.79 -27.13
C TYR C 431 11.86 10.39 -26.05
N ASP C 432 12.28 9.55 -25.10
CA ASP C 432 11.38 9.17 -24.02
C ASP C 432 10.95 10.38 -23.20
N GLN C 433 11.90 11.26 -22.86
CA GLN C 433 11.56 12.47 -22.14
C GLN C 433 10.67 13.39 -22.96
N TYR C 434 10.92 13.47 -24.27
CA TYR C 434 10.03 14.23 -25.13
C TYR C 434 8.61 13.70 -25.08
N LYS C 435 8.45 12.38 -25.17
CA LYS C 435 7.11 11.80 -25.14
C LYS C 435 6.44 12.05 -23.81
N TRP C 436 7.18 11.91 -22.71
CA TRP C 436 6.60 12.17 -21.39
C TRP C 436 6.19 13.63 -21.25
N ILE C 437 6.99 14.57 -21.74
CA ILE C 437 6.64 15.98 -21.62
C ILE C 437 5.45 16.32 -22.50
N ALA C 438 5.42 15.78 -23.73
CA ALA C 438 4.38 16.17 -24.68
C ALA C 438 3.03 15.56 -24.33
N THR C 439 3.02 14.28 -23.95
CA THR C 439 1.75 13.58 -23.73
C THR C 439 1.48 13.25 -22.27
N ARG C 440 2.52 13.06 -21.46
CA ARG C 440 2.37 12.66 -20.06
C ARG C 440 1.51 11.40 -19.95
N GLY C 441 2.03 10.32 -20.55
CA GLY C 441 1.22 9.13 -20.68
C GLY C 441 0.06 9.40 -21.62
N VAL C 442 -1.12 8.98 -21.20
CA VAL C 442 -2.38 9.23 -21.93
C VAL C 442 -2.29 8.61 -23.32
N ASP C 443 -2.76 7.37 -23.45
CA ASP C 443 -2.79 6.70 -24.74
C ASP C 443 -3.76 7.43 -25.65
N GLU C 444 -3.23 8.16 -26.63
CA GLU C 444 -4.05 9.05 -27.44
C GLU C 444 -5.13 8.29 -28.19
N GLU C 445 -4.75 7.23 -28.92
CA GLU C 445 -5.72 6.50 -29.72
C GLU C 445 -6.68 5.72 -28.85
N SER C 446 -6.19 5.14 -27.74
CA SER C 446 -7.05 4.39 -26.84
C SER C 446 -8.10 5.30 -26.20
N LEU C 447 -7.71 6.49 -25.78
CA LEU C 447 -8.67 7.43 -25.23
C LEU C 447 -9.60 7.96 -26.32
N LEU C 448 -9.10 8.07 -27.55
CA LEU C 448 -9.90 8.68 -28.62
C LEU C 448 -10.97 7.73 -29.15
N ARG C 449 -10.66 6.42 -29.25
CA ARG C 449 -11.66 5.53 -29.83
C ARG C 449 -12.83 5.27 -28.89
N GLY C 450 -12.68 5.56 -27.60
CA GLY C 450 -13.78 5.33 -26.67
C GLY C 450 -14.95 6.28 -26.85
N LEU C 451 -14.70 7.47 -27.40
CA LEU C 451 -15.78 8.42 -27.63
C LEU C 451 -16.67 7.95 -28.76
N PRO C 452 -17.93 8.38 -28.79
CA PRO C 452 -18.84 7.97 -29.86
C PRO C 452 -18.50 8.66 -31.18
N LEU C 453 -19.27 8.34 -32.21
CA LEU C 453 -19.00 8.86 -33.55
C LEU C 453 -19.14 10.38 -33.59
N ASP C 454 -20.17 10.92 -32.93
CA ASP C 454 -20.41 12.36 -32.97
C ASP C 454 -19.25 13.12 -32.36
N LEU C 455 -18.77 12.69 -31.19
CA LEU C 455 -17.72 13.42 -30.49
C LEU C 455 -16.36 13.24 -31.16
N ARG C 456 -16.05 12.03 -31.60
CA ARG C 456 -14.74 11.77 -32.20
C ARG C 456 -14.54 12.59 -33.47
N ARG C 457 -15.54 12.61 -34.34
CA ARG C 457 -15.40 13.35 -35.59
C ARG C 457 -15.32 14.86 -35.33
N ASP C 458 -16.07 15.36 -34.35
CA ASP C 458 -15.99 16.77 -34.00
C ASP C 458 -14.60 17.13 -33.48
N ILE C 459 -14.05 16.26 -32.62
CA ILE C 459 -12.72 16.51 -32.07
C ILE C 459 -11.69 16.51 -33.19
N LYS C 460 -11.78 15.54 -34.10
CA LYS C 460 -10.82 15.49 -35.21
C LYS C 460 -10.95 16.70 -36.12
N ARG C 461 -12.18 17.15 -36.39
CA ARG C 461 -12.37 18.33 -37.23
C ARG C 461 -11.78 19.57 -36.56
N HIS C 462 -12.01 19.74 -35.26
CA HIS C 462 -11.47 20.90 -34.58
C HIS C 462 -9.95 20.86 -34.52
N LEU C 463 -9.37 19.70 -34.23
CA LEU C 463 -7.92 19.60 -34.13
C LEU C 463 -7.25 19.83 -35.48
N CYS C 464 -7.82 19.30 -36.55
CA CYS C 464 -7.24 19.40 -37.89
C CYS C 464 -8.34 19.82 -38.86
N LEU C 465 -8.47 21.13 -39.09
CA LEU C 465 -9.38 21.65 -40.10
C LEU C 465 -8.63 22.31 -41.25
N GLU C 466 -7.82 23.33 -40.95
CA GLU C 466 -7.03 23.95 -42.01
C GLU C 466 -5.82 23.10 -42.39
N LEU C 467 -5.36 22.22 -41.48
CA LEU C 467 -4.27 21.33 -41.80
C LEU C 467 -4.62 20.43 -42.98
N VAL C 468 -5.86 19.94 -43.00
CA VAL C 468 -6.34 19.19 -44.16
C VAL C 468 -6.90 20.13 -45.22
N ARG C 469 -7.20 21.38 -44.87
CA ARG C 469 -7.61 22.37 -45.85
C ARG C 469 -6.44 23.09 -46.53
N ARG C 470 -5.20 22.76 -46.17
CA ARG C 470 -4.04 23.33 -46.86
C ARG C 470 -3.67 22.58 -48.13
N VAL C 471 -3.88 21.28 -48.18
CA VAL C 471 -3.58 20.52 -49.40
C VAL C 471 -4.58 20.92 -50.49
N PRO C 472 -4.12 21.24 -51.71
CA PRO C 472 -5.07 21.69 -52.74
C PRO C 472 -6.14 20.68 -53.09
N LEU C 473 -5.82 19.39 -53.04
CA LEU C 473 -6.79 18.38 -53.45
C LEU C 473 -8.00 18.33 -52.53
N PHE C 474 -7.76 18.33 -51.21
CA PHE C 474 -8.85 18.20 -50.26
C PHE C 474 -9.54 19.54 -49.99
N ASP C 475 -8.82 20.65 -50.18
CA ASP C 475 -9.35 21.95 -49.80
C ASP C 475 -10.59 22.32 -50.60
N ALA C 476 -10.50 22.27 -51.92
CA ALA C 476 -11.62 22.62 -52.80
C ALA C 476 -12.36 21.35 -53.20
N MET C 477 -12.84 20.63 -52.19
CA MET C 477 -13.46 19.33 -52.40
C MET C 477 -14.34 19.03 -51.20
N ASP C 478 -15.21 18.03 -51.37
CA ASP C 478 -16.25 17.74 -50.40
C ASP C 478 -15.67 17.30 -49.06
N GLU C 479 -16.45 17.53 -48.00
CA GLU C 479 -16.05 17.22 -46.63
C GLU C 479 -16.09 15.74 -46.31
N ARG C 480 -16.61 14.90 -47.21
CA ARG C 480 -16.71 13.47 -46.95
C ARG C 480 -15.32 12.88 -46.70
N MET C 481 -14.45 12.93 -47.71
CA MET C 481 -13.09 12.44 -47.54
C MET C 481 -12.32 13.26 -46.51
N LEU C 482 -12.72 14.51 -46.28
CA LEU C 482 -12.10 15.30 -45.23
C LEU C 482 -12.28 14.64 -43.87
N ASP C 483 -13.53 14.28 -43.53
CA ASP C 483 -13.80 13.60 -42.28
C ASP C 483 -13.21 12.20 -42.28
N ALA C 484 -13.23 11.53 -43.42
CA ALA C 484 -12.64 10.20 -43.50
C ALA C 484 -11.15 10.22 -43.17
N ILE C 485 -10.43 11.23 -43.67
CA ILE C 485 -9.02 11.39 -43.35
C ILE C 485 -8.85 11.79 -41.88
N CYS C 486 -9.63 12.78 -41.43
CA CYS C 486 -9.48 13.29 -40.07
C CYS C 486 -9.72 12.22 -39.03
N GLU C 487 -10.58 11.26 -39.31
CA GLU C 487 -10.84 10.18 -38.36
C GLU C 487 -9.61 9.28 -38.18
N ARG C 488 -8.80 9.12 -39.22
CA ARG C 488 -7.70 8.17 -39.21
C ARG C 488 -6.35 8.79 -38.88
N LEU C 489 -6.30 10.08 -38.57
CA LEU C 489 -5.03 10.71 -38.20
C LEU C 489 -4.54 10.20 -36.85
N LYS C 490 -3.23 10.06 -36.72
CA LYS C 490 -2.58 9.68 -35.47
C LYS C 490 -1.40 10.60 -35.21
N PRO C 491 -1.19 11.00 -33.96
CA PRO C 491 -0.08 11.91 -33.66
C PRO C 491 1.28 11.25 -33.85
N ALA C 492 2.27 12.06 -34.20
CA ALA C 492 3.63 11.60 -34.39
C ALA C 492 4.58 12.55 -33.68
N LEU C 493 5.65 12.00 -33.13
CA LEU C 493 6.63 12.77 -32.36
C LEU C 493 8.02 12.57 -32.95
N CYS C 494 8.83 13.62 -32.89
CA CYS C 494 10.22 13.55 -33.32
C CYS C 494 11.01 14.58 -32.53
N THR C 495 12.11 14.13 -31.93
CA THR C 495 12.84 14.90 -30.93
C THR C 495 13.71 15.97 -31.60
N GLU C 496 14.54 16.64 -30.80
CA GLU C 496 15.40 17.69 -31.30
C GLU C 496 16.41 17.13 -32.29
N ASN C 497 16.56 17.81 -33.42
CA ASN C 497 17.49 17.41 -34.48
C ASN C 497 17.23 15.96 -34.93
N THR C 498 16.02 15.74 -35.41
CA THR C 498 15.60 14.43 -35.90
C THR C 498 15.64 14.42 -37.42
N TYR C 499 16.54 13.62 -37.98
CA TYR C 499 16.66 13.44 -39.42
C TYR C 499 15.59 12.45 -39.88
N LEU C 500 14.49 12.96 -40.43
CA LEU C 500 13.25 12.20 -40.40
C LEU C 500 13.20 11.14 -41.50
N VAL C 501 13.45 11.53 -42.75
CA VAL C 501 13.44 10.59 -43.87
C VAL C 501 14.49 11.02 -44.88
N ARG C 502 15.29 10.07 -45.39
CA ARG C 502 16.32 10.39 -46.35
C ARG C 502 15.69 10.81 -47.67
N GLU C 503 16.53 11.23 -48.61
CA GLU C 503 16.08 11.39 -49.98
C GLU C 503 16.06 10.02 -50.67
N GLY C 504 14.87 9.58 -51.07
CA GLY C 504 14.71 8.30 -51.73
C GLY C 504 14.11 7.20 -50.88
N ASP C 505 13.91 7.41 -49.59
CA ASP C 505 13.24 6.42 -48.77
C ASP C 505 11.76 6.34 -49.14
N PRO C 506 11.14 5.17 -48.99
CA PRO C 506 9.69 5.08 -49.25
C PRO C 506 8.92 5.96 -48.28
N VAL C 507 7.85 6.57 -48.80
CA VAL C 507 7.00 7.47 -48.02
C VAL C 507 5.86 6.65 -47.42
N ASN C 508 5.91 6.43 -46.11
CA ASN C 508 4.91 5.62 -45.42
C ASN C 508 3.94 6.44 -44.59
N GLU C 509 4.32 7.66 -44.19
CA GLU C 509 3.47 8.51 -43.37
C GLU C 509 3.29 9.86 -44.02
N MET C 510 2.08 10.40 -43.94
CA MET C 510 1.73 11.71 -44.47
C MET C 510 1.49 12.61 -43.27
N LEU C 511 2.58 13.18 -42.75
CA LEU C 511 2.53 13.92 -41.49
C LEU C 511 2.23 15.39 -41.72
N PHE C 512 1.40 15.95 -40.84
CA PHE C 512 1.07 17.36 -40.83
C PHE C 512 1.72 17.99 -39.61
N ILE C 513 2.37 19.14 -39.80
CA ILE C 513 3.08 19.81 -38.73
C ILE C 513 2.13 20.76 -38.03
N ILE C 514 1.99 20.60 -36.72
CA ILE C 514 1.10 21.44 -35.92
C ILE C 514 1.87 22.41 -35.04
N ARG C 515 2.98 21.97 -34.45
CA ARG C 515 3.87 22.83 -33.67
C ARG C 515 5.31 22.42 -33.94
N GLY C 516 6.15 23.39 -34.28
CA GLY C 516 7.57 23.14 -34.45
C GLY C 516 8.07 23.70 -35.77
N ASN C 517 9.38 23.55 -35.97
CA ASN C 517 10.07 24.01 -37.16
C ASN C 517 10.83 22.85 -37.79
N LEU C 518 10.86 22.85 -39.12
CA LEU C 518 11.45 21.76 -39.89
C LEU C 518 12.62 22.28 -40.72
N ASP C 519 13.30 21.35 -41.40
CA ASP C 519 14.40 21.69 -42.29
C ASP C 519 14.51 20.58 -43.33
N SER C 520 14.00 20.85 -44.53
CA SER C 520 13.99 19.87 -45.61
C SER C 520 14.61 20.48 -46.85
N TYR C 521 15.54 19.75 -47.47
CA TYR C 521 16.24 20.23 -48.65
C TYR C 521 16.51 19.07 -49.59
N THR C 522 16.61 19.38 -50.89
CA THR C 522 16.99 18.42 -51.91
C THR C 522 18.31 18.86 -52.53
N THR C 523 19.31 17.98 -52.48
CA THR C 523 20.61 18.26 -53.09
C THR C 523 20.69 17.71 -54.52
N ASP C 524 19.69 18.06 -55.34
CA ASP C 524 19.64 17.66 -56.75
C ASP C 524 19.83 16.15 -56.92
N GLY C 525 19.27 15.38 -55.99
CA GLY C 525 19.46 13.94 -55.98
C GLY C 525 20.76 13.48 -55.36
N GLY C 526 21.58 14.39 -54.85
CA GLY C 526 22.85 14.01 -54.25
C GLY C 526 24.01 14.88 -54.69
N ARG C 527 23.72 15.94 -55.44
CA ARG C 527 24.74 16.84 -55.97
C ARG C 527 24.69 18.17 -55.25
N THR C 528 25.84 18.64 -54.77
CA THR C 528 25.91 19.93 -54.10
C THR C 528 25.58 21.05 -55.07
N GLY C 529 24.99 22.12 -54.54
CA GLY C 529 24.57 23.23 -55.37
C GLY C 529 23.17 23.73 -55.05
N PHE C 530 22.27 23.62 -56.03
CA PHE C 530 20.89 24.09 -55.87
C PHE C 530 20.21 23.36 -54.71
N PHE C 531 19.84 24.13 -53.68
CA PHE C 531 19.27 23.59 -52.46
C PHE C 531 17.81 23.98 -52.34
N ASN C 532 16.97 23.05 -51.87
CA ASN C 532 15.56 23.29 -51.61
C ASN C 532 15.27 23.46 -50.12
N SER C 533 16.20 24.04 -49.38
CA SER C 533 16.04 24.20 -47.94
C SER C 533 14.98 25.26 -47.64
N CYS C 534 13.91 24.85 -46.96
CA CYS C 534 12.82 25.75 -46.60
C CYS C 534 12.58 25.67 -45.10
N ARG C 535 12.29 26.81 -44.49
CA ARG C 535 12.02 26.89 -43.05
C ARG C 535 10.56 26.50 -42.79
N ILE C 536 10.28 25.21 -42.96
CA ILE C 536 8.94 24.69 -42.73
C ILE C 536 8.62 24.76 -41.25
N GLY C 537 7.50 25.38 -40.91
CA GLY C 537 7.12 25.59 -39.52
C GLY C 537 5.73 25.12 -39.20
N PRO C 538 5.09 25.77 -38.23
CA PRO C 538 3.73 25.36 -37.83
C PRO C 538 2.73 25.52 -38.97
N GLY C 539 1.76 24.62 -39.02
CA GLY C 539 0.72 24.69 -40.02
C GLY C 539 1.20 24.54 -41.44
N ASP C 540 2.22 23.71 -41.65
CA ASP C 540 2.78 23.47 -42.97
C ASP C 540 2.44 22.06 -43.43
N PHE C 541 2.90 21.70 -44.63
CA PHE C 541 2.54 20.45 -45.28
C PHE C 541 3.80 19.69 -45.68
N CYS C 542 3.73 18.36 -45.60
CA CYS C 542 4.83 17.49 -45.96
C CYS C 542 4.28 16.21 -46.56
N GLY C 543 5.19 15.37 -47.05
CA GLY C 543 4.83 14.08 -47.62
C GLY C 543 3.98 14.17 -48.88
N GLU C 544 4.40 15.03 -49.82
CA GLU C 544 3.66 15.18 -51.06
C GLU C 544 3.69 13.92 -51.92
N GLU C 545 4.70 13.08 -51.77
CA GLU C 545 4.81 11.88 -52.61
C GLU C 545 3.64 10.92 -52.36
N LEU C 546 3.21 10.77 -51.10
CA LEU C 546 2.06 9.94 -50.81
C LEU C 546 0.79 10.54 -51.42
N LEU C 547 0.70 11.87 -51.45
CA LEU C 547 -0.42 12.52 -52.12
C LEU C 547 -0.43 12.21 -53.60
N THR C 548 0.73 12.26 -54.24
CA THR C 548 0.81 11.92 -55.66
C THR C 548 0.47 10.46 -55.90
N TRP C 549 0.91 9.56 -55.02
CA TRP C 549 0.57 8.16 -55.15
C TRP C 549 -0.94 7.94 -55.04
N ALA C 550 -1.57 8.61 -54.08
CA ALA C 550 -3.01 8.49 -53.92
C ALA C 550 -3.76 9.12 -55.11
N LEU C 551 -3.16 10.13 -55.73
CA LEU C 551 -3.80 10.79 -56.87
C LEU C 551 -3.87 9.90 -58.11
N ASP C 552 -3.04 8.86 -58.17
CA ASP C 552 -3.02 7.99 -59.35
C ASP C 552 -4.28 7.15 -59.41
N PRO C 553 -5.04 7.21 -60.51
CA PRO C 553 -6.24 6.37 -60.61
C PRO C 553 -5.94 4.87 -60.56
N ARG C 554 -4.80 4.44 -61.08
CA ARG C 554 -4.47 3.02 -61.07
C ARG C 554 -4.11 2.57 -59.67
N PRO C 555 -4.78 1.56 -59.11
CA PRO C 555 -4.43 1.10 -57.76
C PRO C 555 -3.12 0.33 -57.72
N THR C 556 -2.01 1.01 -57.99
CA THR C 556 -0.71 0.37 -57.94
C THR C 556 -0.25 0.22 -56.49
N MET C 557 0.73 -0.67 -56.29
CA MET C 557 1.23 -1.00 -54.96
C MET C 557 2.68 -0.56 -54.76
N VAL C 558 3.17 0.37 -55.57
CA VAL C 558 4.53 0.88 -55.43
C VAL C 558 4.51 2.13 -54.56
N ILE C 559 5.37 2.16 -53.55
CA ILE C 559 5.45 3.29 -52.62
C ILE C 559 6.43 4.30 -53.19
N PRO C 560 6.02 5.53 -53.45
CA PRO C 560 6.94 6.53 -54.01
C PRO C 560 8.07 6.86 -53.04
N SER C 561 9.23 7.18 -53.60
CA SER C 561 10.39 7.53 -52.81
C SER C 561 10.41 9.03 -52.52
N SER C 562 10.99 9.39 -51.37
CA SER C 562 11.03 10.79 -50.97
C SER C 562 12.04 11.56 -51.81
N THR C 563 11.61 12.71 -52.30
CA THR C 563 12.47 13.61 -53.08
C THR C 563 13.06 14.73 -52.24
N ARG C 564 12.87 14.70 -50.93
CA ARG C 564 13.41 15.71 -50.03
C ARG C 564 13.99 15.03 -48.80
N THR C 565 14.96 15.71 -48.18
CA THR C 565 15.57 15.24 -46.94
C THR C 565 14.89 15.98 -45.79
N VAL C 566 13.72 15.51 -45.41
CA VAL C 566 12.96 16.15 -44.33
C VAL C 566 13.63 15.87 -43.00
N LYS C 567 13.84 16.92 -42.21
CA LYS C 567 14.53 16.83 -40.93
C LYS C 567 13.91 17.81 -39.96
N ALA C 568 13.68 17.37 -38.73
CA ALA C 568 13.10 18.22 -37.70
C ALA C 568 14.21 18.96 -36.98
N ILE C 569 14.38 20.25 -37.27
CA ILE C 569 15.46 21.03 -36.66
C ILE C 569 15.19 21.26 -35.18
N SER C 570 13.93 21.46 -34.80
CA SER C 570 13.56 21.85 -33.45
C SER C 570 12.52 20.88 -32.89
N GLU C 571 11.95 21.26 -31.75
CA GLU C 571 10.90 20.49 -31.11
C GLU C 571 9.63 20.52 -31.97
N VAL C 572 9.21 19.35 -32.44
CA VAL C 572 8.17 19.25 -33.47
C VAL C 572 7.09 18.26 -33.03
N GLU C 573 5.83 18.64 -33.24
CA GLU C 573 4.70 17.74 -33.08
C GLU C 573 4.08 17.48 -34.45
N ALA C 574 3.83 16.21 -34.76
CA ALA C 574 3.36 15.81 -36.08
C ALA C 574 2.11 14.93 -35.97
N PHE C 575 1.37 14.88 -37.07
CA PHE C 575 0.15 14.06 -37.19
C PHE C 575 0.37 13.06 -38.33
N ALA C 576 0.88 11.88 -37.99
CA ALA C 576 1.17 10.87 -38.99
C ALA C 576 -0.11 10.33 -39.62
N LEU C 577 -0.03 10.00 -40.91
CA LEU C 577 -1.15 9.44 -41.65
C LEU C 577 -0.71 8.15 -42.31
N ILE C 578 -1.52 7.09 -42.16
CA ILE C 578 -1.16 5.78 -42.68
C ILE C 578 -1.40 5.74 -44.19
N ALA C 579 -0.42 5.20 -44.92
CA ALA C 579 -0.50 5.21 -46.39
C ALA C 579 -1.69 4.40 -46.89
N GLU C 580 -1.85 3.17 -46.38
CA GLU C 580 -2.98 2.36 -46.81
C GLU C 580 -4.30 2.97 -46.39
N ASP C 581 -4.31 3.73 -45.29
CA ASP C 581 -5.51 4.48 -44.93
C ASP C 581 -5.86 5.52 -45.99
N LEU C 582 -4.84 6.23 -46.49
CA LEU C 582 -5.08 7.19 -47.57
C LEU C 582 -5.56 6.49 -48.84
N LYS C 583 -4.98 5.33 -49.15
CA LYS C 583 -5.44 4.59 -50.32
C LYS C 583 -6.89 4.15 -50.16
N PHE C 584 -7.27 3.70 -48.97
CA PHE C 584 -8.65 3.31 -48.71
C PHE C 584 -9.58 4.51 -48.85
N VAL C 585 -9.19 5.67 -48.34
CA VAL C 585 -10.03 6.86 -48.44
C VAL C 585 -10.20 7.27 -49.90
N ALA C 586 -9.09 7.26 -50.66
CA ALA C 586 -9.17 7.64 -52.07
C ALA C 586 -9.97 6.63 -52.89
N SER C 587 -9.98 5.36 -52.46
CA SER C 587 -10.72 4.34 -53.20
C SER C 587 -12.22 4.59 -53.15
N GLN C 588 -12.70 5.28 -52.13
CA GLN C 588 -14.13 5.56 -51.99
C GLN C 588 -14.62 6.49 -53.09
N ARG D 69 11.94 43.04 -22.59
CA ARG D 69 12.51 42.60 -21.33
C ARG D 69 11.66 41.52 -20.68
N ILE D 70 10.45 41.33 -21.20
CA ILE D 70 9.55 40.31 -20.68
C ILE D 70 10.11 38.93 -20.98
N PHE D 71 10.13 38.07 -19.97
CA PHE D 71 10.74 36.75 -20.09
C PHE D 71 9.69 35.70 -20.39
N ASP D 72 10.03 34.80 -21.32
CA ASP D 72 9.15 33.70 -21.65
C ASP D 72 9.03 32.74 -20.46
N PRO D 73 7.82 32.24 -20.16
CA PRO D 73 7.68 31.33 -19.02
C PRO D 73 8.51 30.06 -19.13
N ARG D 74 8.71 29.55 -20.35
CA ARG D 74 9.46 28.32 -20.55
C ARG D 74 10.96 28.56 -20.69
N GLY D 75 11.40 29.82 -20.67
CA GLY D 75 12.81 30.10 -20.83
C GLY D 75 13.64 29.61 -19.66
N GLN D 76 14.94 29.43 -19.92
CA GLN D 76 15.85 28.93 -18.90
C GLN D 76 16.03 29.93 -17.77
N THR D 77 15.97 31.23 -18.07
CA THR D 77 16.12 32.24 -17.02
C THR D 77 15.02 32.11 -15.98
N ILE D 78 13.77 31.94 -16.43
CA ILE D 78 12.66 31.80 -15.49
C ILE D 78 12.79 30.51 -14.70
N HIS D 79 13.25 29.43 -15.34
CA HIS D 79 13.43 28.16 -14.63
C HIS D 79 14.47 28.28 -13.53
N GLN D 80 15.63 28.86 -13.85
CA GLN D 80 16.68 28.99 -12.85
C GLN D 80 16.28 29.97 -11.75
N TRP D 81 15.54 31.02 -12.11
CA TRP D 81 15.09 31.96 -11.09
C TRP D 81 14.07 31.31 -10.17
N ASN D 82 13.18 30.47 -10.72
CA ASN D 82 12.26 29.73 -9.88
C ASN D 82 12.99 28.75 -8.98
N LYS D 83 14.08 28.15 -9.46
CA LYS D 83 14.89 27.29 -8.60
C LYS D 83 15.45 28.08 -7.42
N ILE D 84 16.11 29.20 -7.71
CA ILE D 84 16.75 29.96 -6.63
C ILE D 84 15.71 30.56 -5.69
N PHE D 85 14.54 30.94 -6.22
CA PHE D 85 13.48 31.46 -5.36
C PHE D 85 12.80 30.38 -4.55
N LEU D 86 12.74 29.14 -5.04
CA LEU D 86 12.31 28.03 -4.19
C LEU D 86 13.30 27.80 -3.05
N VAL D 87 14.60 27.92 -3.36
CA VAL D 87 15.61 27.84 -2.30
C VAL D 87 15.38 28.96 -1.27
N ALA D 88 15.09 30.16 -1.76
CA ALA D 88 14.81 31.29 -0.87
C ALA D 88 13.57 31.03 -0.02
N CYS D 89 12.53 30.44 -0.61
CA CYS D 89 11.33 30.12 0.14
C CYS D 89 11.60 29.09 1.23
N LEU D 90 12.40 28.07 0.92
CA LEU D 90 12.76 27.09 1.94
C LEU D 90 13.56 27.73 3.06
N ILE D 91 14.49 28.63 2.72
CA ILE D 91 15.24 29.34 3.75
C ILE D 91 14.30 30.19 4.60
N SER D 92 13.35 30.87 3.96
CA SER D 92 12.39 31.69 4.71
C SER D 92 11.55 30.82 5.65
N LEU D 93 11.12 29.65 5.18
CA LEU D 93 10.30 28.78 6.02
C LEU D 93 11.12 28.16 7.16
N PHE D 94 12.43 28.01 6.97
CA PHE D 94 13.27 27.49 8.04
C PHE D 94 13.80 28.57 8.97
N VAL D 95 13.66 29.84 8.60
CA VAL D 95 14.12 30.93 9.46
C VAL D 95 12.98 31.65 10.15
N ASP D 96 11.79 31.74 9.55
CA ASP D 96 10.69 32.46 10.17
C ASP D 96 10.31 31.94 11.55
N PRO D 97 10.14 30.64 11.77
CA PRO D 97 9.83 30.17 13.13
C PRO D 97 10.92 30.45 14.15
N LEU D 98 12.16 30.68 13.71
CA LEU D 98 13.23 30.95 14.66
C LEU D 98 13.01 32.23 15.45
N PHE D 99 12.10 33.10 14.99
CA PHE D 99 11.76 34.29 15.76
C PHE D 99 11.04 33.95 17.06
N PHE D 100 10.45 32.76 17.16
CA PHE D 100 9.77 32.37 18.38
C PHE D 100 10.75 32.13 19.52
N TYR D 101 11.98 31.76 19.22
CA TYR D 101 12.98 31.47 20.25
C TYR D 101 13.65 32.72 20.80
N LEU D 102 13.19 33.91 20.41
CA LEU D 102 13.79 35.13 20.92
C LEU D 102 13.69 35.28 22.43
N PRO D 103 12.53 35.09 23.07
CA PRO D 103 12.47 35.28 24.53
C PRO D 103 13.34 34.28 25.27
N ILE D 104 13.95 34.76 26.35
CA ILE D 104 14.80 33.96 27.22
C ILE D 104 14.44 34.26 28.66
N VAL D 105 14.25 33.22 29.47
CA VAL D 105 13.96 33.36 30.88
C VAL D 105 15.26 33.20 31.66
N GLN D 106 15.66 34.24 32.37
CA GLN D 106 16.90 34.18 33.13
C GLN D 106 16.64 33.62 34.53
N ASP D 107 17.73 33.35 35.25
CA ASP D 107 17.62 32.74 36.57
C ASP D 107 16.96 33.67 37.58
N GLU D 108 16.96 34.98 37.33
CA GLU D 108 16.29 35.94 38.20
C GLU D 108 14.79 36.01 37.94
N VAL D 109 14.24 35.05 37.20
CA VAL D 109 12.83 35.01 36.84
C VAL D 109 12.44 36.32 36.16
N CYS D 110 12.92 36.50 34.92
CA CYS D 110 12.55 37.66 34.12
C CYS D 110 12.58 37.26 32.66
N ILE D 111 11.76 37.93 31.85
CA ILE D 111 11.66 37.63 30.43
C ILE D 111 12.60 38.58 29.67
N ASP D 112 13.48 38.00 28.88
CA ASP D 112 14.51 38.76 28.17
C ASP D 112 14.68 38.18 26.78
N ILE D 113 15.19 39.01 25.87
CA ILE D 113 15.34 38.63 24.46
C ILE D 113 16.77 38.93 24.04
N GLY D 114 17.43 37.93 23.46
CA GLY D 114 18.77 38.09 22.96
C GLY D 114 18.85 39.04 21.79
N ILE D 115 19.59 40.14 21.94
CA ILE D 115 19.68 41.14 20.88
C ILE D 115 20.41 40.58 19.66
N ALA D 116 21.47 39.82 19.88
CA ALA D 116 22.27 39.31 18.76
C ALA D 116 21.44 38.36 17.89
N VAL D 117 20.71 37.44 18.51
CA VAL D 117 19.87 36.53 17.74
C VAL D 117 18.80 37.31 17.00
N GLU D 118 18.21 38.31 17.65
CA GLU D 118 17.16 39.09 17.00
C GLU D 118 17.69 39.82 15.77
N VAL D 119 18.86 40.45 15.88
CA VAL D 119 19.37 41.20 14.74
C VAL D 119 19.81 40.25 13.62
N PHE D 120 20.38 39.09 13.99
CA PHE D 120 20.77 38.11 12.98
C PHE D 120 19.55 37.62 12.20
N LEU D 121 18.48 37.29 12.92
CA LEU D 121 17.27 36.81 12.26
C LEU D 121 16.62 37.93 11.45
N ILE D 122 16.70 39.17 11.93
CA ILE D 122 16.17 40.31 11.17
C ILE D 122 16.92 40.45 9.85
N ILE D 123 18.26 40.33 9.89
CA ILE D 123 19.04 40.44 8.67
C ILE D 123 18.69 39.32 7.70
N ILE D 124 18.59 38.08 8.20
CA ILE D 124 18.28 36.95 7.32
C ILE D 124 16.90 37.13 6.69
N ARG D 125 15.91 37.52 7.50
CA ARG D 125 14.58 37.72 6.94
C ARG D 125 14.53 38.91 5.99
N SER D 126 15.38 39.93 6.23
CA SER D 126 15.46 41.04 5.29
C SER D 126 15.97 40.57 3.94
N ILE D 127 16.99 39.72 3.94
CA ILE D 127 17.47 39.15 2.68
C ILE D 127 16.37 38.35 2.01
N ALA D 128 15.65 37.53 2.79
CA ALA D 128 14.58 36.72 2.22
C ALA D 128 13.48 37.58 1.61
N ASP D 129 13.11 38.66 2.28
CA ASP D 129 12.04 39.52 1.77
C ASP D 129 12.51 40.36 0.59
N VAL D 130 13.80 40.69 0.52
CA VAL D 130 14.34 41.29 -0.69
C VAL D 130 14.19 40.32 -1.86
N PHE D 131 14.50 39.04 -1.62
CA PHE D 131 14.30 38.04 -2.67
C PHE D 131 12.83 37.95 -3.07
N TYR D 132 11.93 38.01 -2.09
CA TYR D 132 10.50 37.90 -2.39
C TYR D 132 10.00 39.11 -3.19
N VAL D 133 10.45 40.32 -2.84
CA VAL D 133 10.00 41.49 -3.59
C VAL D 133 10.61 41.50 -4.99
N ILE D 134 11.84 41.00 -5.14
CA ILE D 134 12.41 40.85 -6.47
C ILE D 134 11.61 39.82 -7.27
N HIS D 135 11.10 38.78 -6.61
CA HIS D 135 10.21 37.83 -7.28
C HIS D 135 8.92 38.51 -7.73
N ILE D 136 8.37 39.38 -6.89
CA ILE D 136 7.19 40.14 -7.28
C ILE D 136 7.49 40.96 -8.53
N PHE D 137 8.64 41.62 -8.55
CA PHE D 137 9.05 42.42 -9.71
C PHE D 137 9.21 41.54 -10.95
N MET D 138 9.82 40.37 -10.79
CA MET D 138 10.07 39.49 -11.94
C MET D 138 8.77 38.95 -12.51
N ARG D 139 7.88 38.45 -11.65
CA ARG D 139 6.60 37.94 -12.12
C ARG D 139 5.68 39.06 -12.62
N PHE D 140 5.94 40.31 -12.21
CA PHE D 140 5.19 41.41 -12.78
C PHE D 140 5.66 41.73 -14.20
N HIS D 141 6.81 41.18 -14.60
CA HIS D 141 7.35 41.28 -15.95
C HIS D 141 7.50 39.90 -16.58
N THR D 142 6.50 39.04 -16.46
CA THR D 142 6.54 37.70 -17.01
C THR D 142 5.51 37.55 -18.13
N ALA D 143 5.77 36.60 -19.02
CA ALA D 143 4.86 36.30 -20.11
C ALA D 143 4.00 35.09 -19.76
N TYR D 144 2.78 35.09 -20.30
CA TYR D 144 1.82 34.02 -20.06
C TYR D 144 1.28 33.51 -21.39
N VAL D 145 0.89 32.23 -21.40
CA VAL D 145 0.28 31.62 -22.57
C VAL D 145 -1.19 32.04 -22.61
N ALA D 146 -1.58 32.71 -23.71
CA ALA D 146 -2.95 33.20 -23.83
C ALA D 146 -3.93 32.04 -23.92
N PRO D 147 -5.13 32.18 -23.36
CA PRO D 147 -6.16 31.14 -23.42
C PRO D 147 -6.87 31.09 -24.77
N SER D 148 -6.09 31.14 -25.85
CA SER D 148 -6.64 31.04 -27.20
C SER D 148 -6.52 29.59 -27.66
N SER D 149 -7.66 28.93 -27.85
CA SER D 149 -7.65 27.55 -28.30
C SER D 149 -6.97 27.41 -29.64
N ARG D 150 -7.30 28.29 -30.59
CA ARG D 150 -6.69 28.35 -31.91
C ARG D 150 -6.72 27.01 -32.63
N VAL D 151 -5.85 26.84 -33.62
CA VAL D 151 -5.76 25.61 -34.38
C VAL D 151 -4.33 25.08 -34.38
N PHE D 152 -3.35 25.93 -34.70
CA PHE D 152 -1.96 25.53 -34.75
C PHE D 152 -1.10 26.47 -33.90
N GLY D 153 0.04 25.96 -33.47
CA GLY D 153 1.04 26.77 -32.81
C GLY D 153 0.88 26.77 -31.29
N ARG D 154 1.91 27.27 -30.61
CA ARG D 154 1.89 27.39 -29.16
C ARG D 154 2.45 28.73 -28.69
N GLY D 155 2.82 29.62 -29.60
CA GLY D 155 3.39 30.90 -29.21
C GLY D 155 2.35 31.97 -28.94
N GLU D 156 1.46 31.71 -27.99
CA GLU D 156 0.42 32.66 -27.60
C GLU D 156 0.89 33.59 -26.48
N LEU D 157 2.19 33.77 -26.32
CA LEU D 157 2.71 34.65 -25.28
C LEU D 157 2.35 36.10 -25.61
N VAL D 158 1.94 36.85 -24.59
CA VAL D 158 1.53 38.24 -24.77
C VAL D 158 2.66 39.14 -24.28
N ILE D 159 3.10 40.07 -25.14
CA ILE D 159 4.17 40.98 -24.79
C ILE D 159 3.66 42.26 -24.14
N ASP D 160 2.37 42.55 -24.26
CA ASP D 160 1.81 43.78 -23.72
C ASP D 160 1.85 43.74 -22.18
N SER D 161 2.37 44.81 -21.57
CA SER D 161 2.50 44.83 -20.12
C SER D 161 1.15 45.00 -19.44
N SER D 162 0.22 45.71 -20.07
CA SER D 162 -1.06 46.00 -19.43
C SER D 162 -1.84 44.72 -19.17
N LYS D 163 -1.90 43.82 -20.16
CA LYS D 163 -2.69 42.60 -20.01
C LYS D 163 -2.12 41.69 -18.93
N ILE D 164 -0.80 41.47 -18.96
CA ILE D 164 -0.18 40.61 -17.97
C ILE D 164 -0.30 41.20 -16.58
N ALA D 165 -0.14 42.53 -16.45
CA ALA D 165 -0.29 43.17 -15.16
C ALA D 165 -1.72 43.03 -14.64
N SER D 166 -2.71 43.25 -15.51
CA SER D 166 -4.10 43.13 -15.08
C SER D 166 -4.42 41.71 -14.64
N ARG D 167 -3.94 40.71 -15.39
CA ARG D 167 -4.22 39.33 -15.02
C ARG D 167 -3.49 38.92 -13.74
N TYR D 168 -2.28 39.45 -13.54
CA TYR D 168 -1.53 39.12 -12.32
C TYR D 168 -2.18 39.73 -11.09
N LEU D 169 -2.63 40.99 -11.20
CA LEU D 169 -3.38 41.59 -10.10
C LEU D 169 -4.73 40.89 -9.88
N HIS D 170 -5.33 40.38 -10.96
CA HIS D 170 -6.58 39.65 -10.82
C HIS D 170 -6.39 38.39 -9.97
N LYS D 171 -5.30 37.66 -10.20
CA LYS D 171 -5.03 36.45 -9.43
C LYS D 171 -3.52 36.29 -9.29
N GLY D 172 -3.05 36.18 -8.05
CA GLY D 172 -1.66 35.95 -7.74
C GLY D 172 -0.99 37.10 -6.99
N PHE D 173 -1.36 38.34 -7.31
CA PHE D 173 -0.71 39.49 -6.68
C PHE D 173 -0.98 39.54 -5.18
N PHE D 174 -2.23 39.31 -4.77
CA PHE D 174 -2.57 39.46 -3.35
C PHE D 174 -1.85 38.43 -2.49
N LEU D 175 -1.92 37.15 -2.88
CA LEU D 175 -1.32 36.10 -2.07
C LEU D 175 0.19 36.24 -2.01
N ASP D 176 0.82 36.59 -3.14
CA ASP D 176 2.27 36.72 -3.16
C ASP D 176 2.73 37.97 -2.42
N PHE D 177 1.97 39.06 -2.49
CA PHE D 177 2.37 40.30 -1.84
C PHE D 177 2.15 40.24 -0.33
N ILE D 178 1.08 39.59 0.11
CA ILE D 178 0.83 39.48 1.54
C ILE D 178 1.87 38.59 2.21
N ALA D 179 2.60 37.79 1.44
CA ALA D 179 3.67 36.95 1.96
C ALA D 179 5.05 37.52 1.67
N ALA D 180 5.13 38.78 1.25
CA ALA D 180 6.40 39.40 0.90
C ALA D 180 6.71 40.66 1.68
N LEU D 181 5.70 41.40 2.15
CA LEU D 181 5.97 42.64 2.87
C LEU D 181 6.63 42.32 4.21
N PRO D 182 7.62 43.12 4.62
CA PRO D 182 8.41 42.80 5.83
C PRO D 182 7.80 43.34 7.11
N LEU D 183 6.58 42.88 7.41
CA LEU D 183 5.97 43.24 8.70
C LEU D 183 6.74 42.72 9.90
N PRO D 184 7.20 41.46 9.95
CA PRO D 184 8.01 41.03 11.10
C PRO D 184 9.28 41.82 11.28
N GLN D 185 9.84 42.39 10.22
CA GLN D 185 11.05 43.19 10.32
C GLN D 185 10.81 44.61 10.81
N VAL D 186 9.58 45.10 10.76
CA VAL D 186 9.27 46.47 11.15
C VAL D 186 8.55 46.52 12.50
N LEU D 187 7.55 45.66 12.71
CA LEU D 187 6.80 45.72 13.95
C LEU D 187 7.60 45.20 15.14
N ILE D 188 8.80 44.68 14.91
CA ILE D 188 9.70 44.32 15.99
C ILE D 188 10.84 45.32 16.15
N TRP D 189 11.24 46.00 15.08
CA TRP D 189 12.43 46.84 15.10
C TRP D 189 12.16 48.33 15.20
N ILE D 190 11.04 48.83 14.64
CA ILE D 190 10.83 50.27 14.57
C ILE D 190 9.48 50.63 15.20
N VAL D 191 8.63 49.64 15.41
CA VAL D 191 7.31 49.86 16.01
C VAL D 191 7.35 49.72 17.52
N ILE D 192 7.99 48.67 18.02
CA ILE D 192 8.11 48.50 19.48
C ILE D 192 8.83 49.67 20.12
N PRO D 193 9.94 50.19 19.58
CA PRO D 193 10.51 51.42 20.15
C PRO D 193 9.54 52.60 20.13
N ASN D 194 8.66 52.67 19.13
CA ASN D 194 7.67 53.74 19.04
C ASN D 194 6.30 53.29 19.52
N LEU D 195 6.20 52.10 20.11
CA LEU D 195 4.92 51.60 20.60
C LEU D 195 4.47 52.39 21.83
N GLY D 196 3.17 52.33 22.10
CA GLY D 196 2.61 53.03 23.24
C GLY D 196 2.95 52.39 24.56
N GLY D 197 4.23 52.38 24.90
CA GLY D 197 4.70 51.81 26.14
C GLY D 197 6.21 51.76 26.21
N SER D 198 6.76 51.67 27.42
CA SER D 198 8.20 51.65 27.63
C SER D 198 8.75 50.26 27.86
N THR D 199 7.91 49.23 27.84
CA THR D 199 8.34 47.86 28.06
C THR D 199 8.57 47.20 26.72
N ILE D 200 9.80 47.31 26.21
CA ILE D 200 10.15 46.66 24.95
C ILE D 200 10.08 45.14 25.09
N ALA D 201 10.65 44.61 26.17
CA ALA D 201 10.68 43.16 26.35
C ALA D 201 9.29 42.59 26.55
N ASN D 202 8.44 43.27 27.33
CA ASN D 202 7.12 42.73 27.63
C ASN D 202 6.24 42.66 26.37
N THR D 203 6.21 43.73 25.59
CA THR D 203 5.34 43.78 24.42
C THR D 203 6.03 43.22 23.18
N LYS D 204 6.62 42.03 23.30
CA LYS D 204 7.13 41.32 22.13
C LYS D 204 6.93 39.81 22.29
N ASN D 205 6.03 39.39 23.19
CA ASN D 205 5.75 37.98 23.41
C ASN D 205 4.35 37.57 23.01
N VAL D 206 3.33 38.33 23.39
CA VAL D 206 1.94 37.92 23.20
C VAL D 206 1.46 38.27 21.80
N LEU D 207 1.94 39.40 21.27
CA LEU D 207 1.47 39.86 19.96
C LEU D 207 2.15 39.15 18.80
N ARG D 208 2.80 38.00 18.98
CA ARG D 208 3.42 37.32 17.86
C ARG D 208 2.38 36.61 17.01
N PHE D 209 1.38 37.35 16.54
CA PHE D 209 0.41 36.83 15.60
C PHE D 209 0.80 37.09 14.15
N ILE D 210 1.68 38.06 13.90
CA ILE D 210 2.08 38.38 12.55
C ILE D 210 2.82 37.22 11.91
N ILE D 211 3.66 36.53 12.69
CA ILE D 211 4.42 35.41 12.16
C ILE D 211 3.47 34.33 11.67
N ILE D 212 2.46 33.98 12.48
CA ILE D 212 1.57 32.88 12.15
C ILE D 212 0.48 33.30 11.17
N ILE D 213 0.24 34.60 10.97
CA ILE D 213 -0.70 35.02 9.95
C ILE D 213 -0.02 35.25 8.60
N GLN D 214 1.30 35.45 8.59
CA GLN D 214 2.02 35.57 7.33
C GLN D 214 2.69 34.27 6.90
N TYR D 215 2.86 33.32 7.82
CA TYR D 215 3.45 32.03 7.45
C TYR D 215 2.53 31.24 6.53
N LEU D 216 1.22 31.24 6.81
CA LEU D 216 0.29 30.49 5.98
C LEU D 216 0.28 30.93 4.52
N PRO D 217 0.27 32.24 4.18
CA PRO D 217 0.43 32.60 2.77
C PRO D 217 1.72 32.08 2.16
N ARG D 218 2.81 32.07 2.94
CA ARG D 218 4.07 31.56 2.42
C ARG D 218 4.07 30.05 2.30
N LEU D 219 3.46 29.34 3.25
CA LEU D 219 3.40 27.88 3.19
C LEU D 219 2.40 27.38 2.16
N PHE D 220 1.43 28.20 1.77
CA PHE D 220 0.46 27.78 0.77
C PHE D 220 1.07 27.78 -0.64
N LEU D 221 1.86 28.80 -0.96
CA LEU D 221 2.38 28.94 -2.31
C LEU D 221 3.62 28.11 -2.57
N ILE D 222 4.18 27.46 -1.55
CA ILE D 222 5.34 26.60 -1.79
C ILE D 222 4.94 25.37 -2.61
N PHE D 223 3.72 24.86 -2.41
CA PHE D 223 3.31 23.67 -3.16
C PHE D 223 3.20 23.93 -4.66
N PRO D 224 2.51 24.99 -5.13
CA PRO D 224 2.52 25.25 -6.59
C PRO D 224 3.91 25.51 -7.14
N LEU D 225 4.77 26.18 -6.37
CA LEU D 225 6.14 26.42 -6.83
C LEU D 225 6.90 25.12 -7.00
N SER D 226 6.78 24.21 -6.02
CA SER D 226 7.44 22.91 -6.12
C SER D 226 6.87 22.10 -7.28
N SER D 227 5.56 22.16 -7.49
CA SER D 227 4.97 21.44 -8.61
C SER D 227 5.49 21.95 -9.94
N GLN D 228 5.57 23.28 -10.09
CA GLN D 228 6.11 23.85 -11.32
C GLN D 228 7.56 23.46 -11.52
N ILE D 229 8.36 23.51 -10.45
CA ILE D 229 9.77 23.15 -10.55
C ILE D 229 9.92 21.70 -10.98
N VAL D 230 9.12 20.80 -10.40
CA VAL D 230 9.27 19.38 -10.74
C VAL D 230 8.69 19.04 -12.11
N LYS D 231 7.72 19.80 -12.63
CA LYS D 231 7.31 19.52 -14.00
C LYS D 231 8.19 20.22 -15.01
N ALA D 232 9.03 21.16 -14.58
CA ALA D 232 9.94 21.86 -15.48
C ALA D 232 11.34 21.28 -15.47
N THR D 233 11.51 20.04 -14.98
CA THR D 233 12.81 19.38 -14.96
C THR D 233 12.71 17.92 -15.38
N GLY D 234 11.66 17.55 -16.11
CA GLY D 234 11.49 16.17 -16.48
C GLY D 234 11.11 15.31 -15.29
N VAL D 235 11.73 14.14 -15.20
CA VAL D 235 11.46 13.24 -14.07
C VAL D 235 12.07 13.82 -12.79
N VAL D 236 11.38 13.59 -11.67
CA VAL D 236 11.84 14.16 -10.40
C VAL D 236 13.08 13.44 -9.89
N THR D 237 13.19 12.14 -10.14
CA THR D 237 14.26 11.32 -9.58
C THR D 237 14.44 10.09 -10.45
N GLU D 238 15.14 9.09 -9.91
CA GLU D 238 15.34 7.85 -10.65
C GLU D 238 14.21 6.86 -10.39
N THR D 239 14.05 6.41 -9.14
CA THR D 239 12.86 5.63 -8.81
C THR D 239 11.85 6.42 -8.01
N ALA D 240 12.19 6.78 -6.76
CA ALA D 240 11.29 7.60 -5.96
C ALA D 240 12.01 8.54 -4.99
N TRP D 241 13.32 8.79 -5.17
CA TRP D 241 14.08 9.47 -4.12
C TRP D 241 13.58 10.89 -3.89
N ALA D 242 13.27 11.63 -4.95
CA ALA D 242 12.83 13.02 -4.78
C ALA D 242 11.50 13.08 -4.06
N GLY D 243 10.50 12.32 -4.54
CA GLY D 243 9.20 12.28 -3.91
C GLY D 243 9.20 11.64 -2.54
N ALA D 244 10.27 10.94 -2.18
CA ALA D 244 10.39 10.32 -0.88
C ALA D 244 11.08 11.22 0.13
N ALA D 245 12.10 11.96 -0.30
CA ALA D 245 12.78 12.91 0.57
C ALA D 245 12.04 14.23 0.70
N TYR D 246 11.15 14.56 -0.25
CA TYR D 246 10.32 15.75 -0.08
C TYR D 246 9.43 15.61 1.15
N ASN D 247 8.90 14.41 1.39
CA ASN D 247 8.08 14.19 2.57
C ASN D 247 8.87 14.38 3.85
N LEU D 248 10.12 13.89 3.90
CA LEU D 248 10.92 14.07 5.09
C LEU D 248 11.34 15.52 5.28
N ILE D 249 11.56 16.25 4.19
CA ILE D 249 11.86 17.68 4.30
C ILE D 249 10.66 18.42 4.88
N LEU D 250 9.46 18.10 4.37
CA LEU D 250 8.25 18.70 4.93
C LEU D 250 8.05 18.28 6.38
N TYR D 251 8.46 17.06 6.72
CA TYR D 251 8.34 16.57 8.08
C TYR D 251 9.24 17.37 9.02
N MET D 252 10.48 17.62 8.60
CA MET D 252 11.38 18.47 9.37
C MET D 252 10.82 19.87 9.50
N LEU D 253 10.25 20.41 8.42
CA LEU D 253 9.69 21.76 8.49
C LEU D 253 8.54 21.83 9.48
N ALA D 254 7.65 20.84 9.45
CA ALA D 254 6.53 20.81 10.38
C ALA D 254 7.02 20.65 11.82
N SER D 255 8.01 19.79 12.04
CA SER D 255 8.56 19.62 13.38
C SER D 255 9.19 20.91 13.87
N HIS D 256 9.89 21.63 12.99
CA HIS D 256 10.51 22.89 13.36
C HIS D 256 9.45 23.92 13.76
N VAL D 257 8.39 24.04 12.96
CA VAL D 257 7.33 25.00 13.26
C VAL D 257 6.66 24.65 14.57
N LEU D 258 6.36 23.36 14.78
CA LEU D 258 5.70 22.95 16.02
C LEU D 258 6.61 23.13 17.22
N GLY D 259 7.91 22.90 17.08
CA GLY D 259 8.82 23.15 18.18
C GLY D 259 8.90 24.62 18.55
N ALA D 260 8.97 25.50 17.55
CA ALA D 260 8.97 26.93 17.83
C ALA D 260 7.67 27.36 18.51
N CYS D 261 6.54 26.84 18.02
CA CYS D 261 5.26 27.17 18.65
C CYS D 261 5.22 26.64 20.08
N TRP D 262 5.76 25.46 20.31
CA TRP D 262 5.80 24.90 21.67
C TRP D 262 6.63 25.78 22.59
N TYR D 263 7.78 26.26 22.11
CA TYR D 263 8.59 27.14 22.95
C TYR D 263 7.83 28.42 23.28
N LEU D 264 7.21 29.03 22.27
CA LEU D 264 6.48 30.28 22.52
C LEU D 264 5.33 30.05 23.50
N LEU D 265 4.59 28.96 23.32
CA LEU D 265 3.46 28.68 24.21
C LEU D 265 3.92 28.34 25.62
N SER D 266 5.05 27.64 25.77
CA SER D 266 5.57 27.36 27.09
C SER D 266 6.00 28.64 27.79
N ILE D 267 6.63 29.56 27.06
CA ILE D 267 6.95 30.86 27.63
C ILE D 267 5.68 31.58 28.05
N GLU D 268 4.64 31.51 27.22
CA GLU D 268 3.38 32.19 27.53
C GLU D 268 2.76 31.61 28.80
N ARG D 269 2.76 30.28 28.94
CA ARG D 269 2.16 29.67 30.12
C ARG D 269 2.98 29.94 31.38
N GLN D 270 4.30 29.96 31.26
CA GLN D 270 5.12 30.31 32.42
C GLN D 270 4.88 31.76 32.83
N GLU D 271 4.73 32.66 31.85
CA GLU D 271 4.38 34.03 32.16
C GLU D 271 3.00 34.12 32.82
N ALA D 272 2.06 33.29 32.35
CA ALA D 272 0.73 33.28 32.96
C ALA D 272 0.79 32.80 34.40
N CYS D 273 1.62 31.80 34.69
CA CYS D 273 1.81 31.36 36.07
C CYS D 273 2.43 32.49 36.91
N TRP D 274 3.38 33.21 36.34
CA TRP D 274 3.94 34.36 37.04
C TRP D 274 2.87 35.40 37.34
N LYS D 275 1.98 35.66 36.37
CA LYS D 275 0.89 36.60 36.59
C LYS D 275 -0.05 36.12 37.70
N SER D 276 -0.34 34.82 37.72
CA SER D 276 -1.18 34.27 38.78
C SER D 276 -0.52 34.43 40.15
N VAL D 277 0.78 34.16 40.24
CA VAL D 277 1.50 34.32 41.50
C VAL D 277 1.48 35.79 41.92
N CYS D 278 1.67 36.70 40.96
CA CYS D 278 1.60 38.13 41.27
C CYS D 278 0.23 38.52 41.78
N LYS D 279 -0.82 37.95 41.19
CA LYS D 279 -2.18 38.19 41.70
C LYS D 279 -2.32 37.67 43.12
N LEU D 280 -1.72 36.52 43.42
CA LEU D 280 -1.75 35.99 44.77
C LEU D 280 -0.94 36.86 45.73
N GLU D 281 0.03 37.61 45.21
CA GLU D 281 0.85 38.50 46.04
C GLU D 281 0.70 39.94 45.58
N GLU D 282 -0.54 40.37 45.36
CA GLU D 282 -0.79 41.71 44.82
C GLU D 282 -0.28 42.80 45.75
N SER D 283 -0.11 42.50 47.03
CA SER D 283 0.27 43.53 47.99
C SER D 283 1.62 44.16 47.67
N SER D 284 2.52 43.40 47.05
CA SER D 284 3.86 43.92 46.75
C SER D 284 4.35 43.50 45.37
N CYS D 285 3.44 43.33 44.41
CA CYS D 285 3.82 42.88 43.08
C CYS D 285 3.00 43.62 42.04
N GLN D 286 3.51 43.63 40.82
CA GLN D 286 2.87 44.31 39.70
C GLN D 286 2.93 43.43 38.46
N PHE D 287 2.01 43.68 37.52
CA PHE D 287 1.99 42.91 36.29
C PHE D 287 3.23 43.16 35.44
N ASP D 288 3.64 44.41 35.28
CA ASP D 288 4.85 44.76 34.55
C ASP D 288 6.11 44.52 35.37
N PHE D 289 5.98 43.95 36.56
CA PHE D 289 7.12 43.76 37.45
C PHE D 289 8.01 42.61 36.99
N PHE D 290 7.48 41.72 36.15
CA PHE D 290 8.26 40.62 35.61
C PHE D 290 9.07 41.01 34.38
N ASP D 291 8.88 42.22 33.86
CA ASP D 291 9.73 42.70 32.78
C ASP D 291 11.16 42.77 33.28
N CYS D 292 12.09 42.20 32.50
CA CYS D 292 13.44 42.01 33.00
C CYS D 292 14.27 43.27 32.93
N ASN D 293 13.76 44.33 32.31
CA ASN D 293 14.41 45.64 32.37
C ASN D 293 14.38 46.25 33.76
N MET D 294 13.57 45.71 34.67
CA MET D 294 13.43 46.26 36.02
C MET D 294 14.05 45.35 37.07
N VAL D 295 14.99 44.49 36.68
CA VAL D 295 15.63 43.60 37.64
C VAL D 295 16.51 44.35 38.62
N LYS D 296 17.22 45.39 38.17
CA LYS D 296 18.15 46.13 39.02
C LYS D 296 17.44 46.99 40.07
N ASP D 297 16.12 47.10 40.01
CA ASP D 297 15.39 47.88 40.99
C ASP D 297 15.47 47.25 42.37
N SER D 298 15.49 48.11 43.40
CA SER D 298 15.51 47.62 44.77
C SER D 298 14.23 46.86 45.11
N LEU D 299 13.09 47.36 44.63
CA LEU D 299 11.83 46.66 44.83
C LEU D 299 11.89 45.26 44.21
N ARG D 300 12.58 45.11 43.09
CA ARG D 300 12.74 43.78 42.49
C ARG D 300 13.48 42.85 43.43
N VAL D 301 14.56 43.32 44.04
CA VAL D 301 15.33 42.50 44.96
C VAL D 301 14.50 42.12 46.17
N SER D 302 13.78 43.10 46.74
CA SER D 302 12.96 42.83 47.91
C SER D 302 11.87 41.83 47.60
N TRP D 303 11.20 41.99 46.45
CA TRP D 303 10.14 41.07 46.07
C TRP D 303 10.68 39.67 45.82
N PHE D 304 11.82 39.56 45.14
CA PHE D 304 12.40 38.24 44.89
C PHE D 304 12.83 37.56 46.18
N VAL D 305 13.28 38.34 47.16
CA VAL D 305 13.61 37.76 48.46
C VAL D 305 12.36 37.27 49.17
N THR D 306 11.31 38.10 49.21
CA THR D 306 10.13 37.74 49.98
C THR D 306 9.26 36.72 49.26
N SER D 307 9.25 36.72 47.93
CA SER D 307 8.38 35.82 47.20
C SER D 307 9.05 34.46 46.99
N ASN D 308 8.21 33.46 46.68
CA ASN D 308 8.66 32.10 46.43
C ASN D 308 8.21 31.61 45.06
N VAL D 309 8.20 32.51 44.06
CA VAL D 309 7.75 32.14 42.73
C VAL D 309 8.70 31.15 42.05
N THR D 310 9.96 31.10 42.48
CA THR D 310 10.91 30.18 41.88
C THR D 310 10.56 28.72 42.14
N ASN D 311 9.70 28.46 43.13
CA ASN D 311 9.22 27.12 43.42
C ASN D 311 7.76 26.92 43.08
N LEU D 312 6.92 27.96 43.26
CA LEU D 312 5.49 27.81 43.07
C LEU D 312 5.15 27.57 41.60
N CYS D 313 5.83 28.25 40.68
CA CYS D 313 5.66 28.00 39.25
C CYS D 313 6.63 26.90 38.79
N SER D 314 6.30 25.69 39.18
CA SER D 314 7.00 24.49 38.76
C SER D 314 6.00 23.36 38.63
N PRO D 315 6.20 22.44 37.68
CA PRO D 315 5.27 21.30 37.56
C PRO D 315 5.27 20.40 38.79
N ASN D 316 6.32 20.43 39.60
CA ASN D 316 6.31 19.68 40.86
C ASN D 316 5.24 20.22 41.80
N SER D 317 5.14 21.54 41.90
CA SER D 317 4.09 22.16 42.69
C SER D 317 2.75 22.03 41.97
N LEU D 318 1.66 22.11 42.74
CA LEU D 318 0.32 21.91 42.23
C LEU D 318 -0.47 23.22 42.13
N PHE D 319 0.23 24.36 42.14
CA PHE D 319 -0.48 25.63 42.01
C PHE D 319 -1.09 25.79 40.63
N TYR D 320 -0.31 25.56 39.58
CA TYR D 320 -0.72 25.83 38.21
C TYR D 320 -0.52 24.57 37.38
N GLN D 321 -1.46 24.31 36.48
CA GLN D 321 -1.41 23.12 35.62
C GLN D 321 -0.60 23.47 34.37
N PHE D 322 0.67 23.07 34.35
CA PHE D 322 1.50 23.33 33.18
C PHE D 322 1.09 22.45 32.01
N GLY D 323 0.76 21.18 32.28
CA GLY D 323 0.33 20.28 31.23
C GLY D 323 1.46 19.78 30.35
N ILE D 324 1.36 20.03 29.04
CA ILE D 324 2.39 19.56 28.13
C ILE D 324 3.63 20.44 28.12
N TYR D 325 3.61 21.56 28.85
CA TYR D 325 4.76 22.44 28.96
C TYR D 325 5.57 22.18 30.22
N GLY D 326 5.27 21.11 30.94
CA GLY D 326 6.07 20.76 32.10
C GLY D 326 7.50 20.43 31.77
N ASP D 327 7.73 19.81 30.61
CA ASP D 327 9.09 19.50 30.19
C ASP D 327 9.89 20.76 29.94
N ALA D 328 9.24 21.86 29.55
CA ALA D 328 9.95 23.10 29.29
C ALA D 328 10.60 23.64 30.56
N VAL D 329 9.91 23.55 31.69
CA VAL D 329 10.45 24.07 32.94
C VAL D 329 11.28 23.04 33.68
N THR D 330 10.91 21.75 33.60
CA THR D 330 11.69 20.71 34.26
C THR D 330 13.07 20.58 33.64
N SER D 331 13.16 20.64 32.33
CA SER D 331 14.44 20.52 31.63
C SER D 331 15.18 21.85 31.52
N LYS D 332 14.60 22.93 32.03
CA LYS D 332 15.23 24.25 32.01
C LYS D 332 15.61 24.66 30.59
N VAL D 333 14.70 24.41 29.65
CA VAL D 333 14.96 24.76 28.26
C VAL D 333 14.82 26.25 28.01
N THR D 334 14.03 26.96 28.82
CA THR D 334 13.79 28.38 28.60
C THR D 334 14.88 29.27 29.18
N THR D 335 15.92 28.68 29.78
CA THR D 335 17.01 29.46 30.36
C THR D 335 18.36 29.17 29.73
N SER D 336 18.42 28.32 28.70
CA SER D 336 19.69 27.94 28.11
C SER D 336 20.00 28.80 26.89
N ALA D 337 21.14 28.54 26.26
CA ALA D 337 21.54 29.28 25.07
C ALA D 337 20.61 28.96 23.91
N PHE D 338 20.80 29.68 22.81
CA PHE D 338 19.90 29.56 21.67
C PHE D 338 19.95 28.16 21.06
N PHE D 339 21.15 27.62 20.88
CA PHE D 339 21.27 26.36 20.15
C PHE D 339 20.73 25.18 20.94
N ASN D 340 21.01 25.13 22.24
CA ASN D 340 20.50 24.04 23.06
C ASN D 340 18.98 24.01 23.07
N LYS D 341 18.36 25.17 23.34
CA LYS D 341 16.91 25.22 23.41
C LYS D 341 16.29 25.00 22.04
N TYR D 342 16.93 25.51 20.99
CA TYR D 342 16.41 25.28 19.64
C TYR D 342 16.41 23.79 19.30
N PHE D 343 17.50 23.09 19.61
CA PHE D 343 17.54 21.67 19.32
C PHE D 343 16.55 20.90 20.18
N PHE D 344 16.40 21.29 21.45
CA PHE D 344 15.44 20.61 22.31
C PHE D 344 14.02 20.79 21.78
N CYS D 345 13.67 22.00 21.34
CA CYS D 345 12.32 22.23 20.84
C CYS D 345 12.10 21.52 19.50
N LEU D 346 13.11 21.50 18.64
CA LEU D 346 12.98 20.77 17.39
C LEU D 346 12.78 19.28 17.65
N TRP D 347 13.54 18.72 18.60
CA TRP D 347 13.37 17.32 18.94
C TRP D 347 12.00 17.07 19.57
N TRP D 348 11.52 17.99 20.39
CA TRP D 348 10.18 17.85 20.96
C TRP D 348 9.13 17.80 19.86
N GLY D 349 9.23 18.72 18.89
CA GLY D 349 8.30 18.71 17.78
C GLY D 349 8.37 17.41 16.99
N LEU D 350 9.59 16.96 16.67
CA LEU D 350 9.74 15.74 15.89
C LEU D 350 9.20 14.53 16.64
N ARG D 351 9.46 14.46 17.95
CA ARG D 351 9.00 13.31 18.73
C ARG D 351 7.48 13.29 18.85
N ASN D 352 6.88 14.42 19.22
CA ASN D 352 5.43 14.44 19.40
C ASN D 352 4.67 14.53 18.08
N LEU D 353 5.36 14.73 16.97
CA LEU D 353 4.74 14.60 15.65
C LEU D 353 4.91 13.21 15.08
N SER D 354 5.97 12.49 15.48
CA SER D 354 6.20 11.13 15.02
C SER D 354 5.53 10.11 15.93
N SER D 355 5.30 10.45 17.19
CA SER D 355 4.59 9.58 18.12
C SER D 355 3.09 9.83 18.11
N LEU D 356 2.59 10.56 17.12
CA LEU D 356 1.17 10.75 16.86
C LEU D 356 0.48 11.59 17.94
N GLY D 357 1.22 12.07 18.92
CA GLY D 357 0.64 12.83 20.01
C GLY D 357 0.65 12.15 21.36
N GLN D 358 1.16 10.92 21.44
CA GLN D 358 1.24 10.23 22.72
C GLN D 358 2.16 10.96 23.68
N GLY D 359 1.80 10.96 24.96
CA GLY D 359 2.56 11.64 25.97
C GLY D 359 2.19 13.08 26.19
N LEU D 360 1.27 13.63 25.39
CA LEU D 360 0.80 15.00 25.55
C LEU D 360 -0.33 15.03 26.57
N LEU D 361 0.03 14.81 27.83
CA LEU D 361 -0.95 14.83 28.93
C LEU D 361 -1.31 16.28 29.22
N THR D 362 -2.25 16.79 28.43
CA THR D 362 -2.62 18.19 28.48
C THR D 362 -3.35 18.52 29.78
N SER D 363 -3.52 19.82 30.01
CA SER D 363 -4.32 20.34 31.11
C SER D 363 -5.72 20.65 30.60
N THR D 364 -6.54 21.29 31.44
CA THR D 364 -7.90 21.65 31.07
C THR D 364 -7.97 23.06 30.49
N PHE D 365 -7.16 23.33 29.47
CA PHE D 365 -7.13 24.64 28.81
C PHE D 365 -7.42 24.46 27.33
N VAL D 366 -8.27 25.35 26.79
CA VAL D 366 -8.72 25.20 25.41
C VAL D 366 -7.56 25.35 24.44
N GLY D 367 -6.70 26.34 24.65
CA GLY D 367 -5.62 26.58 23.70
C GLY D 367 -4.63 25.43 23.66
N GLU D 368 -4.21 24.94 24.82
CA GLU D 368 -3.27 23.83 24.88
C GLU D 368 -3.86 22.57 24.25
N ILE D 369 -5.14 22.30 24.53
CA ILE D 369 -5.78 21.11 23.96
C ILE D 369 -5.91 21.24 22.44
N MET D 370 -6.26 22.43 21.96
CA MET D 370 -6.34 22.65 20.52
C MET D 370 -4.98 22.46 19.86
N PHE D 371 -3.91 22.94 20.51
CA PHE D 371 -2.57 22.75 19.99
C PHE D 371 -2.22 21.27 19.93
N ALA D 372 -2.57 20.51 20.98
CA ALA D 372 -2.31 19.08 20.96
C ALA D 372 -3.09 18.39 19.85
N ILE D 373 -4.34 18.79 19.63
CA ILE D 373 -5.14 18.21 18.57
C ILE D 373 -4.53 18.50 17.20
N VAL D 374 -4.06 19.73 17.00
CA VAL D 374 -3.41 20.09 15.74
C VAL D 374 -2.17 19.24 15.53
N ILE D 375 -1.36 19.06 16.58
CA ILE D 375 -0.18 18.22 16.47
C ILE D 375 -0.56 16.79 16.10
N ALA D 376 -1.60 16.25 16.74
CA ALA D 376 -2.00 14.88 16.47
C ALA D 376 -2.46 14.71 15.03
N THR D 377 -3.29 15.63 14.54
CA THR D 377 -3.79 15.51 13.17
C THR D 377 -2.66 15.67 12.16
N LEU D 378 -1.76 16.64 12.39
CA LEU D 378 -0.64 16.82 11.47
C LEU D 378 0.26 15.59 11.47
N GLY D 379 0.50 15.00 12.65
CA GLY D 379 1.29 13.79 12.70
C GLY D 379 0.64 12.64 11.97
N LEU D 380 -0.68 12.49 12.12
CA LEU D 380 -1.39 11.44 11.39
C LEU D 380 -1.24 11.63 9.89
N VAL D 381 -1.49 12.84 9.40
CA VAL D 381 -1.44 13.08 7.96
C VAL D 381 -0.02 12.84 7.44
N LEU D 382 0.98 13.36 8.15
CA LEU D 382 2.36 13.23 7.67
C LEU D 382 2.85 11.79 7.74
N PHE D 383 2.48 11.05 8.79
CA PHE D 383 2.87 9.65 8.88
C PHE D 383 2.22 8.83 7.77
N ALA D 384 0.94 9.10 7.48
CA ALA D 384 0.28 8.40 6.38
C ALA D 384 0.94 8.73 5.06
N LEU D 385 1.30 9.99 4.85
CA LEU D 385 1.98 10.38 3.62
C LEU D 385 3.33 9.68 3.49
N LEU D 386 4.07 9.57 4.60
CA LEU D 386 5.37 8.89 4.55
C LEU D 386 5.19 7.41 4.24
N ILE D 387 4.19 6.76 4.84
CA ILE D 387 3.94 5.35 4.56
C ILE D 387 3.61 5.17 3.08
N GLY D 388 2.75 6.04 2.55
CA GLY D 388 2.41 5.94 1.14
C GLY D 388 3.60 6.17 0.23
N ASN D 389 4.46 7.14 0.58
CA ASN D 389 5.63 7.43 -0.25
C ASN D 389 6.61 6.26 -0.24
N MET D 390 6.83 5.64 0.93
CA MET D 390 7.71 4.48 0.96
C MET D 390 7.12 3.30 0.20
N GLN D 391 5.80 3.12 0.29
CA GLN D 391 5.16 2.05 -0.49
C GLN D 391 5.32 2.30 -1.98
N THR D 392 5.16 3.56 -2.41
CA THR D 392 5.39 3.90 -3.81
C THR D 392 6.83 3.65 -4.22
N TYR D 393 7.78 4.00 -3.34
CA TYR D 393 9.18 3.71 -3.61
C TYR D 393 9.42 2.22 -3.83
N LEU D 394 8.92 1.39 -2.93
CA LEU D 394 9.14 -0.04 -3.05
C LEU D 394 8.47 -0.61 -4.29
N GLN D 395 7.24 -0.18 -4.59
CA GLN D 395 6.54 -0.68 -5.76
C GLN D 395 7.23 -0.23 -7.05
N SER D 396 7.82 0.97 -7.05
CA SER D 396 8.50 1.43 -8.25
C SER D 396 9.85 0.75 -8.43
N THR D 397 10.56 0.46 -7.34
CA THR D 397 11.86 -0.17 -7.46
C THR D 397 11.73 -1.65 -7.78
N THR D 398 10.68 -2.31 -7.29
CA THR D 398 10.47 -3.70 -7.65
C THR D 398 9.72 -3.83 -8.98
N VAL D 399 8.50 -3.32 -9.02
CA VAL D 399 7.52 -3.46 -10.10
C VAL D 399 7.75 -4.68 -10.99
N ARG D 400 8.86 -4.70 -11.75
CA ARG D 400 9.08 -5.76 -12.74
C ARG D 400 9.19 -7.13 -12.10
N LEU D 401 9.78 -7.22 -10.90
CA LEU D 401 9.85 -8.49 -10.20
C LEU D 401 8.47 -8.98 -9.77
N GLU D 402 7.53 -8.06 -9.57
CA GLU D 402 6.23 -8.44 -9.03
C GLU D 402 5.45 -9.30 -10.03
N GLU D 403 5.31 -8.84 -11.27
CA GLU D 403 4.58 -9.66 -12.23
C GLU D 403 5.40 -10.86 -12.69
N TRP D 404 6.73 -10.80 -12.55
CA TRP D 404 7.52 -12.00 -12.78
C TRP D 404 7.18 -13.08 -11.75
N ARG D 405 7.07 -12.70 -10.48
CA ARG D 405 6.68 -13.65 -9.45
C ARG D 405 5.24 -14.12 -9.66
N VAL D 406 4.37 -13.21 -10.10
CA VAL D 406 2.98 -13.58 -10.40
C VAL D 406 2.95 -14.61 -11.51
N LYS D 407 3.74 -14.40 -12.57
CA LYS D 407 3.79 -15.36 -13.66
C LYS D 407 4.36 -16.69 -13.19
N ARG D 408 5.38 -16.66 -12.32
CA ARG D 408 5.95 -17.90 -11.83
C ARG D 408 4.94 -18.69 -11.01
N THR D 409 4.23 -18.03 -10.10
CA THR D 409 3.25 -18.75 -9.30
C THR D 409 2.04 -19.20 -10.13
N ASP D 410 1.65 -18.40 -11.13
CA ASP D 410 0.56 -18.82 -12.02
C ASP D 410 0.95 -20.03 -12.85
N THR D 411 2.17 -20.03 -13.41
CA THR D 411 2.59 -21.16 -14.21
C THR D 411 2.82 -22.38 -13.33
N GLU D 412 3.20 -22.20 -12.06
CA GLU D 412 3.29 -23.34 -11.15
C GLU D 412 1.91 -23.88 -10.81
N GLN D 413 0.92 -23.01 -10.59
CA GLN D 413 -0.43 -23.49 -10.32
C GLN D 413 -0.99 -24.26 -11.52
N TRP D 414 -0.78 -23.75 -12.73
CA TRP D 414 -1.17 -24.49 -13.93
C TRP D 414 -0.39 -25.80 -14.06
N MET D 415 0.91 -25.75 -13.80
CA MET D 415 1.86 -26.85 -13.83
C MET D 415 1.53 -27.94 -12.81
N HIS D 416 0.77 -27.61 -11.76
CA HIS D 416 0.25 -28.56 -10.79
C HIS D 416 -1.15 -29.05 -11.15
N HIS D 417 -2.01 -28.15 -11.63
CA HIS D 417 -3.39 -28.54 -11.95
C HIS D 417 -3.43 -29.56 -13.08
N ARG D 418 -2.61 -29.36 -14.12
CA ARG D 418 -2.64 -30.26 -15.26
C ARG D 418 -1.86 -31.55 -15.00
N GLN D 419 -1.18 -31.66 -13.86
CA GLN D 419 -0.43 -32.85 -13.47
C GLN D 419 0.62 -33.20 -14.54
N LEU D 420 1.56 -32.27 -14.70
CA LEU D 420 2.63 -32.44 -15.65
C LEU D 420 3.70 -33.40 -15.11
N PRO D 421 4.39 -34.13 -15.98
CA PRO D 421 5.48 -34.98 -15.52
C PRO D 421 6.65 -34.15 -15.01
N GLN D 422 7.40 -34.74 -14.07
CA GLN D 422 8.51 -34.03 -13.46
C GLN D 422 9.59 -33.70 -14.48
N GLU D 423 9.82 -34.57 -15.47
CA GLU D 423 10.87 -34.31 -16.46
C GLU D 423 10.59 -33.03 -17.23
N LEU D 424 9.35 -32.84 -17.69
CA LEU D 424 9.01 -31.63 -18.43
C LEU D 424 8.87 -30.41 -17.53
N ARG D 425 8.54 -30.61 -16.25
CA ARG D 425 8.40 -29.49 -15.33
C ARG D 425 9.72 -28.74 -15.14
N GLN D 426 10.82 -29.48 -14.97
CA GLN D 426 12.11 -28.84 -14.81
C GLN D 426 12.50 -28.03 -16.03
N SER D 427 12.23 -28.54 -17.24
CA SER D 427 12.61 -27.82 -18.45
C SER D 427 11.88 -26.48 -18.56
N VAL D 428 10.57 -26.46 -18.28
CA VAL D 428 9.82 -25.22 -18.42
C VAL D 428 10.20 -24.22 -17.32
N ARG D 429 10.39 -24.71 -16.09
CA ARG D 429 10.82 -23.77 -15.06
C ARG D 429 12.25 -23.29 -15.25
N LYS D 430 13.08 -24.05 -15.97
CA LYS D 430 14.42 -23.58 -16.30
C LYS D 430 14.42 -22.60 -17.46
N TYR D 431 13.58 -22.84 -18.47
CA TYR D 431 13.48 -21.89 -19.58
C TYR D 431 12.93 -20.56 -19.11
N ASP D 432 11.90 -20.57 -18.27
CA ASP D 432 11.34 -19.31 -17.80
C ASP D 432 12.34 -18.55 -16.93
N GLN D 433 13.10 -19.29 -16.10
CA GLN D 433 14.15 -18.68 -15.31
C GLN D 433 15.23 -18.07 -16.20
N TYR D 434 15.60 -18.77 -17.28
CA TYR D 434 16.58 -18.23 -18.21
C TYR D 434 16.06 -16.95 -18.86
N LYS D 435 14.78 -16.94 -19.25
CA LYS D 435 14.21 -15.73 -19.84
C LYS D 435 14.27 -14.57 -18.85
N TRP D 436 13.91 -14.83 -17.59
CA TRP D 436 13.95 -13.76 -16.60
C TRP D 436 15.37 -13.26 -16.36
N ILE D 437 16.34 -14.17 -16.27
CA ILE D 437 17.70 -13.75 -15.94
C ILE D 437 18.41 -13.12 -17.13
N ALA D 438 17.98 -13.43 -18.35
CA ALA D 438 18.64 -12.88 -19.53
C ALA D 438 17.95 -11.64 -20.07
N THR D 439 16.67 -11.44 -19.76
CA THR D 439 15.93 -10.31 -20.32
C THR D 439 15.33 -9.41 -19.25
N ARG D 440 14.96 -9.96 -18.09
CA ARG D 440 14.43 -9.19 -16.97
C ARG D 440 13.17 -8.41 -17.38
N GLY D 441 12.11 -9.16 -17.67
CA GLY D 441 10.89 -8.54 -18.15
C GLY D 441 11.14 -7.83 -19.46
N VAL D 442 10.61 -6.61 -19.57
CA VAL D 442 10.89 -5.72 -20.69
C VAL D 442 10.41 -6.34 -22.00
N ASP D 443 9.22 -5.97 -22.43
CA ASP D 443 8.68 -6.48 -23.70
C ASP D 443 9.46 -5.82 -24.83
N GLU D 444 10.22 -6.63 -25.58
CA GLU D 444 11.07 -6.10 -26.64
C GLU D 444 10.25 -5.39 -27.70
N GLU D 445 9.24 -6.08 -28.24
CA GLU D 445 8.43 -5.52 -29.32
C GLU D 445 7.64 -4.31 -28.83
N SER D 446 7.00 -4.43 -27.66
CA SER D 446 6.19 -3.32 -27.15
C SER D 446 7.04 -2.09 -26.87
N LEU D 447 8.21 -2.27 -26.26
CA LEU D 447 9.09 -1.14 -25.99
C LEU D 447 9.63 -0.54 -27.29
N LEU D 448 10.00 -1.38 -28.26
CA LEU D 448 10.60 -0.88 -29.48
C LEU D 448 9.58 -0.20 -30.39
N ARG D 449 8.30 -0.57 -30.28
CA ARG D 449 7.28 -0.01 -31.15
C ARG D 449 7.01 1.46 -30.87
N GLY D 450 7.19 1.91 -29.62
CA GLY D 450 6.94 3.29 -29.28
C GLY D 450 7.88 4.29 -29.93
N LEU D 451 9.08 3.84 -30.31
CA LEU D 451 10.04 4.71 -30.95
C LEU D 451 9.59 5.06 -32.36
N PRO D 452 10.05 6.19 -32.90
CA PRO D 452 9.73 6.54 -34.29
C PRO D 452 10.44 5.60 -35.26
N LEU D 453 10.14 5.78 -36.54
CA LEU D 453 10.70 4.90 -37.56
C LEU D 453 12.23 4.99 -37.59
N ASP D 454 12.78 6.20 -37.48
CA ASP D 454 14.23 6.35 -37.49
C ASP D 454 14.87 5.62 -36.32
N LEU D 455 14.30 5.78 -35.13
CA LEU D 455 14.92 5.18 -33.94
C LEU D 455 14.90 3.66 -34.03
N ARG D 456 13.75 3.09 -34.42
CA ARG D 456 13.67 1.63 -34.51
C ARG D 456 14.57 1.10 -35.61
N ARG D 457 14.61 1.77 -36.77
CA ARG D 457 15.47 1.28 -37.85
C ARG D 457 16.93 1.37 -37.46
N ASP D 458 17.34 2.44 -36.76
CA ASP D 458 18.72 2.54 -36.31
C ASP D 458 19.06 1.48 -35.27
N ILE D 459 18.13 1.23 -34.35
CA ILE D 459 18.36 0.20 -33.33
C ILE D 459 18.53 -1.16 -34.00
N LYS D 460 17.65 -1.48 -34.94
CA LYS D 460 17.72 -2.77 -35.62
C LYS D 460 18.99 -2.88 -36.46
N ARG D 461 19.38 -1.80 -37.15
CA ARG D 461 20.59 -1.84 -37.97
C ARG D 461 21.84 -2.03 -37.10
N HIS D 462 21.91 -1.33 -35.97
CA HIS D 462 23.07 -1.50 -35.10
C HIS D 462 23.09 -2.89 -34.47
N LEU D 463 21.95 -3.37 -34.01
CA LEU D 463 21.91 -4.69 -33.39
C LEU D 463 22.00 -5.80 -34.42
N CYS D 464 21.59 -5.54 -35.67
CA CYS D 464 21.62 -6.55 -36.73
C CYS D 464 22.32 -5.95 -37.95
N LEU D 465 23.65 -5.99 -37.94
CA LEU D 465 24.44 -5.72 -39.13
C LEU D 465 25.28 -6.92 -39.55
N GLU D 466 26.15 -7.41 -38.66
CA GLU D 466 26.94 -8.59 -38.98
C GLU D 466 26.12 -9.87 -38.91
N LEU D 467 25.07 -9.88 -38.09
CA LEU D 467 24.20 -11.05 -38.06
C LEU D 467 23.51 -11.27 -39.40
N VAL D 468 23.04 -10.19 -40.03
CA VAL D 468 22.35 -10.31 -41.31
C VAL D 468 23.31 -10.30 -42.49
N ARG D 469 24.52 -9.77 -42.32
CA ARG D 469 25.49 -9.73 -43.42
C ARG D 469 26.10 -11.09 -43.71
N ARG D 470 25.87 -12.10 -42.87
CA ARG D 470 26.39 -13.44 -43.13
C ARG D 470 25.58 -14.20 -44.16
N VAL D 471 24.37 -13.75 -44.48
CA VAL D 471 23.56 -14.41 -45.51
C VAL D 471 24.18 -14.12 -46.87
N PRO D 472 24.49 -15.15 -47.67
CA PRO D 472 25.09 -14.88 -48.99
C PRO D 472 24.22 -14.02 -49.89
N LEU D 473 22.90 -14.21 -49.82
CA LEU D 473 22.00 -13.39 -50.64
C LEU D 473 21.90 -11.97 -50.09
N PHE D 474 21.86 -11.83 -48.77
CA PHE D 474 21.64 -10.53 -48.15
C PHE D 474 22.91 -9.71 -48.01
N ASP D 475 24.08 -10.30 -48.24
CA ASP D 475 25.33 -9.61 -47.95
C ASP D 475 25.59 -8.49 -48.96
N ALA D 476 25.87 -8.84 -50.20
CA ALA D 476 26.29 -7.88 -51.22
C ALA D 476 25.10 -7.43 -52.06
N MET D 477 24.20 -6.68 -51.42
CA MET D 477 23.05 -6.11 -52.12
C MET D 477 22.49 -4.97 -51.27
N ASP D 478 21.39 -4.40 -51.73
CA ASP D 478 20.95 -3.09 -51.25
C ASP D 478 20.61 -3.10 -49.77
N GLU D 479 20.63 -1.91 -49.17
CA GLU D 479 20.31 -1.75 -47.75
C GLU D 479 18.82 -1.56 -47.49
N ARG D 480 18.03 -1.17 -48.49
CA ARG D 480 16.59 -1.04 -48.31
C ARG D 480 15.97 -2.39 -47.97
N MET D 481 16.40 -3.45 -48.65
CA MET D 481 15.94 -4.79 -48.32
C MET D 481 16.41 -5.20 -46.93
N LEU D 482 17.64 -4.82 -46.57
CA LEU D 482 18.19 -5.20 -45.27
C LEU D 482 17.42 -4.55 -44.13
N ASP D 483 17.01 -3.29 -44.30
CA ASP D 483 16.30 -2.59 -43.24
C ASP D 483 14.97 -3.27 -42.92
N ALA D 484 14.23 -3.67 -43.96
CA ALA D 484 12.94 -4.33 -43.73
C ALA D 484 13.12 -5.69 -43.05
N ILE D 485 14.18 -6.42 -43.41
CA ILE D 485 14.46 -7.69 -42.73
C ILE D 485 14.82 -7.45 -41.27
N CYS D 486 15.66 -6.44 -41.02
CA CYS D 486 16.12 -6.18 -39.66
C CYS D 486 14.98 -5.74 -38.75
N GLU D 487 14.09 -4.87 -39.26
CA GLU D 487 13.01 -4.36 -38.42
C GLU D 487 12.00 -5.45 -38.08
N ARG D 488 11.91 -6.49 -38.90
CA ARG D 488 10.98 -7.58 -38.66
C ARG D 488 11.54 -8.66 -37.75
N LEU D 489 12.84 -8.62 -37.46
CA LEU D 489 13.44 -9.62 -36.59
C LEU D 489 12.85 -9.55 -35.18
N LYS D 490 12.61 -10.72 -34.59
CA LYS D 490 12.03 -10.83 -33.27
C LYS D 490 12.94 -11.63 -32.34
N PRO D 491 13.05 -11.25 -31.08
CA PRO D 491 13.91 -11.99 -30.15
C PRO D 491 13.38 -13.39 -29.88
N ALA D 492 14.31 -14.30 -29.61
CA ALA D 492 13.96 -15.68 -29.30
C ALA D 492 15.02 -16.28 -28.38
N LEU D 493 14.57 -17.00 -27.36
CA LEU D 493 15.46 -17.61 -26.39
C LEU D 493 15.14 -19.09 -26.27
N CYS D 494 16.17 -19.88 -25.98
CA CYS D 494 16.02 -21.30 -25.71
C CYS D 494 16.92 -21.70 -24.55
N THR D 495 16.50 -22.72 -23.83
CA THR D 495 17.20 -23.17 -22.63
C THR D 495 18.16 -24.31 -22.97
N GLU D 496 18.83 -24.83 -21.95
CA GLU D 496 19.79 -25.92 -22.14
C GLU D 496 19.07 -27.18 -22.59
N ASN D 497 19.69 -27.90 -23.53
CA ASN D 497 19.17 -29.16 -24.06
C ASN D 497 17.78 -28.91 -24.66
N THR D 498 17.79 -28.15 -25.76
CA THR D 498 16.58 -27.80 -26.49
C THR D 498 16.73 -28.27 -27.93
N TYR D 499 15.92 -29.23 -28.34
CA TYR D 499 15.92 -29.71 -29.72
C TYR D 499 15.22 -28.65 -30.58
N LEU D 500 15.96 -27.60 -30.87
CA LEU D 500 15.37 -26.37 -31.41
C LEU D 500 14.61 -26.63 -32.70
N VAL D 501 15.28 -27.26 -33.67
CA VAL D 501 14.64 -27.73 -34.91
C VAL D 501 15.27 -29.07 -35.23
N ARG D 502 14.53 -30.15 -35.00
CA ARG D 502 15.02 -31.47 -35.36
C ARG D 502 14.86 -31.71 -36.86
N GLU D 503 15.53 -32.75 -37.35
CA GLU D 503 15.49 -33.06 -38.77
C GLU D 503 14.09 -33.51 -39.18
N GLY D 504 13.62 -33.00 -40.33
CA GLY D 504 12.31 -33.29 -40.82
C GLY D 504 11.22 -32.34 -40.36
N ASP D 505 11.48 -31.56 -39.32
CA ASP D 505 10.51 -30.58 -38.87
C ASP D 505 10.46 -29.39 -39.84
N PRO D 506 9.31 -28.73 -39.95
CA PRO D 506 9.21 -27.57 -40.86
C PRO D 506 10.11 -26.43 -40.39
N VAL D 507 10.60 -25.65 -41.34
CA VAL D 507 11.41 -24.47 -41.07
C VAL D 507 10.54 -23.25 -41.29
N ASN D 508 10.30 -22.50 -40.20
CA ASN D 508 9.43 -21.33 -40.25
C ASN D 508 10.05 -20.07 -39.69
N GLU D 509 11.30 -20.12 -39.22
CA GLU D 509 11.91 -18.94 -38.62
C GLU D 509 13.42 -18.98 -38.82
N MET D 510 13.97 -17.86 -39.26
CA MET D 510 15.41 -17.63 -39.27
C MET D 510 15.89 -17.40 -37.84
N LEU D 511 17.03 -17.98 -37.49
CA LEU D 511 17.69 -17.69 -36.22
C LEU D 511 19.08 -17.13 -36.50
N PHE D 512 19.35 -15.95 -35.95
CA PHE D 512 20.65 -15.32 -36.03
C PHE D 512 21.27 -15.38 -34.63
N ILE D 513 22.25 -16.27 -34.47
CA ILE D 513 22.79 -16.58 -33.15
C ILE D 513 23.72 -15.44 -32.74
N ILE D 514 23.33 -14.73 -31.67
CA ILE D 514 24.09 -13.59 -31.17
C ILE D 514 24.80 -13.92 -29.87
N ARG D 515 24.34 -14.96 -29.16
CA ARG D 515 24.87 -15.30 -27.85
C ARG D 515 24.56 -16.75 -27.56
N GLY D 516 25.60 -17.56 -27.41
CA GLY D 516 25.45 -18.97 -27.09
C GLY D 516 26.17 -19.85 -28.09
N ASN D 517 25.98 -21.16 -27.92
CA ASN D 517 26.59 -22.16 -28.77
C ASN D 517 25.53 -23.16 -29.23
N LEU D 518 25.76 -23.75 -30.39
CA LEU D 518 24.82 -24.69 -31.00
C LEU D 518 25.53 -26.00 -31.32
N ASP D 519 24.75 -27.07 -31.42
CA ASP D 519 25.26 -28.38 -31.80
C ASP D 519 24.24 -29.01 -32.74
N SER D 520 24.57 -29.04 -34.04
CA SER D 520 23.69 -29.59 -35.05
C SER D 520 24.43 -30.65 -35.84
N TYR D 521 23.77 -31.78 -36.10
CA TYR D 521 24.37 -32.90 -36.81
C TYR D 521 23.37 -33.45 -37.80
N THR D 522 23.89 -34.16 -38.80
CA THR D 522 23.07 -34.79 -39.85
C THR D 522 23.51 -36.23 -39.99
N THR D 523 22.65 -37.16 -39.63
CA THR D 523 22.94 -38.59 -39.76
C THR D 523 22.42 -39.15 -41.09
N ASP D 524 22.78 -38.48 -42.19
CA ASP D 524 22.43 -38.91 -43.55
C ASP D 524 20.93 -39.21 -43.67
N GLY D 525 20.11 -38.40 -43.01
CA GLY D 525 18.68 -38.65 -42.97
C GLY D 525 18.23 -39.68 -41.97
N GLY D 526 19.13 -40.22 -41.15
CA GLY D 526 18.79 -41.23 -40.18
C GLY D 526 19.71 -42.44 -40.20
N ARG D 527 20.78 -42.35 -40.98
CA ARG D 527 21.72 -43.45 -41.14
C ARG D 527 23.02 -43.12 -40.42
N THR D 528 23.47 -44.03 -39.56
CA THR D 528 24.72 -43.82 -38.83
C THR D 528 25.91 -43.80 -39.79
N GLY D 529 26.92 -43.02 -39.43
CA GLY D 529 28.08 -42.85 -40.27
C GLY D 529 28.52 -41.41 -40.41
N PHE D 530 28.47 -40.89 -41.63
CA PHE D 530 28.86 -39.51 -41.91
C PHE D 530 28.01 -38.54 -41.09
N PHE D 531 28.68 -37.71 -40.29
CA PHE D 531 28.04 -36.79 -39.36
C PHE D 531 28.39 -35.36 -39.75
N ASN D 532 27.40 -34.47 -39.65
CA ASN D 532 27.59 -33.04 -39.90
C ASN D 532 27.60 -32.25 -38.60
N SER D 533 28.22 -32.81 -37.56
CA SER D 533 28.28 -32.14 -36.27
C SER D 533 29.06 -30.84 -36.40
N CYS D 534 28.35 -29.72 -36.25
CA CYS D 534 28.95 -28.39 -36.39
C CYS D 534 28.87 -27.66 -35.06
N ARG D 535 29.98 -27.05 -34.66
CA ARG D 535 30.04 -26.27 -33.41
C ARG D 535 29.66 -24.82 -33.72
N ILE D 536 28.38 -24.64 -34.05
CA ILE D 536 27.87 -23.33 -34.40
C ILE D 536 27.86 -22.44 -33.16
N GLY D 537 28.40 -21.23 -33.30
CA GLY D 537 28.47 -20.30 -32.20
C GLY D 537 27.84 -18.97 -32.55
N PRO D 538 28.26 -17.91 -31.86
CA PRO D 538 27.69 -16.58 -32.12
C PRO D 538 28.00 -16.09 -33.52
N GLY D 539 27.08 -15.30 -34.07
CA GLY D 539 27.27 -14.72 -35.38
C GLY D 539 27.15 -15.69 -36.53
N ASP D 540 26.45 -16.81 -36.34
CA ASP D 540 26.30 -17.82 -37.38
C ASP D 540 24.89 -17.79 -37.95
N PHE D 541 24.72 -18.45 -39.10
CA PHE D 541 23.46 -18.47 -39.82
C PHE D 541 22.91 -19.89 -39.82
N CYS D 542 21.61 -20.02 -39.57
CA CYS D 542 20.92 -21.30 -39.57
C CYS D 542 19.60 -21.16 -40.32
N GLY D 543 18.89 -22.28 -40.46
CA GLY D 543 17.61 -22.29 -41.15
C GLY D 543 17.72 -21.97 -42.63
N GLU D 544 18.67 -22.60 -43.32
CA GLU D 544 18.87 -22.34 -44.74
C GLU D 544 17.71 -22.84 -45.60
N GLU D 545 16.92 -23.79 -45.10
CA GLU D 545 15.79 -24.30 -45.88
C GLU D 545 14.77 -23.20 -46.15
N LEU D 546 14.50 -22.37 -45.15
CA LEU D 546 13.62 -21.22 -45.37
C LEU D 546 14.22 -20.25 -46.38
N LEU D 547 15.55 -20.10 -46.40
CA LEU D 547 16.19 -19.26 -47.38
C LEU D 547 16.00 -19.81 -48.79
N THR D 548 16.12 -21.13 -48.96
CA THR D 548 15.85 -21.74 -50.26
C THR D 548 14.39 -21.56 -50.66
N TRP D 549 13.47 -21.69 -49.70
CA TRP D 549 12.06 -21.49 -50.00
C TRP D 549 11.79 -20.05 -50.45
N ALA D 550 12.39 -19.08 -49.77
CA ALA D 550 12.17 -17.68 -50.15
C ALA D 550 12.86 -17.34 -51.47
N LEU D 551 13.97 -18.01 -51.79
CA LEU D 551 14.70 -17.72 -53.01
C LEU D 551 13.96 -18.17 -54.26
N ASP D 552 12.94 -19.01 -54.12
CA ASP D 552 12.20 -19.50 -55.28
C ASP D 552 11.35 -18.39 -55.87
N PRO D 553 11.51 -18.05 -57.15
CA PRO D 553 10.68 -16.98 -57.74
C PRO D 553 9.19 -17.31 -57.72
N ARG D 554 8.83 -18.57 -57.85
CA ARG D 554 7.42 -18.94 -57.84
C ARG D 554 6.85 -18.82 -56.43
N PRO D 555 5.80 -18.03 -56.22
CA PRO D 555 5.22 -17.91 -54.87
C PRO D 555 4.47 -19.17 -54.46
N THR D 556 5.20 -20.25 -54.21
CA THR D 556 4.59 -21.51 -53.78
C THR D 556 4.29 -21.46 -52.29
N MET D 557 3.36 -22.32 -51.87
CA MET D 557 2.91 -22.36 -50.48
C MET D 557 3.38 -23.61 -49.75
N VAL D 558 4.37 -24.31 -50.27
CA VAL D 558 4.91 -25.51 -49.63
C VAL D 558 6.09 -25.12 -48.75
N ILE D 559 6.00 -25.42 -47.47
CA ILE D 559 7.04 -25.08 -46.51
C ILE D 559 8.16 -26.12 -46.58
N PRO D 560 9.42 -25.72 -46.42
CA PRO D 560 10.52 -26.68 -46.49
C PRO D 560 10.70 -27.43 -45.18
N SER D 561 11.16 -28.68 -45.30
CA SER D 561 11.46 -29.50 -44.13
C SER D 561 12.95 -29.42 -43.80
N SER D 562 13.25 -29.40 -42.52
CA SER D 562 14.63 -29.23 -42.07
C SER D 562 15.44 -30.50 -42.30
N THR D 563 16.63 -30.33 -42.88
CA THR D 563 17.62 -31.39 -42.96
C THR D 563 18.67 -31.29 -41.86
N ARG D 564 18.49 -30.37 -40.92
CA ARG D 564 19.44 -30.13 -39.85
C ARG D 564 18.79 -30.48 -38.52
N THR D 565 19.61 -30.93 -37.57
CA THR D 565 19.14 -31.23 -36.22
C THR D 565 19.60 -30.08 -35.33
N VAL D 566 18.85 -28.99 -35.34
CA VAL D 566 19.22 -27.79 -34.59
C VAL D 566 18.95 -28.04 -33.12
N LYS D 567 20.01 -28.05 -32.32
CA LYS D 567 19.90 -28.26 -30.88
C LYS D 567 20.89 -27.35 -30.18
N ALA D 568 20.44 -26.71 -29.09
CA ALA D 568 21.26 -25.78 -28.34
C ALA D 568 21.96 -26.53 -27.21
N ILE D 569 23.29 -26.58 -27.25
CA ILE D 569 24.05 -27.25 -26.20
C ILE D 569 23.97 -26.45 -24.90
N SER D 570 23.97 -25.12 -25.00
CA SER D 570 23.91 -24.26 -23.82
C SER D 570 22.87 -23.17 -23.99
N GLU D 571 22.85 -22.20 -23.09
CA GLU D 571 21.93 -21.07 -23.22
C GLU D 571 22.21 -20.31 -24.51
N VAL D 572 21.17 -20.03 -25.26
CA VAL D 572 21.30 -19.41 -26.58
C VAL D 572 20.28 -18.28 -26.71
N GLU D 573 20.70 -17.19 -27.34
CA GLU D 573 19.84 -16.07 -27.67
C GLU D 573 19.91 -15.83 -29.17
N ALA D 574 18.75 -15.78 -29.83
CA ALA D 574 18.69 -15.65 -31.27
C ALA D 574 17.56 -14.71 -31.66
N PHE D 575 17.64 -14.21 -32.89
CA PHE D 575 16.66 -13.27 -33.43
C PHE D 575 15.80 -14.03 -34.44
N ALA D 576 14.53 -14.26 -34.09
CA ALA D 576 13.63 -15.02 -34.94
C ALA D 576 12.97 -14.12 -35.98
N LEU D 577 12.76 -14.68 -37.18
CA LEU D 577 12.06 -14.00 -38.26
C LEU D 577 11.08 -14.99 -38.88
N ILE D 578 9.78 -14.72 -38.72
CA ILE D 578 8.77 -15.68 -39.10
C ILE D 578 8.71 -15.82 -40.63
N ALA D 579 8.31 -17.01 -41.10
CA ALA D 579 8.45 -17.36 -42.51
C ALA D 579 7.63 -16.47 -43.42
N GLU D 580 6.34 -16.31 -43.12
CA GLU D 580 5.48 -15.53 -44.02
C GLU D 580 5.92 -14.06 -44.05
N ASP D 581 6.48 -13.56 -42.96
CA ASP D 581 7.08 -12.23 -42.99
C ASP D 581 8.24 -12.18 -43.97
N LEU D 582 9.07 -13.21 -43.97
CA LEU D 582 10.17 -13.28 -44.94
C LEU D 582 9.64 -13.29 -46.36
N LYS D 583 8.58 -14.07 -46.61
CA LYS D 583 8.00 -14.11 -47.95
C LYS D 583 7.45 -12.75 -48.36
N PHE D 584 6.76 -12.08 -47.44
CA PHE D 584 6.19 -10.77 -47.74
C PHE D 584 7.28 -9.75 -48.05
N VAL D 585 8.36 -9.77 -47.27
CA VAL D 585 9.44 -8.80 -47.50
C VAL D 585 10.19 -9.11 -48.79
N ALA D 586 10.46 -10.39 -49.06
CA ALA D 586 11.22 -10.76 -50.26
C ALA D 586 10.40 -10.57 -51.52
N SER D 587 9.07 -10.66 -51.43
CA SER D 587 8.23 -10.46 -52.61
C SER D 587 8.32 -9.04 -53.15
N GLN D 588 8.74 -8.08 -52.34
CA GLN D 588 8.88 -6.69 -52.77
C GLN D 588 10.06 -6.53 -53.72
#